data_5Y0T
#
_entry.id   5Y0T
#
_cell.length_a   80.618
_cell.length_b   97.813
_cell.length_c   144.605
_cell.angle_alpha   90.000
_cell.angle_beta   99.280
_cell.angle_gamma   90.000
#
_symmetry.space_group_name_H-M   'P 1 21 1'
#
loop_
_entity.id
_entity.type
_entity.pdbx_description
1 polymer 'Thermotoga maritima TmcAL'
2 non-polymer "ADENOSINE-5'-RP-ALPHA-THIO-TRIPHOSPHATE"
3 non-polymer 1,2-ETHANEDIOL
4 non-polymer 'PENTAETHYLENE GLYCOL'
5 water water
#
_entity_poly.entity_id   1
_entity_poly.type   'polypeptide(L)'
_entity_poly.pdbx_seq_one_letter_code
;MKVLGVVVEYNPFHNGHLYHLTSARELVKPDYTIAVMSGNF(CSD)QRGEPAVIDKFARAEIALRMGVDVVLELPVVFAT
QDAGGFAFGAVCVLDATGVVTDVVFGSESNDIEFLQRVARILYEQPDEYQKFLHEELKKGYSFPNARKYALMRYFSMKGW
NEEEVLKLEKSNDILGVEYIHSALKIGSNIRFHTIKRVGAEEKDTSFRGRFSSATAIRNLMREKRWEEVRDSLPEDSFEI
LMREINEGRGPVFLENMGDFLLSFFRLKNMDFFEKIHGFSEGLEKRFHVCARQTGSYRDFLECVKAKRFTFSRIRRLALF
SVFEVNKEFVEKSNTKGPQYIRILGFTEKGREILSLMRKKAKLPIVTNMSLYRKVLEKTDLPVDKQLFLEQIDLDVKATN
FYSMFFPSVEQR(CME)GERDFSIHPIFLRTEM
;
_entity_poly.pdbx_strand_id   A,B,C,D
#
loop_
_chem_comp.id
_chem_comp.type
_chem_comp.name
_chem_comp.formula
1PE non-polymer 'PENTAETHYLENE GLYCOL' 'C10 H22 O6'
EDO non-polymer 1,2-ETHANEDIOL 'C2 H6 O2'
TAT non-polymer ADENOSINE-5'-RP-ALPHA-THIO-TRIPHOSPHATE 'C10 H16 N5 O12 P3 S'
#
# COMPACT_ATOMS: atom_id res chain seq x y z
N MET A 1 30.53 -3.91 -24.48
CA MET A 1 29.48 -3.13 -25.11
C MET A 1 29.33 -1.75 -24.49
N LYS A 2 28.64 -0.86 -25.19
CA LYS A 2 28.49 0.52 -24.73
C LYS A 2 27.11 0.84 -24.16
N VAL A 3 27.11 1.55 -23.03
CA VAL A 3 25.88 2.02 -22.41
C VAL A 3 25.96 3.50 -22.11
N LEU A 4 25.04 4.25 -22.71
CA LEU A 4 24.98 5.69 -22.53
C LEU A 4 24.23 6.06 -21.25
N GLY A 5 24.86 6.81 -20.36
CA GLY A 5 24.15 7.45 -19.25
C GLY A 5 23.91 8.92 -19.54
N VAL A 6 22.78 9.45 -19.07
CA VAL A 6 22.48 10.87 -19.16
C VAL A 6 21.89 11.34 -17.84
N VAL A 7 22.25 12.56 -17.44
CA VAL A 7 21.78 13.19 -16.21
C VAL A 7 20.74 14.22 -16.60
N VAL A 8 19.52 14.11 -16.09
CA VAL A 8 18.42 14.89 -16.62
C VAL A 8 17.42 15.30 -15.56
N GLU A 9 16.60 16.28 -15.89
CA GLU A 9 15.53 16.76 -15.03
C GLU A 9 14.22 16.69 -15.83
N TYR A 10 14.25 17.19 -17.06
CA TYR A 10 13.10 17.08 -17.97
C TYR A 10 11.87 17.77 -17.37
N ASN A 11 11.97 19.07 -17.13
CA ASN A 11 10.96 19.82 -16.39
C ASN A 11 10.39 21.01 -17.16
N PRO A 12 9.66 20.74 -18.26
CA PRO A 12 9.29 19.46 -18.88
C PRO A 12 10.27 18.96 -19.96
N PHE A 13 10.02 17.77 -20.52
CA PHE A 13 10.86 17.26 -21.61
C PHE A 13 10.52 18.07 -22.82
N HIS A 14 11.50 18.78 -23.38
CA HIS A 14 11.20 19.67 -24.50
C HIS A 14 12.05 19.34 -25.72
N ASN A 15 11.94 20.17 -26.74
CA ASN A 15 12.67 19.89 -27.98
C ASN A 15 14.18 19.90 -27.81
N GLY A 16 14.68 20.76 -26.93
CA GLY A 16 16.10 20.80 -26.64
C GLY A 16 16.57 19.49 -26.03
N HIS A 17 15.72 18.93 -25.17
CA HIS A 17 16.04 17.65 -24.56
C HIS A 17 16.05 16.53 -25.59
N LEU A 18 15.14 16.58 -26.55
CA LEU A 18 15.10 15.57 -27.60
C LEU A 18 16.39 15.68 -28.43
N TYR A 19 16.79 16.91 -28.68
CA TYR A 19 18.00 17.22 -29.44
C TYR A 19 19.24 16.62 -28.78
N HIS A 20 19.39 16.85 -27.47
CA HIS A 20 20.47 16.27 -26.69
C HIS A 20 20.47 14.75 -26.73
N LEU A 21 19.31 14.17 -26.48
CA LEU A 21 19.21 12.73 -26.32
C LEU A 21 19.53 12.04 -27.64
N THR A 22 18.99 12.58 -28.72
CA THR A 22 19.23 12.03 -30.04
C THR A 22 20.70 12.20 -30.43
N SER A 23 21.26 13.38 -30.15
CA SER A 23 22.68 13.63 -30.46
C SER A 23 23.60 12.66 -29.71
N ALA A 24 23.29 12.49 -28.43
CA ALA A 24 24.08 11.64 -27.58
C ALA A 24 24.09 10.21 -28.08
N ARG A 25 22.91 9.71 -28.45
CA ARG A 25 22.80 8.32 -28.90
C ARG A 25 23.50 8.11 -30.23
N GLU A 26 23.38 9.08 -31.13
CA GLU A 26 24.00 8.97 -32.45
C GLU A 26 25.52 9.11 -32.37
N LEU A 27 26.00 9.94 -31.44
CA LEU A 27 27.44 10.08 -31.21
C LEU A 27 28.06 8.79 -30.67
N VAL A 28 27.51 8.31 -29.56
CA VAL A 28 28.08 7.19 -28.82
C VAL A 28 27.69 5.82 -29.40
N LYS A 29 26.54 5.77 -30.08
CA LYS A 29 25.99 4.49 -30.59
C LYS A 29 25.95 3.42 -29.51
N PRO A 30 25.25 3.73 -28.41
CA PRO A 30 25.19 2.77 -27.30
C PRO A 30 24.22 1.63 -27.60
N ASP A 31 24.41 0.51 -26.91
CA ASP A 31 23.49 -0.61 -26.97
C ASP A 31 22.23 -0.29 -26.15
N TYR A 32 22.41 0.49 -25.07
CA TYR A 32 21.31 0.92 -24.20
C TYR A 32 21.56 2.32 -23.70
N THR A 33 20.49 3.00 -23.31
CA THR A 33 20.56 4.34 -22.73
C THR A 33 19.84 4.36 -21.38
N ILE A 34 20.54 4.84 -20.36
CA ILE A 34 20.04 4.92 -19.02
C ILE A 34 20.02 6.38 -18.57
N ALA A 35 18.90 6.84 -18.03
CA ALA A 35 18.84 8.21 -17.51
C ALA A 35 18.73 8.20 -16.00
N VAL A 36 19.45 9.10 -15.33
CA VAL A 36 19.22 9.37 -13.92
C VAL A 36 18.57 10.74 -13.87
N MET A 37 17.37 10.79 -13.29
CA MET A 37 16.47 11.91 -13.40
C MET A 37 16.04 12.41 -12.02
N SER A 38 16.08 13.72 -11.82
CA SER A 38 15.49 14.31 -10.64
C SER A 38 14.03 13.91 -10.54
N GLY A 39 13.57 13.79 -9.30
CA GLY A 39 12.25 13.33 -8.93
C GLY A 39 11.24 14.44 -9.08
N ASN A 40 10.49 14.68 -8.01
CA ASN A 40 9.47 15.72 -8.01
C ASN A 40 9.95 17.14 -7.69
N PHE A 41 11.23 17.29 -7.33
CA PHE A 41 11.81 18.62 -7.13
C PHE A 41 13.13 18.71 -7.89
N CSD A 42 13.36 19.84 -8.53
CA CSD A 42 14.57 20.00 -9.33
CB CSD A 42 14.31 20.52 -10.74
SG CSD A 42 13.35 22.01 -10.80
C CSD A 42 15.62 20.85 -8.63
O CSD A 42 15.45 21.44 -7.57
OD1 CSD A 42 13.49 22.52 -12.17
OD2 CSD A 42 14.29 23.15 -9.99
N GLN A 43 16.75 20.94 -9.33
CA GLN A 43 17.98 21.55 -8.84
C GLN A 43 17.87 23.05 -8.57
N ARG A 44 16.90 23.71 -9.20
CA ARG A 44 16.66 25.14 -8.98
C ARG A 44 15.81 25.44 -7.74
N GLY A 45 15.38 24.39 -7.03
CA GLY A 45 14.52 24.56 -5.87
C GLY A 45 13.05 24.73 -6.21
N GLU A 46 12.62 24.20 -7.34
CA GLU A 46 11.21 24.27 -7.75
C GLU A 46 10.65 22.86 -7.82
N PRO A 47 9.32 22.72 -7.72
CA PRO A 47 8.72 21.41 -8.01
C PRO A 47 8.78 21.14 -9.50
N ALA A 48 8.80 19.87 -9.88
CA ALA A 48 8.63 19.50 -11.27
C ALA A 48 7.22 19.87 -11.65
N VAL A 49 7.03 20.30 -12.89
CA VAL A 49 5.71 20.81 -13.24
C VAL A 49 4.68 19.67 -13.35
N ILE A 50 5.17 18.46 -13.68
CA ILE A 50 4.38 17.22 -13.52
C ILE A 50 5.29 16.20 -12.83
N ASP A 51 4.75 15.11 -12.29
CA ASP A 51 5.57 14.33 -11.37
C ASP A 51 6.52 13.37 -12.07
N LYS A 52 7.33 12.68 -11.28
CA LYS A 52 8.43 11.90 -11.84
C LYS A 52 7.93 10.67 -12.58
N PHE A 53 6.76 10.17 -12.21
CA PHE A 53 6.20 8.99 -12.89
C PHE A 53 5.77 9.36 -14.32
N ALA A 54 5.16 10.52 -14.46
CA ALA A 54 4.81 11.04 -15.77
C ALA A 54 6.07 11.36 -16.59
N ARG A 55 7.04 12.02 -15.97
CA ARG A 55 8.22 12.42 -16.72
C ARG A 55 9.11 11.20 -17.06
N ALA A 56 9.11 10.19 -16.18
CA ALA A 56 9.79 8.92 -16.52
C ALA A 56 9.20 8.27 -17.76
N GLU A 57 7.88 8.27 -17.86
CA GLU A 57 7.25 7.67 -19.03
C GLU A 57 7.61 8.42 -20.31
N ILE A 58 7.61 9.75 -20.25
CA ILE A 58 8.07 10.54 -21.41
C ILE A 58 9.49 10.18 -21.81
N ALA A 59 10.37 10.03 -20.83
CA ALA A 59 11.78 9.72 -21.14
C ALA A 59 11.87 8.39 -21.89
N LEU A 60 11.12 7.40 -21.40
CA LEU A 60 11.04 6.11 -22.08
C LEU A 60 10.54 6.26 -23.52
N ARG A 61 9.48 7.04 -23.70
CA ARG A 61 8.93 7.23 -25.05
C ARG A 61 9.92 7.92 -25.97
N MET A 62 10.83 8.70 -25.40
CA MET A 62 11.73 9.50 -26.20
C MET A 62 13.03 8.78 -26.54
N GLY A 63 13.15 7.52 -26.10
CA GLY A 63 14.35 6.74 -26.38
C GLY A 63 15.24 6.32 -25.21
N VAL A 64 14.85 6.65 -23.99
CA VAL A 64 15.56 6.08 -22.81
C VAL A 64 15.07 4.62 -22.52
N ASP A 65 15.99 3.71 -22.21
CA ASP A 65 15.60 2.31 -21.91
C ASP A 65 15.23 2.11 -20.45
N VAL A 66 15.98 2.77 -19.57
CA VAL A 66 15.78 2.68 -18.12
C VAL A 66 15.90 4.07 -17.46
N VAL A 67 14.95 4.41 -16.60
CA VAL A 67 15.00 5.68 -15.88
C VAL A 67 15.21 5.40 -14.39
N LEU A 68 16.20 6.06 -13.82
CA LEU A 68 16.54 5.97 -12.39
C LEU A 68 16.20 7.28 -11.72
N GLU A 69 15.80 7.25 -10.45
CA GLU A 69 15.65 8.50 -9.72
C GLU A 69 16.97 8.96 -9.10
N LEU A 70 17.32 10.21 -9.33
CA LEU A 70 18.41 10.86 -8.60
C LEU A 70 17.84 11.22 -7.23
N PRO A 71 18.36 10.63 -6.14
CA PRO A 71 17.71 10.88 -4.84
C PRO A 71 17.61 12.36 -4.50
N VAL A 72 16.53 12.74 -3.83
CA VAL A 72 16.24 14.13 -3.48
C VAL A 72 17.43 14.86 -2.85
N VAL A 73 18.18 14.17 -2.00
CA VAL A 73 19.27 14.82 -1.30
C VAL A 73 20.33 15.35 -2.29
N PHE A 74 20.50 14.69 -3.44
CA PHE A 74 21.34 15.21 -4.54
C PHE A 74 20.61 16.09 -5.53
N ALA A 75 19.39 15.70 -5.90
CA ALA A 75 18.63 16.39 -6.94
C ALA A 75 18.39 17.87 -6.62
N THR A 76 18.28 18.19 -5.33
CA THR A 76 18.05 19.56 -4.91
C THR A 76 19.29 20.30 -4.42
N GLN A 77 20.48 19.74 -4.57
CA GLN A 77 21.69 20.47 -4.17
C GLN A 77 22.20 21.38 -5.26
N ASP A 78 23.22 22.17 -4.94
CA ASP A 78 23.90 22.97 -5.94
C ASP A 78 24.66 22.02 -6.84
N ALA A 79 25.32 22.55 -7.86
CA ALA A 79 25.86 21.72 -8.93
C ALA A 79 26.83 20.64 -8.43
N GLY A 80 27.69 20.97 -7.47
CA GLY A 80 28.65 20.01 -6.93
C GLY A 80 27.99 18.76 -6.37
N GLY A 81 27.01 18.95 -5.49
CA GLY A 81 26.32 17.82 -4.90
C GLY A 81 25.44 17.08 -5.88
N PHE A 82 24.78 17.83 -6.74
CA PHE A 82 23.91 17.26 -7.79
C PHE A 82 24.73 16.33 -8.69
N ALA A 83 25.85 16.84 -9.15
CA ALA A 83 26.72 16.09 -10.05
C ALA A 83 27.25 14.85 -9.35
N PHE A 84 27.61 15.00 -8.08
CA PHE A 84 28.23 13.90 -7.37
C PHE A 84 27.25 12.74 -7.23
N GLY A 85 26.01 13.06 -6.83
CA GLY A 85 24.97 12.06 -6.73
C GLY A 85 24.69 11.40 -8.07
N ALA A 86 24.59 12.19 -9.12
CA ALA A 86 24.24 11.66 -10.42
C ALA A 86 25.29 10.71 -10.99
N VAL A 87 26.56 11.09 -10.88
CA VAL A 87 27.64 10.23 -11.36
C VAL A 87 27.74 8.97 -10.47
N CYS A 88 27.51 9.10 -9.17
CA CYS A 88 27.54 7.90 -8.31
C CYS A 88 26.47 6.87 -8.73
N VAL A 89 25.27 7.35 -9.05
CA VAL A 89 24.19 6.46 -9.46
C VAL A 89 24.55 5.79 -10.80
N LEU A 90 24.95 6.59 -11.78
CA LEU A 90 25.34 6.01 -13.07
C LEU A 90 26.48 5.01 -12.92
N ASP A 91 27.54 5.41 -12.22
CA ASP A 91 28.65 4.51 -12.01
C ASP A 91 28.23 3.22 -11.26
N ALA A 92 27.27 3.35 -10.35
CA ALA A 92 26.87 2.22 -9.51
C ALA A 92 26.08 1.17 -10.29
N THR A 93 25.53 1.55 -11.43
CA THR A 93 24.78 0.59 -12.26
C THR A 93 25.68 -0.55 -12.68
N GLY A 94 26.99 -0.26 -12.77
CA GLY A 94 27.98 -1.24 -13.17
C GLY A 94 28.06 -1.43 -14.68
N VAL A 95 27.17 -0.77 -15.43
CA VAL A 95 27.14 -0.92 -16.88
C VAL A 95 27.39 0.33 -17.76
N VAL A 96 27.34 1.51 -17.17
CA VAL A 96 27.40 2.73 -17.96
C VAL A 96 28.83 2.98 -18.39
N THR A 97 29.06 3.12 -19.71
CA THR A 97 30.41 3.37 -20.21
C THR A 97 30.70 4.80 -20.70
N ASP A 98 29.64 5.54 -21.00
CA ASP A 98 29.71 6.84 -21.63
C ASP A 98 28.63 7.75 -21.09
N VAL A 99 29.00 8.98 -20.79
CA VAL A 99 28.02 10.00 -20.41
C VAL A 99 28.18 11.22 -21.31
N VAL A 100 27.05 11.72 -21.81
CA VAL A 100 27.02 12.87 -22.68
C VAL A 100 26.18 14.00 -22.06
N PHE A 101 26.76 15.19 -21.93
CA PHE A 101 25.98 16.31 -21.41
C PHE A 101 26.03 17.49 -22.37
N GLY A 102 24.95 18.29 -22.38
CA GLY A 102 24.91 19.49 -23.19
C GLY A 102 25.86 20.53 -22.63
N SER A 103 26.49 21.29 -23.52
CA SER A 103 27.56 22.21 -23.16
C SER A 103 27.48 23.51 -23.96
N GLU A 104 27.73 24.64 -23.32
CA GLU A 104 27.74 25.90 -24.06
C GLU A 104 28.94 26.00 -24.99
N SER A 105 30.09 25.57 -24.50
CA SER A 105 31.33 25.64 -25.29
C SER A 105 31.51 24.45 -26.22
N ASN A 106 30.95 23.30 -25.83
CA ASN A 106 31.19 22.02 -26.51
C ASN A 106 32.69 21.71 -26.57
N ASP A 107 33.40 22.07 -25.50
CA ASP A 107 34.83 21.84 -25.44
C ASP A 107 35.16 20.86 -24.31
N ILE A 108 35.26 19.57 -24.63
CA ILE A 108 35.37 18.56 -23.58
C ILE A 108 36.78 18.57 -22.99
N GLU A 109 37.76 18.88 -23.83
CA GLU A 109 39.15 18.91 -23.40
C GLU A 109 39.38 19.99 -22.36
N PHE A 110 38.78 21.16 -22.57
CA PHE A 110 38.87 22.24 -21.59
C PHE A 110 38.25 21.81 -20.25
N LEU A 111 37.09 21.19 -20.31
CA LEU A 111 36.38 20.81 -19.07
C LEU A 111 37.15 19.74 -18.30
N GLN A 112 37.75 18.81 -19.04
CA GLN A 112 38.55 17.76 -18.41
C GLN A 112 39.81 18.32 -17.75
N ARG A 113 40.45 19.29 -18.40
CA ARG A 113 41.62 19.94 -17.81
C ARG A 113 41.26 20.60 -16.49
N VAL A 114 40.12 21.30 -16.48
CA VAL A 114 39.71 21.98 -15.25
C VAL A 114 39.35 20.96 -14.18
N ALA A 115 38.61 19.91 -14.56
CA ALA A 115 38.24 18.91 -13.56
C ALA A 115 39.47 18.26 -12.93
N ARG A 116 40.51 18.05 -13.73
CA ARG A 116 41.75 17.44 -13.24
C ARG A 116 42.45 18.32 -12.17
N ILE A 117 42.51 19.63 -12.42
CA ILE A 117 43.08 20.55 -11.45
C ILE A 117 42.30 20.52 -10.15
N LEU A 118 40.97 20.58 -10.24
CA LEU A 118 40.14 20.54 -9.04
C LEU A 118 40.24 19.21 -8.30
N TYR A 119 40.49 18.16 -9.05
CA TYR A 119 40.67 16.83 -8.46
C TYR A 119 42.02 16.72 -7.76
N GLU A 120 43.09 17.12 -8.44
CA GLU A 120 44.42 16.97 -7.87
C GLU A 120 44.75 18.03 -6.82
N GLN A 121 44.08 19.16 -6.90
CA GLN A 121 44.27 20.24 -5.93
C GLN A 121 45.75 20.65 -5.77
N PRO A 122 46.41 21.05 -6.87
CA PRO A 122 47.80 21.50 -6.71
C PRO A 122 47.91 22.69 -5.74
N ASP A 123 49.00 22.76 -4.98
CA ASP A 123 49.07 23.72 -3.88
C ASP A 123 48.97 25.17 -4.36
N GLU A 124 49.57 25.48 -5.51
CA GLU A 124 49.44 26.83 -6.08
C GLU A 124 47.97 27.20 -6.32
N TYR A 125 47.17 26.25 -6.81
CA TYR A 125 45.73 26.49 -6.95
C TYR A 125 45.07 26.73 -5.60
N GLN A 126 45.38 25.86 -4.63
CA GLN A 126 44.82 25.99 -3.29
C GLN A 126 45.19 27.34 -2.66
N LYS A 127 46.44 27.75 -2.84
CA LYS A 127 46.90 29.05 -2.33
C LYS A 127 46.06 30.18 -2.91
N PHE A 128 45.89 30.18 -4.23
CA PHE A 128 45.07 31.19 -4.90
C PHE A 128 43.63 31.15 -4.39
N LEU A 129 43.09 29.94 -4.27
CA LEU A 129 41.71 29.75 -3.83
C LEU A 129 41.51 30.34 -2.45
N HIS A 130 42.42 30.04 -1.54
CA HIS A 130 42.32 30.51 -0.17
C HIS A 130 42.35 32.04 -0.11
N GLU A 131 43.27 32.64 -0.86
CA GLU A 131 43.36 34.10 -0.91
C GLU A 131 42.06 34.73 -1.37
N GLU A 132 41.47 34.18 -2.43
CA GLU A 132 40.23 34.72 -2.98
C GLU A 132 39.07 34.57 -2.00
N LEU A 133 39.00 33.43 -1.33
CA LEU A 133 37.99 33.23 -0.28
C LEU A 133 38.19 34.24 0.85
N LYS A 134 39.43 34.39 1.30
CA LYS A 134 39.77 35.40 2.31
C LYS A 134 39.33 36.80 1.91
N LYS A 135 39.47 37.12 0.63
CA LYS A 135 39.05 38.42 0.10
C LYS A 135 37.53 38.62 0.16
N GLY A 136 36.81 37.55 0.47
CA GLY A 136 35.37 37.63 0.64
C GLY A 136 34.52 37.21 -0.53
N TYR A 137 35.15 36.72 -1.60
CA TYR A 137 34.39 36.25 -2.75
C TYR A 137 33.68 34.95 -2.41
N SER A 138 32.53 34.71 -3.04
CA SER A 138 31.81 33.45 -2.92
C SER A 138 32.62 32.32 -3.55
N PHE A 139 32.38 31.08 -3.12
CA PHE A 139 33.16 29.95 -3.63
C PHE A 139 33.18 29.85 -5.17
N PRO A 140 32.01 29.96 -5.82
CA PRO A 140 32.09 29.87 -7.29
C PRO A 140 32.97 30.98 -7.92
N ASN A 141 32.93 32.20 -7.36
CA ASN A 141 33.76 33.27 -7.90
C ASN A 141 35.22 33.05 -7.57
N ALA A 142 35.50 32.72 -6.31
CA ALA A 142 36.85 32.47 -5.82
C ALA A 142 37.55 31.37 -6.61
N ARG A 143 36.85 30.27 -6.82
CA ARG A 143 37.36 29.17 -7.63
C ARG A 143 37.67 29.64 -9.05
N LYS A 144 36.79 30.47 -9.61
CA LYS A 144 36.98 31.01 -10.95
C LYS A 144 38.26 31.84 -11.03
N TYR A 145 38.40 32.79 -10.11
CA TYR A 145 39.56 33.67 -10.08
C TYR A 145 40.83 32.87 -9.81
N ALA A 146 40.73 31.87 -8.94
CA ALA A 146 41.88 31.05 -8.60
C ALA A 146 42.35 30.24 -9.81
N LEU A 147 41.39 29.71 -10.57
CA LEU A 147 41.71 28.96 -11.78
C LEU A 147 42.35 29.87 -12.82
N MET A 148 41.81 31.08 -12.95
CA MET A 148 42.39 32.06 -13.87
C MET A 148 43.83 32.37 -13.52
N ARG A 149 44.09 32.56 -12.23
CA ARG A 149 45.42 32.92 -11.78
C ARG A 149 46.34 31.73 -11.99
N TYR A 150 45.80 30.53 -11.80
CA TYR A 150 46.52 29.29 -12.07
C TYR A 150 46.85 29.17 -13.54
N PHE A 151 45.86 29.40 -14.41
CA PHE A 151 46.09 29.38 -15.84
C PHE A 151 47.20 30.33 -16.27
N SER A 152 47.18 31.54 -15.71
CA SER A 152 48.18 32.56 -16.01
C SER A 152 49.58 32.12 -15.60
N MET A 153 49.69 31.57 -14.41
CA MET A 153 50.98 31.09 -13.90
C MET A 153 51.56 30.02 -14.82
N LYS A 154 50.68 29.25 -15.45
CA LYS A 154 51.07 28.15 -16.34
C LYS A 154 51.39 28.60 -17.76
N GLY A 155 51.18 29.89 -18.04
CA GLY A 155 51.34 30.39 -19.39
C GLY A 155 50.20 29.98 -20.30
N TRP A 156 49.05 29.68 -19.71
CA TRP A 156 47.85 29.41 -20.50
C TRP A 156 47.04 30.69 -20.66
N ASN A 157 45.95 30.62 -21.41
CA ASN A 157 45.09 31.79 -21.56
C ASN A 157 43.97 31.74 -20.54
N GLU A 158 44.03 32.65 -19.57
CA GLU A 158 43.09 32.68 -18.45
C GLU A 158 41.67 33.02 -18.89
N GLU A 159 41.54 33.70 -20.02
CA GLU A 159 40.22 34.06 -20.51
C GLU A 159 39.38 32.83 -20.83
N GLU A 160 40.04 31.71 -21.09
CA GLU A 160 39.35 30.47 -21.38
C GLU A 160 38.52 30.01 -20.18
N VAL A 161 38.99 30.35 -18.98
CA VAL A 161 38.29 29.99 -17.75
C VAL A 161 36.91 30.66 -17.66
N LEU A 162 36.75 31.78 -18.38
CA LEU A 162 35.44 32.46 -18.41
C LEU A 162 34.31 31.55 -18.91
N LYS A 163 34.64 30.45 -19.58
CA LYS A 163 33.63 29.49 -20.01
C LYS A 163 32.85 28.92 -18.82
N LEU A 164 33.46 28.99 -17.64
CA LEU A 164 32.87 28.42 -16.44
C LEU A 164 31.86 29.38 -15.82
N GLU A 165 31.56 30.48 -16.49
CA GLU A 165 30.46 31.32 -16.05
C GLU A 165 29.12 30.76 -16.56
N LYS A 166 29.20 29.77 -17.42
CA LYS A 166 28.01 29.19 -18.04
C LYS A 166 27.59 27.95 -17.28
N SER A 167 26.30 27.88 -16.91
CA SER A 167 25.79 26.86 -16.00
C SER A 167 26.11 25.41 -16.40
N ASN A 168 25.88 25.10 -17.67
CA ASN A 168 25.98 23.70 -18.08
C ASN A 168 27.42 23.20 -18.13
N ASP A 169 28.36 24.08 -18.47
CA ASP A 169 29.78 23.71 -18.46
C ASP A 169 30.30 23.56 -17.02
N ILE A 170 29.82 24.40 -16.10
CA ILE A 170 30.12 24.19 -14.68
C ILE A 170 29.70 22.80 -14.21
N LEU A 171 28.45 22.45 -14.49
CA LEU A 171 27.96 21.10 -14.21
C LEU A 171 28.86 20.04 -14.82
N GLY A 172 29.24 20.26 -16.08
CA GLY A 172 30.11 19.34 -16.78
C GLY A 172 31.40 19.05 -16.04
N VAL A 173 32.04 20.12 -15.56
CA VAL A 173 33.27 19.98 -14.80
C VAL A 173 32.99 19.18 -13.54
N GLU A 174 31.87 19.46 -12.90
CA GLU A 174 31.53 18.75 -11.67
C GLU A 174 31.23 17.27 -11.93
N TYR A 175 30.61 16.93 -13.06
CA TYR A 175 30.41 15.48 -13.38
C TYR A 175 31.76 14.77 -13.49
N ILE A 176 32.68 15.40 -14.22
CA ILE A 176 33.96 14.79 -14.48
C ILE A 176 34.77 14.71 -13.20
N HIS A 177 34.75 15.79 -12.43
CA HIS A 177 35.43 15.80 -11.13
C HIS A 177 34.91 14.69 -10.24
N SER A 178 33.58 14.53 -10.18
CA SER A 178 32.96 13.45 -9.41
C SER A 178 33.44 12.06 -9.87
N ALA A 179 33.48 11.85 -11.18
CA ALA A 179 33.95 10.56 -11.69
C ALA A 179 35.39 10.31 -11.27
N LEU A 180 36.22 11.36 -11.31
CA LEU A 180 37.61 11.24 -10.86
C LEU A 180 37.64 10.86 -9.39
N LYS A 181 36.85 11.56 -8.59
CA LYS A 181 36.84 11.28 -7.14
C LYS A 181 36.46 9.84 -6.83
N ILE A 182 35.46 9.30 -7.52
CA ILE A 182 35.05 7.94 -7.19
C ILE A 182 35.77 6.88 -8.01
N GLY A 183 36.72 7.31 -8.85
CA GLY A 183 37.51 6.34 -9.60
C GLY A 183 36.76 5.70 -10.74
N SER A 184 35.79 6.41 -11.31
CA SER A 184 34.98 5.86 -12.39
C SER A 184 35.74 5.85 -13.73
N ASN A 185 35.46 4.85 -14.56
CA ASN A 185 36.07 4.76 -15.89
C ASN A 185 35.17 5.32 -17.00
N ILE A 186 34.06 5.93 -16.60
CA ILE A 186 33.12 6.51 -17.57
C ILE A 186 33.81 7.52 -18.51
N ARG A 187 33.54 7.41 -19.80
CA ARG A 187 33.98 8.40 -20.77
C ARG A 187 32.95 9.52 -20.90
N PHE A 188 33.39 10.77 -20.73
CA PHE A 188 32.48 11.93 -20.81
C PHE A 188 32.57 12.63 -22.17
N HIS A 189 31.45 13.14 -22.64
CA HIS A 189 31.38 13.79 -23.95
C HIS A 189 30.50 15.02 -23.82
N THR A 190 30.79 16.06 -24.59
CA THR A 190 29.90 17.22 -24.70
C THR A 190 29.16 17.16 -26.01
N ILE A 191 27.95 17.71 -26.03
CA ILE A 191 27.36 18.15 -27.29
C ILE A 191 26.99 19.61 -27.14
N LYS A 192 26.96 20.33 -28.26
CA LYS A 192 26.67 21.76 -28.23
C LYS A 192 25.21 22.06 -27.90
N ARG A 193 24.95 22.88 -26.90
CA ARG A 193 23.60 23.39 -26.67
C ARG A 193 23.22 24.41 -27.71
N VAL A 194 21.97 24.32 -28.21
CA VAL A 194 21.47 25.27 -29.19
C VAL A 194 20.19 25.95 -28.72
N GLY A 195 19.85 27.08 -29.32
CA GLY A 195 18.71 27.87 -28.86
C GLY A 195 19.00 28.61 -27.57
N ALA A 196 18.07 28.54 -26.62
CA ALA A 196 18.24 29.19 -25.32
C ALA A 196 19.05 28.31 -24.37
N ARG A 206 12.12 27.52 -31.71
CA ARG A 206 11.83 26.10 -31.55
C ARG A 206 12.37 25.57 -30.23
N PHE A 207 13.50 26.11 -29.80
CA PHE A 207 14.08 25.69 -28.54
C PHE A 207 13.91 26.76 -27.48
N SER A 208 12.96 26.55 -26.60
CA SER A 208 12.75 27.46 -25.50
C SER A 208 13.25 26.70 -24.30
N SER A 209 13.78 27.43 -23.32
CA SER A 209 14.25 26.82 -22.09
C SER A 209 13.09 26.21 -21.31
N ALA A 210 13.39 25.22 -20.48
CA ALA A 210 12.39 24.62 -19.61
C ALA A 210 11.69 25.68 -18.76
N THR A 211 12.43 26.70 -18.32
CA THR A 211 11.82 27.74 -17.47
C THR A 211 10.88 28.62 -18.29
N ALA A 212 11.28 28.97 -19.50
CA ALA A 212 10.38 29.74 -20.36
C ALA A 212 9.08 28.95 -20.61
N ILE A 213 9.21 27.65 -20.83
CA ILE A 213 8.04 26.84 -21.16
C ILE A 213 7.09 26.73 -19.98
N ARG A 214 7.65 26.60 -18.78
CA ARG A 214 6.82 26.60 -17.59
C ARG A 214 6.09 27.94 -17.46
N ASN A 215 6.73 29.03 -17.87
CA ASN A 215 6.06 30.33 -17.81
C ASN A 215 4.96 30.44 -18.86
N LEU A 216 5.18 29.80 -20.01
CA LEU A 216 4.14 29.72 -21.02
C LEU A 216 2.91 28.98 -20.48
N MET A 217 3.14 27.90 -19.74
CA MET A 217 2.02 27.20 -19.09
C MET A 217 1.24 28.12 -18.14
N ARG A 218 1.95 28.83 -17.26
CA ARG A 218 1.33 29.82 -16.37
C ARG A 218 0.42 30.80 -17.10
N GLU A 219 0.87 31.26 -18.26
CA GLU A 219 0.13 32.23 -19.04
C GLU A 219 -0.90 31.55 -19.92
N LYS A 220 -0.99 30.24 -19.79
CA LYS A 220 -1.91 29.43 -20.57
C LYS A 220 -1.73 29.63 -22.07
N ARG A 221 -0.49 29.73 -22.53
CA ARG A 221 -0.29 29.81 -23.96
C ARG A 221 0.07 28.41 -24.42
N TRP A 222 -0.96 27.64 -24.73
CA TRP A 222 -0.82 26.21 -24.84
C TRP A 222 -0.29 25.80 -26.21
N GLU A 223 -0.62 26.61 -27.20
CA GLU A 223 -0.14 26.38 -28.56
C GLU A 223 1.37 26.55 -28.63
N GLU A 224 1.88 27.56 -27.94
CA GLU A 224 3.31 27.80 -27.89
C GLU A 224 4.00 26.71 -27.08
N VAL A 225 3.31 26.21 -26.06
CA VAL A 225 3.82 25.08 -25.29
C VAL A 225 3.94 23.86 -26.20
N ARG A 226 2.88 23.58 -26.96
CA ARG A 226 2.89 22.48 -27.89
C ARG A 226 4.04 22.62 -28.91
N ASP A 227 4.26 23.84 -29.40
CA ASP A 227 5.36 24.09 -30.33
C ASP A 227 6.76 23.83 -29.75
N SER A 228 6.86 23.82 -28.42
CA SER A 228 8.13 23.65 -27.72
C SER A 228 8.46 22.23 -27.30
N LEU A 229 7.49 21.32 -27.42
CA LEU A 229 7.65 19.97 -26.87
C LEU A 229 7.45 18.92 -27.94
N PRO A 230 8.12 17.78 -27.79
CA PRO A 230 7.78 16.63 -28.65
C PRO A 230 6.33 16.21 -28.38
N GLU A 231 5.68 15.61 -29.37
CA GLU A 231 4.27 15.22 -29.26
C GLU A 231 3.98 14.35 -28.05
N ASP A 232 4.79 13.32 -27.81
CA ASP A 232 4.50 12.45 -26.66
C ASP A 232 4.66 13.17 -25.35
N SER A 233 5.55 14.17 -25.31
CA SER A 233 5.76 14.93 -24.08
C SER A 233 4.54 15.80 -23.82
N PHE A 234 4.08 16.49 -24.85
CA PHE A 234 2.88 17.32 -24.74
C PHE A 234 1.66 16.48 -24.37
N GLU A 235 1.55 15.30 -24.97
CA GLU A 235 0.41 14.42 -24.73
C GLU A 235 0.34 14.02 -23.26
N ILE A 236 1.48 13.66 -22.68
CA ILE A 236 1.51 13.26 -21.28
C ILE A 236 1.24 14.46 -20.36
N LEU A 237 1.79 15.61 -20.73
CA LEU A 237 1.55 16.86 -20.00
C LEU A 237 0.05 17.14 -19.94
N MET A 238 -0.63 17.04 -21.08
CA MET A 238 -2.08 17.23 -21.14
C MET A 238 -2.83 16.17 -20.32
N ARG A 239 -2.34 14.94 -20.36
CA ARG A 239 -2.91 13.85 -19.57
C ARG A 239 -2.93 14.19 -18.09
N GLU A 240 -1.80 14.69 -17.59
CA GLU A 240 -1.69 15.00 -16.17
C GLU A 240 -2.58 16.18 -15.82
N ILE A 241 -2.64 17.17 -16.71
CA ILE A 241 -3.48 18.32 -16.47
C ILE A 241 -4.98 17.93 -16.49
N ASN A 242 -5.36 17.10 -17.46
CA ASN A 242 -6.74 16.60 -17.54
C ASN A 242 -7.21 15.84 -16.31
N GLU A 243 -6.29 15.18 -15.62
CA GLU A 243 -6.64 14.42 -14.42
C GLU A 243 -6.39 15.18 -13.12
N GLY A 244 -5.91 16.42 -13.22
CA GLY A 244 -5.72 17.28 -12.07
C GLY A 244 -4.43 17.00 -11.31
N ARG A 245 -3.48 16.37 -11.97
CA ARG A 245 -2.15 16.13 -11.40
C ARG A 245 -1.11 17.13 -11.90
N GLY A 246 -1.57 18.13 -12.65
CA GLY A 246 -0.67 19.22 -13.01
C GLY A 246 -1.44 20.39 -13.58
N PRO A 247 -0.76 21.52 -13.83
CA PRO A 247 0.66 21.73 -13.54
C PRO A 247 0.84 21.99 -12.07
N VAL A 248 2.03 21.74 -11.54
CA VAL A 248 2.35 22.10 -10.17
C VAL A 248 3.43 23.18 -10.22
N PHE A 249 3.16 24.32 -9.56
CA PHE A 249 4.12 25.43 -9.59
C PHE A 249 4.61 25.76 -8.18
N LEU A 250 5.80 26.34 -8.09
CA LEU A 250 6.35 26.71 -6.79
C LEU A 250 5.41 27.62 -6.01
N GLU A 251 4.74 28.52 -6.71
CA GLU A 251 3.89 29.47 -6.02
C GLU A 251 2.70 28.76 -5.35
N ASN A 252 2.32 27.59 -5.86
CA ASN A 252 1.29 26.78 -5.20
C ASN A 252 1.76 26.30 -3.81
N MET A 253 3.06 26.16 -3.65
CA MET A 253 3.63 25.74 -2.36
C MET A 253 4.04 26.92 -1.48
N GLY A 254 3.89 28.13 -2.01
CA GLY A 254 4.45 29.29 -1.35
C GLY A 254 3.90 29.55 0.04
N ASP A 255 2.57 29.51 0.19
CA ASP A 255 2.00 29.80 1.49
C ASP A 255 2.42 28.73 2.51
N PHE A 256 2.56 27.47 2.07
CA PHE A 256 3.04 26.43 2.99
C PHE A 256 4.44 26.77 3.49
N LEU A 257 5.35 27.05 2.55
CA LEU A 257 6.74 27.31 2.89
C LEU A 257 6.86 28.48 3.86
N LEU A 258 6.15 29.56 3.52
CA LEU A 258 6.24 30.76 4.32
C LEU A 258 5.67 30.52 5.72
N SER A 259 4.53 29.83 5.77
CA SER A 259 3.89 29.54 7.06
C SER A 259 4.76 28.60 7.89
N PHE A 260 5.36 27.63 7.24
CA PHE A 260 6.25 26.68 7.91
C PHE A 260 7.45 27.43 8.53
N PHE A 261 8.03 28.39 7.82
CA PHE A 261 9.18 29.13 8.37
C PHE A 261 8.82 29.96 9.58
N ARG A 262 7.55 30.36 9.71
CA ARG A 262 7.12 31.10 10.89
C ARG A 262 7.00 30.21 12.12
N LEU A 263 7.13 28.91 11.92
CA LEU A 263 7.06 27.96 13.01
C LEU A 263 8.44 27.69 13.59
N LYS A 264 9.48 28.18 12.91
CA LYS A 264 10.85 27.80 13.21
C LYS A 264 11.69 28.96 13.69
N ASN A 265 12.61 28.69 14.61
CA ASN A 265 13.53 29.73 15.07
C ASN A 265 14.89 29.56 14.41
N MET A 266 15.83 30.44 14.73
CA MET A 266 17.12 30.45 14.07
C MET A 266 17.90 29.17 14.36
N ASP A 267 17.71 28.64 15.56
CA ASP A 267 18.32 27.37 15.97
C ASP A 267 18.00 26.26 14.98
N PHE A 268 16.77 26.25 14.49
CA PHE A 268 16.37 25.25 13.51
C PHE A 268 17.16 25.42 12.21
N PHE A 269 17.18 26.63 11.65
CA PHE A 269 17.83 26.83 10.35
C PHE A 269 19.34 26.58 10.41
N GLU A 270 19.96 26.85 11.56
CA GLU A 270 21.39 26.59 11.73
C GLU A 270 21.77 25.12 11.51
N LYS A 271 20.82 24.22 11.73
CA LYS A 271 21.08 22.79 11.52
C LYS A 271 20.84 22.34 10.09
N ILE A 272 20.24 23.19 9.27
CA ILE A 272 19.87 22.79 7.92
C ILE A 272 21.05 23.02 6.96
N HIS A 273 21.26 22.06 6.06
CA HIS A 273 22.39 22.13 5.14
C HIS A 273 22.31 23.37 4.27
N GLY A 274 23.44 24.04 4.11
CA GLY A 274 23.53 25.20 3.23
C GLY A 274 23.35 26.54 3.91
N PHE A 275 23.00 26.54 5.19
CA PHE A 275 22.87 27.81 5.90
C PHE A 275 24.22 28.31 6.40
N SER A 276 24.53 29.54 6.00
CA SER A 276 25.72 30.27 6.43
C SER A 276 25.53 31.71 6.01
N GLU A 277 26.56 32.52 6.20
CA GLU A 277 26.57 33.92 5.76
C GLU A 277 25.35 34.71 6.22
N GLY A 278 24.88 34.46 7.44
CA GLY A 278 23.75 35.17 8.00
C GLY A 278 22.38 34.80 7.43
N LEU A 279 22.30 33.69 6.69
CA LEU A 279 21.04 33.30 6.07
C LEU A 279 19.99 32.83 7.07
N GLU A 280 20.42 32.34 8.22
CA GLU A 280 19.48 31.88 9.22
C GLU A 280 18.62 33.06 9.67
N LYS A 281 19.28 34.17 9.97
CA LYS A 281 18.58 35.38 10.42
C LYS A 281 17.70 35.94 9.32
N ARG A 282 18.17 35.88 8.08
CA ARG A 282 17.38 36.39 6.96
C ARG A 282 16.10 35.55 6.75
N PHE A 283 16.23 34.22 6.83
CA PHE A 283 15.04 33.37 6.75
C PHE A 283 14.08 33.69 7.89
N HIS A 284 14.62 33.83 9.10
CA HIS A 284 13.80 34.05 10.28
C HIS A 284 13.03 35.37 10.22
N VAL A 285 13.75 36.44 9.89
CA VAL A 285 13.16 37.77 9.83
C VAL A 285 12.22 37.91 8.64
N CYS A 286 12.65 37.50 7.45
CA CYS A 286 11.82 37.66 6.26
C CYS A 286 10.53 36.86 6.33
N ALA A 287 10.58 35.71 6.98
CA ALA A 287 9.37 34.87 7.13
C ALA A 287 8.30 35.61 7.92
N ARG A 288 8.73 36.35 8.94
CA ARG A 288 7.81 37.08 9.79
C ARG A 288 7.37 38.43 9.22
N GLN A 289 8.22 39.03 8.39
CA GLN A 289 7.91 40.35 7.85
C GLN A 289 7.24 40.38 6.47
N THR A 290 7.20 39.24 5.79
CA THR A 290 6.55 39.19 4.48
C THR A 290 5.28 38.33 4.52
N GLY A 291 4.37 38.60 3.59
CA GLY A 291 3.09 37.91 3.53
C GLY A 291 2.89 36.95 2.38
N SER A 292 3.89 36.85 1.49
CA SER A 292 3.85 35.87 0.41
C SER A 292 5.26 35.36 0.15
N TYR A 293 5.35 34.14 -0.38
CA TYR A 293 6.62 33.51 -0.63
C TYR A 293 7.40 34.28 -1.69
N ARG A 294 6.67 34.88 -2.63
CA ARG A 294 7.33 35.73 -3.63
C ARG A 294 8.03 36.90 -2.91
N ASP A 295 7.31 37.54 -1.99
CA ASP A 295 7.92 38.64 -1.24
C ASP A 295 9.03 38.14 -0.32
N PHE A 296 8.81 36.95 0.26
CA PHE A 296 9.83 36.30 1.10
C PHE A 296 11.15 36.17 0.35
N LEU A 297 11.08 35.62 -0.86
CA LEU A 297 12.26 35.38 -1.68
C LEU A 297 13.01 36.68 -1.97
N GLU A 298 12.27 37.72 -2.32
CA GLU A 298 12.86 39.04 -2.57
C GLU A 298 13.49 39.63 -1.31
N CYS A 299 12.85 39.41 -0.16
CA CYS A 299 13.39 39.90 1.10
C CYS A 299 14.72 39.22 1.45
N VAL A 300 14.81 37.91 1.29
CA VAL A 300 16.03 37.18 1.63
C VAL A 300 17.13 37.49 0.61
N LYS A 301 16.74 37.62 -0.65
CA LYS A 301 17.65 37.89 -1.76
C LYS A 301 18.49 39.14 -1.57
N ALA A 302 19.77 39.03 -1.87
CA ALA A 302 20.64 40.19 -1.94
C ALA A 302 21.69 39.90 -2.98
N LYS A 303 22.63 40.82 -3.11
CA LYS A 303 23.70 40.71 -4.08
C LYS A 303 24.37 39.33 -4.03
N ARG A 304 24.70 38.87 -2.83
CA ARG A 304 25.49 37.64 -2.71
C ARG A 304 24.65 36.36 -2.76
N PHE A 305 23.33 36.47 -2.89
CA PHE A 305 22.50 35.26 -2.98
C PHE A 305 21.68 35.20 -4.27
N THR A 306 21.78 34.07 -4.96
CA THR A 306 20.89 33.79 -6.09
C THR A 306 19.53 33.27 -5.62
N PHE A 307 18.52 33.43 -6.46
CA PHE A 307 17.19 32.91 -6.14
C PHE A 307 17.22 31.40 -5.99
N SER A 308 18.01 30.72 -6.82
CA SER A 308 18.09 29.27 -6.77
C SER A 308 18.68 28.78 -5.47
N ARG A 309 19.66 29.50 -4.95
CA ARG A 309 20.24 29.14 -3.66
C ARG A 309 19.19 29.30 -2.56
N ILE A 310 18.47 30.42 -2.58
CA ILE A 310 17.43 30.64 -1.56
C ILE A 310 16.30 29.60 -1.66
N ARG A 311 15.84 29.34 -2.89
CA ARG A 311 14.79 28.34 -3.10
C ARG A 311 15.24 26.94 -2.66
N ARG A 312 16.50 26.58 -2.93
CA ARG A 312 17.03 25.29 -2.46
C ARG A 312 16.98 25.25 -0.94
N LEU A 313 17.42 26.33 -0.29
CA LEU A 313 17.40 26.36 1.18
C LEU A 313 16.00 26.22 1.76
N ALA A 314 14.99 26.75 1.07
CA ALA A 314 13.60 26.57 1.51
C ALA A 314 13.18 25.10 1.44
N LEU A 315 13.60 24.38 0.41
CA LEU A 315 13.27 22.95 0.31
C LEU A 315 14.01 22.15 1.36
N PHE A 316 15.29 22.45 1.55
CA PHE A 316 16.07 21.80 2.61
C PHE A 316 15.45 22.04 3.98
N SER A 317 14.93 23.24 4.20
CA SER A 317 14.29 23.54 5.47
C SER A 317 12.98 22.76 5.67
N VAL A 318 12.11 22.78 4.67
CA VAL A 318 10.82 22.13 4.85
C VAL A 318 10.96 20.62 4.96
N PHE A 319 11.99 20.06 4.33
CA PHE A 319 12.22 18.62 4.38
C PHE A 319 13.20 18.24 5.47
N GLU A 320 13.63 19.24 6.25
CA GLU A 320 14.55 19.05 7.37
C GLU A 320 15.81 18.32 6.93
N VAL A 321 16.43 18.83 5.89
CA VAL A 321 17.59 18.15 5.35
C VAL A 321 18.79 18.75 6.08
N ASN A 322 19.32 18.00 7.04
CA ASN A 322 20.25 18.63 7.96
C ASN A 322 21.69 18.46 7.50
N LYS A 323 22.61 19.12 8.20
CA LYS A 323 23.99 19.23 7.74
C LYS A 323 24.73 17.89 7.79
N GLU A 324 24.49 17.12 8.84
CA GLU A 324 25.17 15.83 8.99
C GLU A 324 24.73 14.84 7.90
N PHE A 325 23.44 14.83 7.60
CA PHE A 325 22.87 13.95 6.58
C PHE A 325 23.42 14.26 5.19
N VAL A 326 23.52 15.54 4.85
CA VAL A 326 24.07 15.91 3.54
C VAL A 326 25.58 15.62 3.49
N GLU A 327 26.27 15.84 4.59
CA GLU A 327 27.70 15.56 4.65
C GLU A 327 27.96 14.08 4.38
N LYS A 328 27.20 13.20 5.03
CA LYS A 328 27.35 11.77 4.80
C LYS A 328 26.93 11.39 3.36
N SER A 329 25.86 11.99 2.86
CA SER A 329 25.43 11.69 1.50
C SER A 329 26.49 12.13 0.48
N ASN A 330 27.18 13.23 0.76
CA ASN A 330 28.16 13.76 -0.20
C ASN A 330 29.53 13.10 -0.08
N THR A 331 29.65 12.23 0.90
CA THR A 331 30.85 11.42 1.14
C THR A 331 30.62 9.99 0.64
N LYS A 332 29.61 9.33 1.19
CA LYS A 332 29.32 7.94 0.81
C LYS A 332 28.45 7.81 -0.44
N GLY A 333 27.77 8.89 -0.83
CA GLY A 333 26.93 8.83 -2.01
C GLY A 333 25.57 8.22 -1.78
N PRO A 334 24.81 8.03 -2.85
CA PRO A 334 23.52 7.32 -2.85
C PRO A 334 23.71 5.87 -2.41
N GLN A 335 22.77 5.36 -1.62
CA GLN A 335 22.89 4.00 -1.12
C GLN A 335 22.03 3.01 -1.91
N TYR A 336 21.30 3.48 -2.93
CA TYR A 336 20.44 2.57 -3.70
C TYR A 336 20.25 3.10 -5.12
N ILE A 337 19.86 2.21 -6.00
CA ILE A 337 19.44 2.61 -7.34
C ILE A 337 17.93 2.44 -7.43
N ARG A 338 17.21 3.55 -7.56
CA ARG A 338 15.74 3.49 -7.64
C ARG A 338 15.32 3.43 -9.12
N ILE A 339 14.59 2.39 -9.52
CA ILE A 339 14.09 2.29 -10.89
C ILE A 339 12.74 2.96 -10.98
N LEU A 340 12.64 4.05 -11.75
CA LEU A 340 11.35 4.69 -12.00
C LEU A 340 10.62 4.12 -13.20
N GLY A 341 11.36 3.50 -14.14
CA GLY A 341 10.73 2.92 -15.30
C GLY A 341 11.72 2.27 -16.25
N PHE A 342 11.22 1.36 -17.09
CA PHE A 342 12.03 0.79 -18.15
C PHE A 342 11.15 0.23 -19.26
N THR A 343 11.74 0.07 -20.45
CA THR A 343 11.02 -0.57 -21.52
C THR A 343 11.28 -2.07 -21.60
N GLU A 344 10.54 -2.73 -22.49
CA GLU A 344 10.78 -4.15 -22.77
C GLU A 344 12.25 -4.40 -23.18
N LYS A 345 12.77 -3.53 -24.02
CA LYS A 345 14.18 -3.57 -24.39
C LYS A 345 15.06 -3.33 -23.17
N GLY A 346 14.66 -2.35 -22.35
CA GLY A 346 15.36 -2.03 -21.12
C GLY A 346 15.56 -3.20 -20.16
N ARG A 347 14.65 -4.18 -20.20
CA ARG A 347 14.78 -5.40 -19.38
C ARG A 347 16.16 -6.02 -19.46
N GLU A 348 16.70 -6.07 -20.68
CA GLU A 348 17.98 -6.70 -20.95
C GLU A 348 19.10 -6.02 -20.16
N ILE A 349 19.13 -4.69 -20.14
CA ILE A 349 20.24 -4.02 -19.45
C ILE A 349 19.95 -3.99 -17.95
N LEU A 350 18.68 -3.98 -17.57
CA LEU A 350 18.35 -4.04 -16.15
C LEU A 350 18.77 -5.38 -15.56
N SER A 351 18.58 -6.44 -16.34
CA SER A 351 19.00 -7.76 -15.91
C SER A 351 20.51 -7.83 -15.67
N LEU A 352 21.27 -7.20 -16.56
CA LEU A 352 22.72 -7.15 -16.39
C LEU A 352 23.11 -6.32 -15.17
N MET A 353 22.42 -5.19 -14.95
CA MET A 353 22.63 -4.38 -13.76
C MET A 353 22.45 -5.19 -12.48
N ARG A 354 21.49 -6.10 -12.47
CA ARG A 354 21.28 -6.90 -11.26
C ARG A 354 22.51 -7.74 -10.95
N LYS A 355 23.24 -8.12 -11.99
CA LYS A 355 24.49 -8.85 -11.78
C LYS A 355 25.66 -7.93 -11.44
N LYS A 356 25.72 -6.78 -12.12
CA LYS A 356 26.91 -5.93 -12.01
C LYS A 356 26.83 -4.71 -11.09
N ALA A 357 25.66 -4.39 -10.56
CA ALA A 357 25.50 -3.11 -9.86
C ALA A 357 26.21 -3.12 -8.52
N LYS A 358 26.66 -1.95 -8.09
CA LYS A 358 27.38 -1.81 -6.83
C LYS A 358 26.49 -1.28 -5.72
N LEU A 359 25.22 -0.99 -6.04
CA LEU A 359 24.23 -0.57 -5.05
C LEU A 359 23.00 -1.44 -5.22
N PRO A 360 22.23 -1.65 -4.13
CA PRO A 360 20.98 -2.41 -4.19
C PRO A 360 19.99 -1.75 -5.15
N ILE A 361 19.30 -2.56 -5.95
CA ILE A 361 18.34 -2.03 -6.90
C ILE A 361 16.93 -2.13 -6.31
N VAL A 362 16.23 -1.01 -6.27
CA VAL A 362 14.86 -0.98 -5.77
C VAL A 362 13.90 -0.80 -6.95
N THR A 363 13.09 -1.82 -7.22
CA THR A 363 12.01 -1.72 -8.20
C THR A 363 10.69 -1.61 -7.44
N ASN A 364 10.44 -2.59 -6.61
CA ASN A 364 9.22 -2.66 -5.83
C ASN A 364 9.45 -1.96 -4.49
N MET A 365 8.86 -0.78 -4.33
CA MET A 365 9.13 0.02 -3.13
C MET A 365 8.57 -0.66 -1.88
N SER A 366 7.47 -1.39 -2.02
CA SER A 366 6.91 -2.10 -0.87
C SER A 366 7.90 -3.10 -0.29
N LEU A 367 8.90 -3.47 -1.08
CA LEU A 367 9.94 -4.39 -0.62
C LEU A 367 11.27 -3.73 -0.21
N TYR A 368 11.38 -2.41 -0.23
CA TYR A 368 12.73 -1.86 -0.14
C TYR A 368 13.42 -2.20 1.18
N ARG A 369 12.65 -2.40 2.25
CA ARG A 369 13.28 -2.77 3.52
C ARG A 369 13.80 -4.20 3.48
N LYS A 370 13.12 -5.08 2.75
CA LYS A 370 13.61 -6.44 2.58
C LYS A 370 14.85 -6.44 1.72
N VAL A 371 14.85 -5.61 0.68
CA VAL A 371 16.04 -5.45 -0.17
C VAL A 371 17.24 -5.07 0.70
N LEU A 372 17.04 -4.09 1.58
CA LEU A 372 18.12 -3.60 2.42
C LEU A 372 18.59 -4.66 3.41
N GLU A 373 17.64 -5.36 4.02
CA GLU A 373 17.96 -6.38 5.01
C GLU A 373 18.77 -7.50 4.39
N LYS A 374 18.48 -7.82 3.14
CA LYS A 374 19.12 -8.99 2.55
C LYS A 374 20.31 -8.73 1.63
N THR A 375 20.61 -7.47 1.32
CA THR A 375 21.64 -7.21 0.32
C THR A 375 23.03 -7.66 0.81
N ASP A 376 23.84 -8.20 -0.12
CA ASP A 376 25.24 -8.52 0.14
C ASP A 376 26.11 -7.25 0.10
N LEU A 377 25.58 -6.18 -0.48
CA LEU A 377 26.35 -4.97 -0.72
C LEU A 377 26.51 -4.18 0.57
N PRO A 378 27.74 -3.74 0.88
CA PRO A 378 27.99 -3.17 2.21
C PRO A 378 27.56 -1.71 2.32
N VAL A 379 26.27 -1.47 2.13
CA VAL A 379 25.76 -0.10 2.19
C VAL A 379 25.67 0.39 3.64
N ASP A 380 25.54 1.70 3.78
CA ASP A 380 25.28 2.30 5.07
C ASP A 380 23.77 2.22 5.29
N LYS A 381 23.35 1.44 6.27
CA LYS A 381 21.92 1.12 6.41
C LYS A 381 21.14 2.33 6.87
N GLN A 382 21.64 3.04 7.87
CA GLN A 382 20.91 4.21 8.36
C GLN A 382 20.83 5.29 7.28
N LEU A 383 21.92 5.50 6.53
CA LEU A 383 21.91 6.50 5.46
C LEU A 383 20.92 6.12 4.35
N PHE A 384 20.93 4.85 3.99
CA PHE A 384 19.98 4.30 3.01
C PHE A 384 18.56 4.64 3.45
N LEU A 385 18.22 4.31 4.70
CA LEU A 385 16.88 4.57 5.20
C LEU A 385 16.54 6.06 5.20
N GLU A 386 17.49 6.90 5.64
CA GLU A 386 17.26 8.36 5.61
C GLU A 386 17.10 8.91 4.20
N GLN A 387 17.93 8.45 3.27
CA GLN A 387 17.83 8.92 1.91
C GLN A 387 16.48 8.55 1.29
N ILE A 388 16.07 7.28 1.42
CA ILE A 388 14.87 6.85 0.72
C ILE A 388 13.61 7.40 1.41
N ASP A 389 13.68 7.61 2.73
CA ASP A 389 12.60 8.27 3.47
C ASP A 389 12.39 9.70 2.95
N LEU A 390 13.47 10.39 2.62
CA LEU A 390 13.37 11.72 2.03
C LEU A 390 12.73 11.67 0.65
N ASP A 391 13.12 10.68 -0.17
CA ASP A 391 12.49 10.52 -1.49
C ASP A 391 10.98 10.35 -1.39
N VAL A 392 10.55 9.52 -0.44
CA VAL A 392 9.12 9.23 -0.21
C VAL A 392 8.38 10.47 0.33
N LYS A 393 9.03 11.14 1.28
CA LYS A 393 8.46 12.33 1.90
C LYS A 393 8.25 13.43 0.84
N ALA A 394 9.22 13.60 -0.05
CA ALA A 394 9.11 14.61 -1.10
C ALA A 394 7.91 14.32 -2.00
N THR A 395 7.74 13.06 -2.37
CA THR A 395 6.60 12.64 -3.19
C THR A 395 5.28 12.90 -2.47
N ASN A 396 5.23 12.53 -1.21
CA ASN A 396 3.98 12.69 -0.46
C ASN A 396 3.60 14.14 -0.27
N PHE A 397 4.59 14.99 -0.02
CA PHE A 397 4.38 16.41 0.13
C PHE A 397 3.94 17.03 -1.20
N TYR A 398 4.69 16.73 -2.26
CA TYR A 398 4.36 17.22 -3.60
C TYR A 398 2.90 16.95 -4.01
N SER A 399 2.42 15.72 -3.76
CA SER A 399 1.09 15.31 -4.23
C SER A 399 -0.05 16.09 -3.58
N MET A 400 0.20 16.67 -2.40
CA MET A 400 -0.80 17.56 -1.77
C MET A 400 -1.07 18.79 -2.63
N PHE A 401 -0.16 19.08 -3.56
CA PHE A 401 -0.32 20.25 -4.43
C PHE A 401 -0.82 19.96 -5.84
N PHE A 402 -1.13 18.68 -6.12
CA PHE A 402 -1.95 18.35 -7.28
C PHE A 402 -3.19 19.24 -7.24
N PRO A 403 -3.55 19.87 -8.36
CA PRO A 403 -4.70 20.77 -8.39
C PRO A 403 -6.01 20.12 -7.93
N SER A 404 -6.23 18.85 -8.27
CA SER A 404 -7.48 18.20 -7.89
C SER A 404 -7.29 17.38 -6.63
N VAL A 405 -8.12 17.65 -5.63
CA VAL A 405 -8.05 16.94 -4.35
C VAL A 405 -8.26 15.42 -4.51
N GLU A 406 -8.99 15.02 -5.54
CA GLU A 406 -9.20 13.58 -5.80
C GLU A 406 -7.90 12.82 -6.09
N GLN A 407 -6.82 13.55 -6.42
CA GLN A 407 -5.51 12.95 -6.72
C GLN A 407 -4.50 12.95 -5.58
N ARG A 408 -4.90 13.46 -4.42
CA ARG A 408 -3.96 13.72 -3.34
C ARG A 408 -3.78 12.59 -2.31
N CME A 409 -4.49 11.46 -2.50
CA CME A 409 -4.42 10.36 -1.55
CB CME A 409 -5.70 9.52 -1.42
SG CME A 409 -7.04 10.47 -0.79
SD CME A 409 -7.82 11.42 -2.47
CE CME A 409 -8.81 10.19 -3.25
CZ CME A 409 -9.70 9.48 -2.26
OH CME A 409 -10.58 8.66 -3.02
C CME A 409 -3.37 9.30 -1.85
O CME A 409 -2.95 9.03 -2.97
N GLY A 410 -2.94 8.63 -0.76
CA GLY A 410 -2.05 7.48 -0.86
C GLY A 410 -0.60 7.87 -1.04
N GLU A 411 0.30 6.90 -0.95
CA GLU A 411 1.72 7.18 -1.18
C GLU A 411 2.09 6.71 -2.57
N ARG A 412 2.32 7.64 -3.48
CA ARG A 412 2.55 7.27 -4.88
C ARG A 412 3.83 6.47 -5.08
N ASP A 413 4.83 6.63 -4.23
CA ASP A 413 5.98 5.74 -4.36
C ASP A 413 5.62 4.27 -4.16
N PHE A 414 4.66 4.00 -3.30
CA PHE A 414 4.22 2.63 -3.13
C PHE A 414 3.12 2.19 -4.09
N SER A 415 2.26 3.11 -4.49
CA SER A 415 1.11 2.72 -5.30
C SER A 415 1.45 2.62 -6.80
N ILE A 416 2.44 3.38 -7.25
CA ILE A 416 2.82 3.41 -8.67
C ILE A 416 4.08 2.59 -8.88
N HIS A 417 3.97 1.48 -9.59
CA HIS A 417 5.17 0.68 -9.88
C HIS A 417 5.96 1.32 -11.02
N PRO A 418 7.22 0.91 -11.21
CA PRO A 418 8.00 1.45 -12.34
C PRO A 418 7.21 1.44 -13.63
N ILE A 419 7.24 2.56 -14.34
CA ILE A 419 6.57 2.62 -15.63
C ILE A 419 7.12 1.52 -16.55
N PHE A 420 6.24 0.83 -17.27
CA PHE A 420 6.71 -0.17 -18.25
C PHE A 420 6.06 0.00 -19.62
N LEU A 421 6.87 -0.01 -20.68
CA LEU A 421 6.33 0.12 -22.03
C LEU A 421 6.85 -1.03 -22.88
N ARG A 422 5.95 -1.68 -23.61
CA ARG A 422 6.37 -2.74 -24.53
C ARG A 422 7.06 -2.10 -25.73
N THR A 423 7.94 -2.85 -26.37
CA THR A 423 8.74 -2.28 -27.44
C THR A 423 8.21 -2.81 -28.76
N MET B 1 -13.41 45.48 48.71
CA MET B 1 -13.15 45.49 47.27
C MET B 1 -13.24 44.07 46.70
N LYS B 2 -13.93 43.96 45.57
CA LYS B 2 -14.06 42.67 44.90
C LYS B 2 -13.69 42.79 43.44
N VAL B 3 -12.99 41.78 42.96
CA VAL B 3 -12.68 41.68 41.54
C VAL B 3 -13.18 40.36 40.98
N LEU B 4 -14.08 40.43 40.01
CA LEU B 4 -14.63 39.26 39.34
C LEU B 4 -13.65 38.77 38.29
N GLY B 5 -13.24 37.52 38.38
CA GLY B 5 -12.52 36.91 37.26
C GLY B 5 -13.44 36.10 36.38
N VAL B 6 -13.17 36.04 35.08
CA VAL B 6 -13.95 35.15 34.21
C VAL B 6 -12.99 34.44 33.25
N VAL B 7 -13.23 33.15 33.02
CA VAL B 7 -12.43 32.38 32.08
C VAL B 7 -13.21 32.25 30.79
N VAL B 8 -12.64 32.69 29.66
CA VAL B 8 -13.43 32.90 28.46
C VAL B 8 -12.65 32.61 27.20
N GLU B 9 -13.39 32.41 26.11
CA GLU B 9 -12.84 32.18 24.78
C GLU B 9 -13.46 33.19 23.82
N TYR B 10 -14.78 33.34 23.91
CA TYR B 10 -15.48 34.39 23.17
C TYR B 10 -15.24 34.22 21.68
N ASN B 11 -15.68 33.10 21.13
CA ASN B 11 -15.34 32.75 19.76
C ASN B 11 -16.57 32.46 18.90
N PRO B 12 -17.36 33.50 18.59
CA PRO B 12 -17.24 34.90 19.00
C PRO B 12 -18.03 35.22 20.27
N PHE B 13 -17.91 36.46 20.74
CA PHE B 13 -18.69 36.89 21.90
C PHE B 13 -20.15 36.97 21.48
N HIS B 14 -21.02 36.19 22.11
CA HIS B 14 -22.41 36.14 21.68
C HIS B 14 -23.35 36.43 22.84
N ASN B 15 -24.65 36.24 22.62
CA ASN B 15 -25.64 36.63 23.61
C ASN B 15 -25.55 35.82 24.89
N GLY B 16 -25.14 34.56 24.76
CA GLY B 16 -24.94 33.70 25.92
C GLY B 16 -23.82 34.27 26.76
N HIS B 17 -22.77 34.74 26.11
CA HIS B 17 -21.68 35.41 26.81
C HIS B 17 -22.14 36.71 27.48
N LEU B 18 -23.05 37.44 26.86
CA LEU B 18 -23.52 38.68 27.48
C LEU B 18 -24.35 38.34 28.71
N TYR B 19 -25.16 37.28 28.60
CA TYR B 19 -25.94 36.78 29.71
C TYR B 19 -25.05 36.38 30.89
N HIS B 20 -24.00 35.63 30.59
CA HIS B 20 -23.06 35.20 31.63
C HIS B 20 -22.39 36.38 32.34
N LEU B 21 -21.91 37.34 31.57
CA LEU B 21 -21.19 38.48 32.12
C LEU B 21 -22.13 39.32 32.98
N THR B 22 -23.31 39.59 32.46
CA THR B 22 -24.32 40.34 33.21
C THR B 22 -24.71 39.61 34.50
N SER B 23 -24.96 38.31 34.41
CA SER B 23 -25.30 37.52 35.59
C SER B 23 -24.17 37.53 36.63
N ALA B 24 -22.93 37.38 36.17
CA ALA B 24 -21.78 37.36 37.07
C ALA B 24 -21.60 38.69 37.79
N ARG B 25 -21.74 39.77 37.04
CA ARG B 25 -21.60 41.11 37.62
C ARG B 25 -22.71 41.38 38.62
N GLU B 26 -23.92 40.92 38.32
CA GLU B 26 -25.05 41.12 39.24
C GLU B 26 -24.87 40.32 40.53
N LEU B 27 -24.31 39.12 40.40
CA LEU B 27 -24.11 38.25 41.55
C LEU B 27 -22.97 38.75 42.45
N VAL B 28 -21.82 39.02 41.84
CA VAL B 28 -20.61 39.41 42.59
C VAL B 28 -20.56 40.89 42.97
N LYS B 29 -21.21 41.73 42.17
CA LYS B 29 -21.11 43.19 42.28
C LYS B 29 -19.64 43.63 42.34
N PRO B 30 -18.85 43.28 41.32
CA PRO B 30 -17.41 43.58 41.40
C PRO B 30 -17.09 45.04 41.21
N ASP B 31 -15.98 45.48 41.79
CA ASP B 31 -15.45 46.81 41.52
C ASP B 31 -14.73 46.80 40.19
N TYR B 32 -14.17 45.64 39.84
CA TYR B 32 -13.48 45.46 38.55
C TYR B 32 -13.72 44.07 38.02
N THR B 33 -13.59 43.91 36.70
CA THR B 33 -13.79 42.64 36.06
C THR B 33 -12.59 42.34 35.15
N ILE B 34 -11.94 41.19 35.39
CA ILE B 34 -10.80 40.75 34.59
C ILE B 34 -11.11 39.44 33.90
N ALA B 35 -10.89 39.40 32.59
CA ALA B 35 -11.09 38.21 31.82
C ALA B 35 -9.76 37.59 31.46
N VAL B 36 -9.67 36.27 31.54
CA VAL B 36 -8.53 35.57 30.97
C VAL B 36 -9.08 34.81 29.77
N MET B 37 -8.49 35.09 28.61
CA MET B 37 -9.06 34.70 27.34
C MET B 37 -8.06 33.93 26.46
N SER B 38 -8.55 32.85 25.88
CA SER B 38 -7.81 32.14 24.84
C SER B 38 -7.48 33.11 23.72
N GLY B 39 -6.32 32.89 23.13
CA GLY B 39 -5.73 33.75 22.11
C GLY B 39 -6.35 33.47 20.76
N ASN B 40 -5.51 33.22 19.77
CA ASN B 40 -6.00 32.94 18.42
C ASN B 40 -6.40 31.49 18.17
N PHE B 41 -6.23 30.61 19.15
CA PHE B 41 -6.73 29.23 19.08
C PHE B 41 -7.50 28.85 20.33
N CSD B 42 -8.61 28.16 20.15
CA CSD B 42 -9.40 27.77 21.29
CB CSD B 42 -10.89 28.12 21.10
SG CSD B 42 -11.60 27.38 19.65
C CSD B 42 -9.22 26.30 21.71
O CSD B 42 -8.54 25.46 21.11
OD1 CSD B 42 -13.04 27.55 19.86
OD2 CSD B 42 -11.54 25.73 20.07
N GLN B 43 -9.89 26.00 22.82
CA GLN B 43 -9.72 24.74 23.52
C GLN B 43 -10.22 23.51 22.75
N ARG B 44 -11.08 23.72 21.76
CA ARG B 44 -11.58 22.63 20.91
C ARG B 44 -10.63 22.33 19.73
N GLY B 45 -9.50 23.02 19.66
CA GLY B 45 -8.55 22.73 18.59
C GLY B 45 -8.83 23.49 17.31
N GLU B 46 -9.55 24.60 17.41
CA GLU B 46 -9.89 25.42 16.25
C GLU B 46 -9.29 26.81 16.39
N PRO B 47 -9.09 27.51 15.25
CA PRO B 47 -8.74 28.93 15.32
C PRO B 47 -9.92 29.75 15.76
N ALA B 48 -9.65 30.82 16.51
CA ALA B 48 -10.65 31.83 16.76
C ALA B 48 -11.10 32.38 15.42
N VAL B 49 -12.38 32.68 15.28
CA VAL B 49 -12.93 33.12 13.99
C VAL B 49 -12.47 34.55 13.63
N ILE B 50 -12.18 35.38 14.64
CA ILE B 50 -11.40 36.61 14.46
C ILE B 50 -10.33 36.66 15.54
N ASP B 51 -9.32 37.52 15.40
CA ASP B 51 -8.13 37.33 16.23
C ASP B 51 -8.29 37.90 17.65
N LYS B 52 -7.29 37.66 18.48
CA LYS B 52 -7.41 37.93 19.92
C LYS B 52 -7.49 39.44 20.20
N PHE B 53 -6.89 40.25 19.34
CA PHE B 53 -6.93 41.69 19.53
C PHE B 53 -8.33 42.25 19.29
N ALA B 54 -9.04 41.67 18.32
CA ALA B 54 -10.40 42.09 18.05
C ALA B 54 -11.33 41.63 19.17
N ARG B 55 -11.17 40.37 19.57
CA ARG B 55 -12.05 39.80 20.58
C ARG B 55 -11.78 40.39 21.97
N ALA B 56 -10.55 40.81 22.22
CA ALA B 56 -10.25 41.50 23.46
C ALA B 56 -10.99 42.85 23.48
N GLU B 57 -10.99 43.55 22.35
CA GLU B 57 -11.70 44.81 22.29
C GLU B 57 -13.19 44.62 22.53
N ILE B 58 -13.76 43.54 21.98
CA ILE B 58 -15.18 43.25 22.16
C ILE B 58 -15.47 43.04 23.65
N ALA B 59 -14.63 42.25 24.30
CA ALA B 59 -14.75 41.99 25.73
C ALA B 59 -14.78 43.28 26.57
N LEU B 60 -13.85 44.20 26.30
CA LEU B 60 -13.84 45.51 26.94
C LEU B 60 -15.12 46.30 26.71
N ARG B 61 -15.61 46.29 25.48
CA ARG B 61 -16.84 47.03 25.17
C ARG B 61 -18.05 46.40 25.86
N MET B 62 -17.97 45.12 26.19
CA MET B 62 -19.09 44.45 26.83
C MET B 62 -19.04 44.55 28.35
N GLY B 63 -18.05 45.26 28.87
CA GLY B 63 -17.91 45.44 30.30
C GLY B 63 -16.76 44.74 31.03
N VAL B 64 -15.85 44.11 30.31
CA VAL B 64 -14.61 43.63 30.96
C VAL B 64 -13.63 44.81 31.10
N ASP B 65 -13.00 44.97 32.27
CA ASP B 65 -12.03 46.05 32.47
C ASP B 65 -10.63 45.74 32.00
N VAL B 66 -10.21 44.48 32.17
CA VAL B 66 -8.89 44.03 31.78
C VAL B 66 -8.97 42.65 31.12
N VAL B 67 -8.35 42.49 29.96
CA VAL B 67 -8.32 41.19 29.28
C VAL B 67 -6.88 40.69 29.27
N LEU B 68 -6.69 39.46 29.76
CA LEU B 68 -5.39 38.82 29.79
C LEU B 68 -5.40 37.66 28.80
N GLU B 69 -4.25 37.33 28.24
CA GLU B 69 -4.21 36.17 27.35
C GLU B 69 -3.94 34.92 28.18
N LEU B 70 -4.74 33.88 27.95
CA LEU B 70 -4.43 32.55 28.45
C LEU B 70 -3.38 31.96 27.52
N PRO B 71 -2.17 31.66 28.04
CA PRO B 71 -1.11 31.24 27.12
C PRO B 71 -1.50 29.97 26.38
N VAL B 72 -1.05 29.88 25.13
CA VAL B 72 -1.42 28.83 24.20
C VAL B 72 -1.28 27.44 24.79
N VAL B 73 -0.23 27.23 25.57
CA VAL B 73 0.04 25.89 26.10
C VAL B 73 -1.14 25.43 26.98
N PHE B 74 -1.80 26.36 27.65
CA PHE B 74 -3.03 26.05 28.38
C PHE B 74 -4.31 26.18 27.56
N ALA B 75 -4.40 27.22 26.75
CA ALA B 75 -5.61 27.47 25.97
C ALA B 75 -6.04 26.30 25.09
N THR B 76 -5.06 25.60 24.55
CA THR B 76 -5.32 24.51 23.62
C THR B 76 -5.28 23.12 24.25
N GLN B 77 -5.17 23.06 25.57
CA GLN B 77 -5.19 21.75 26.26
C GLN B 77 -6.60 21.24 26.55
N ASP B 78 -6.70 20.03 27.09
CA ASP B 78 -7.98 19.51 27.54
C ASP B 78 -8.38 20.26 28.82
N ALA B 79 -9.52 19.91 29.39
CA ALA B 79 -10.10 20.67 30.50
C ALA B 79 -9.14 20.88 31.67
N GLY B 80 -8.43 19.83 32.08
CA GLY B 80 -7.52 19.94 33.22
C GLY B 80 -6.46 21.01 33.04
N GLY B 81 -5.77 20.97 31.92
CA GLY B 81 -4.71 21.94 31.63
C GLY B 81 -5.25 23.35 31.39
N PHE B 82 -6.36 23.44 30.67
CA PHE B 82 -7.00 24.71 30.38
C PHE B 82 -7.34 25.46 31.65
N ALA B 83 -8.04 24.75 32.54
CA ALA B 83 -8.49 25.28 33.81
C ALA B 83 -7.32 25.72 34.67
N PHE B 84 -6.29 24.88 34.69
CA PHE B 84 -5.12 25.11 35.53
C PHE B 84 -4.42 26.39 35.12
N GLY B 85 -4.15 26.53 33.82
CA GLY B 85 -3.58 27.77 33.32
C GLY B 85 -4.45 28.97 33.64
N ALA B 86 -5.75 28.84 33.41
CA ALA B 86 -6.66 29.97 33.61
C ALA B 86 -6.69 30.42 35.07
N VAL B 87 -6.84 29.47 35.98
CA VAL B 87 -6.91 29.82 37.40
C VAL B 87 -5.57 30.36 37.89
N CYS B 88 -4.47 29.81 37.39
CA CYS B 88 -3.15 30.34 37.76
C CYS B 88 -3.03 31.81 37.34
N VAL B 89 -3.39 32.13 36.09
CA VAL B 89 -3.35 33.53 35.65
C VAL B 89 -4.21 34.42 36.57
N LEU B 90 -5.47 34.04 36.78
CA LEU B 90 -6.33 34.89 37.60
C LEU B 90 -5.81 35.01 39.03
N ASP B 91 -5.32 33.91 39.60
CA ASP B 91 -4.78 33.99 40.95
C ASP B 91 -3.51 34.83 41.01
N ALA B 92 -2.76 34.85 39.91
CA ALA B 92 -1.47 35.54 39.88
C ALA B 92 -1.60 37.06 39.82
N THR B 93 -2.75 37.55 39.40
CA THR B 93 -3.02 38.99 39.40
C THR B 93 -2.90 39.55 40.82
N GLY B 94 -3.13 38.69 41.81
CA GLY B 94 -3.11 39.09 43.21
C GLY B 94 -4.31 39.89 43.66
N VAL B 95 -5.20 40.25 42.72
CA VAL B 95 -6.44 40.97 43.06
C VAL B 95 -7.77 40.22 42.89
N VAL B 96 -7.78 39.05 42.27
CA VAL B 96 -9.07 38.42 41.94
C VAL B 96 -9.65 37.75 43.17
N THR B 97 -10.91 38.06 43.43
CA THR B 97 -11.65 37.64 44.63
C THR B 97 -12.69 36.56 44.30
N ASP B 98 -13.46 36.79 43.24
CA ASP B 98 -14.52 35.86 42.83
C ASP B 98 -14.44 35.45 41.36
N VAL B 99 -14.68 34.17 41.08
CA VAL B 99 -14.80 33.68 39.71
C VAL B 99 -16.17 33.03 39.48
N VAL B 100 -16.83 33.45 38.40
CA VAL B 100 -18.14 32.93 38.06
C VAL B 100 -18.11 32.25 36.71
N PHE B 101 -18.62 31.01 36.64
CA PHE B 101 -18.68 30.27 35.38
C PHE B 101 -20.08 29.70 35.14
N GLY B 102 -20.44 29.60 33.87
CA GLY B 102 -21.71 29.00 33.49
C GLY B 102 -21.68 27.52 33.78
N SER B 103 -22.84 27.00 34.18
CA SER B 103 -22.93 25.66 34.73
C SER B 103 -24.23 24.96 34.31
N GLU B 104 -24.14 23.69 33.93
CA GLU B 104 -25.35 22.94 33.59
C GLU B 104 -26.16 22.63 34.82
N SER B 105 -25.49 22.20 35.89
CA SER B 105 -26.21 21.86 37.12
C SER B 105 -26.54 23.10 37.94
N ASN B 106 -25.76 24.17 37.77
CA ASN B 106 -25.83 25.33 38.67
C ASN B 106 -25.73 24.91 40.14
N ASP B 107 -24.97 23.85 40.39
CA ASP B 107 -24.84 23.33 41.75
C ASP B 107 -23.40 23.47 42.20
N ILE B 108 -23.11 24.50 42.97
CA ILE B 108 -21.71 24.81 43.24
C ILE B 108 -21.20 23.87 44.33
N GLU B 109 -22.08 23.52 45.27
CA GLU B 109 -21.72 22.61 46.34
C GLU B 109 -21.27 21.26 45.80
N PHE B 110 -21.98 20.76 44.80
CA PHE B 110 -21.59 19.52 44.16
C PHE B 110 -20.21 19.64 43.50
N LEU B 111 -20.03 20.68 42.71
CA LEU B 111 -18.77 20.85 41.99
C LEU B 111 -17.62 20.99 43.00
N GLN B 112 -17.88 21.70 44.10
CA GLN B 112 -16.87 21.86 45.14
C GLN B 112 -16.57 20.52 45.82
N ARG B 113 -17.62 19.73 46.08
CA ARG B 113 -17.44 18.40 46.65
C ARG B 113 -16.53 17.52 45.79
N VAL B 114 -16.76 17.52 44.49
CA VAL B 114 -15.93 16.69 43.59
C VAL B 114 -14.49 17.18 43.53
N ALA B 115 -14.29 18.49 43.48
CA ALA B 115 -12.93 19.02 43.40
C ALA B 115 -12.16 18.68 44.68
N ARG B 116 -12.85 18.74 45.81
CA ARG B 116 -12.25 18.38 47.09
C ARG B 116 -11.71 16.95 47.07
N ILE B 117 -12.50 16.03 46.53
CA ILE B 117 -12.10 14.63 46.48
C ILE B 117 -10.87 14.46 45.59
N LEU B 118 -10.91 15.07 44.42
CA LEU B 118 -9.77 15.02 43.50
C LEU B 118 -8.52 15.65 44.13
N TYR B 119 -8.71 16.72 44.89
CA TYR B 119 -7.58 17.39 45.53
C TYR B 119 -7.02 16.58 46.68
N GLU B 120 -7.91 16.09 47.54
CA GLU B 120 -7.48 15.41 48.76
C GLU B 120 -7.05 13.96 48.52
N GLN B 121 -7.50 13.40 47.40
CA GLN B 121 -7.14 12.04 46.99
C GLN B 121 -7.33 11.00 48.09
N PRO B 122 -8.59 10.74 48.49
CA PRO B 122 -8.86 9.73 49.52
C PRO B 122 -8.27 8.37 49.17
N ASP B 123 -7.92 7.59 50.18
CA ASP B 123 -7.34 6.26 50.00
C ASP B 123 -8.25 5.37 49.16
N GLU B 124 -9.53 5.35 49.50
CA GLU B 124 -10.50 4.52 48.79
C GLU B 124 -10.62 4.96 47.34
N TYR B 125 -10.61 6.27 47.12
CA TYR B 125 -10.69 6.79 45.76
C TYR B 125 -9.48 6.38 44.94
N GLN B 126 -8.28 6.51 45.53
CA GLN B 126 -7.06 6.15 44.82
C GLN B 126 -7.06 4.67 44.42
N LYS B 127 -7.59 3.81 45.29
CA LYS B 127 -7.70 2.39 44.99
C LYS B 127 -8.57 2.15 43.76
N PHE B 128 -9.77 2.71 43.79
CA PHE B 128 -10.72 2.60 42.69
C PHE B 128 -10.11 3.08 41.37
N LEU B 129 -9.42 4.22 41.43
CA LEU B 129 -8.79 4.80 40.25
C LEU B 129 -7.74 3.89 39.63
N HIS B 130 -6.91 3.29 40.47
CA HIS B 130 -5.86 2.40 40.00
C HIS B 130 -6.46 1.17 39.34
N GLU B 131 -7.52 0.63 39.95
CA GLU B 131 -8.30 -0.44 39.35
C GLU B 131 -8.82 0.00 37.98
N GLU B 132 -9.54 1.11 37.97
CA GLU B 132 -10.14 1.65 36.76
C GLU B 132 -9.12 2.09 35.71
N LEU B 133 -7.89 2.43 36.14
CA LEU B 133 -6.86 2.83 35.18
C LEU B 133 -6.39 1.61 34.41
N LYS B 134 -6.43 0.45 35.07
CA LYS B 134 -6.37 -0.82 34.36
C LYS B 134 -7.74 -1.03 33.73
N LYS B 135 -8.00 -2.21 33.18
CA LYS B 135 -9.21 -2.43 32.38
C LYS B 135 -9.24 -1.46 31.19
N GLY B 136 -8.07 -0.94 30.83
CA GLY B 136 -7.90 -0.15 29.63
C GLY B 136 -8.44 1.27 29.62
N TYR B 137 -9.18 1.65 30.66
CA TYR B 137 -9.87 2.94 30.66
C TYR B 137 -8.89 4.12 30.61
N SER B 138 -9.23 5.12 29.79
CA SER B 138 -8.48 6.36 29.79
C SER B 138 -8.74 7.10 31.11
N PHE B 139 -7.84 7.98 31.48
CA PHE B 139 -7.92 8.65 32.78
C PHE B 139 -9.26 9.36 33.04
N PRO B 140 -9.73 10.21 32.11
CA PRO B 140 -10.96 10.94 32.45
C PRO B 140 -12.16 10.03 32.66
N ASN B 141 -12.18 8.88 31.98
CA ASN B 141 -13.22 7.88 32.20
C ASN B 141 -12.98 7.10 33.48
N ALA B 142 -11.74 6.67 33.69
CA ALA B 142 -11.38 5.91 34.89
C ALA B 142 -11.65 6.74 36.13
N ARG B 143 -11.42 8.04 36.01
CA ARG B 143 -11.71 8.98 37.08
C ARG B 143 -13.21 9.03 37.35
N LYS B 144 -14.00 9.14 36.29
CA LYS B 144 -15.45 9.21 36.42
C LYS B 144 -16.00 7.97 37.14
N TYR B 145 -15.50 6.80 36.77
CA TYR B 145 -15.96 5.56 37.39
C TYR B 145 -15.43 5.44 38.82
N ALA B 146 -14.20 5.90 39.02
CA ALA B 146 -13.63 5.91 40.38
C ALA B 146 -14.45 6.81 41.29
N LEU B 147 -14.85 7.97 40.78
CA LEU B 147 -15.68 8.91 41.52
C LEU B 147 -17.05 8.34 41.84
N MET B 148 -17.66 7.69 40.86
CA MET B 148 -18.97 7.05 41.05
C MET B 148 -18.89 6.00 42.16
N ARG B 149 -17.91 5.10 42.05
CA ARG B 149 -17.75 4.05 43.05
C ARG B 149 -17.37 4.63 44.40
N TYR B 150 -16.75 5.80 44.39
CA TYR B 150 -16.41 6.47 45.64
C TYR B 150 -17.68 7.00 46.29
N PHE B 151 -18.51 7.67 45.49
CA PHE B 151 -19.80 8.20 45.95
C PHE B 151 -20.68 7.13 46.59
N SER B 152 -20.67 5.92 46.04
CA SER B 152 -21.47 4.82 46.58
C SER B 152 -21.03 4.46 47.99
N MET B 153 -19.72 4.31 48.18
CA MET B 153 -19.16 3.91 49.46
C MET B 153 -19.49 4.91 50.58
N LYS B 154 -19.43 6.20 50.26
CA LYS B 154 -19.76 7.24 51.23
C LYS B 154 -21.27 7.33 51.46
N GLY B 155 -22.04 6.69 50.58
CA GLY B 155 -23.48 6.69 50.69
C GLY B 155 -24.14 7.88 50.02
N TRP B 156 -23.46 8.43 49.01
CA TRP B 156 -24.04 9.53 48.23
C TRP B 156 -24.59 8.97 46.93
N ASN B 157 -25.18 9.82 46.11
CA ASN B 157 -25.79 9.33 44.88
C ASN B 157 -24.82 9.40 43.71
N GLU B 158 -24.40 8.23 43.24
CA GLU B 158 -23.37 8.13 42.21
C GLU B 158 -23.84 8.61 40.84
N GLU B 159 -25.15 8.62 40.63
CA GLU B 159 -25.71 9.14 39.40
C GLU B 159 -25.33 10.61 39.24
N GLU B 160 -25.15 11.29 40.37
CA GLU B 160 -24.79 12.70 40.36
C GLU B 160 -23.41 12.94 39.74
N VAL B 161 -22.55 11.92 39.74
CA VAL B 161 -21.23 12.02 39.12
C VAL B 161 -21.37 12.16 37.60
N LEU B 162 -22.56 11.84 37.09
CA LEU B 162 -22.81 11.98 35.66
C LEU B 162 -23.13 13.43 35.31
N LYS B 163 -23.14 14.30 36.31
CA LYS B 163 -23.22 15.75 36.07
C LYS B 163 -21.91 16.18 35.42
N LEU B 164 -20.88 15.37 35.59
CA LEU B 164 -19.55 15.64 35.08
C LEU B 164 -19.35 15.11 33.67
N GLU B 165 -20.41 14.65 33.04
CA GLU B 165 -20.33 14.35 31.62
C GLU B 165 -20.57 15.63 30.83
N LYS B 166 -21.11 16.63 31.54
CA LYS B 166 -21.45 17.93 30.96
C LYS B 166 -20.25 18.86 30.94
N SER B 167 -19.96 19.40 29.76
CA SER B 167 -18.75 20.15 29.48
C SER B 167 -18.43 21.27 30.46
N ASN B 168 -19.40 22.15 30.69
CA ASN B 168 -19.14 23.32 31.53
C ASN B 168 -18.89 22.95 32.99
N ASP B 169 -19.62 21.95 33.48
CA ASP B 169 -19.43 21.55 34.88
C ASP B 169 -18.11 20.79 35.06
N ILE B 170 -17.67 20.10 34.01
CA ILE B 170 -16.32 19.52 34.00
C ILE B 170 -15.28 20.60 34.24
N LEU B 171 -15.34 21.64 33.42
CA LEU B 171 -14.47 22.81 33.57
C LEU B 171 -14.58 23.42 34.97
N GLY B 172 -15.81 23.53 35.47
CA GLY B 172 -16.05 24.05 36.81
C GLY B 172 -15.29 23.32 37.90
N VAL B 173 -15.36 21.99 37.86
CA VAL B 173 -14.62 21.16 38.81
C VAL B 173 -13.13 21.40 38.69
N GLU B 174 -12.64 21.48 37.44
CA GLU B 174 -11.23 21.69 37.22
C GLU B 174 -10.75 23.09 37.64
N TYR B 175 -11.56 24.11 37.46
CA TYR B 175 -11.23 25.43 38.00
C TYR B 175 -11.06 25.34 39.52
N ILE B 176 -12.02 24.73 40.20
CA ILE B 176 -12.00 24.65 41.66
C ILE B 176 -10.83 23.79 42.15
N HIS B 177 -10.67 22.62 41.51
CA HIS B 177 -9.53 21.74 41.74
C HIS B 177 -8.19 22.49 41.62
N SER B 178 -8.04 23.25 40.54
CA SER B 178 -6.81 24.02 40.30
C SER B 178 -6.58 25.08 41.39
N ALA B 179 -7.65 25.73 41.80
CA ALA B 179 -7.57 26.71 42.88
C ALA B 179 -7.07 26.07 44.18
N LEU B 180 -7.54 24.86 44.45
CA LEU B 180 -7.11 24.15 45.65
C LEU B 180 -5.63 23.73 45.54
N LYS B 181 -5.25 23.25 44.36
CA LYS B 181 -3.85 22.87 44.12
C LYS B 181 -2.88 24.00 44.43
N ILE B 182 -3.23 25.21 44.03
CA ILE B 182 -2.28 26.31 44.16
C ILE B 182 -2.51 27.13 45.43
N GLY B 183 -3.49 26.72 46.23
CA GLY B 183 -3.79 27.39 47.48
C GLY B 183 -4.47 28.74 47.29
N SER B 184 -5.27 28.87 46.24
CA SER B 184 -5.98 30.12 45.98
C SER B 184 -7.17 30.30 46.92
N ASN B 185 -7.45 31.55 47.27
CA ASN B 185 -8.60 31.92 48.10
C ASN B 185 -9.81 32.38 47.29
N ILE B 186 -9.70 32.31 45.97
CA ILE B 186 -10.78 32.77 45.11
C ILE B 186 -12.09 32.04 45.41
N ARG B 187 -13.18 32.79 45.48
CA ARG B 187 -14.50 32.21 45.69
C ARG B 187 -15.11 31.90 44.33
N PHE B 188 -15.53 30.66 44.11
CA PHE B 188 -16.15 30.30 42.83
C PHE B 188 -17.67 30.26 42.95
N HIS B 189 -18.34 30.64 41.86
CA HIS B 189 -19.79 30.66 41.78
C HIS B 189 -20.28 30.09 40.46
N THR B 190 -21.48 29.53 40.46
CA THR B 190 -22.12 29.12 39.20
C THR B 190 -23.24 30.07 38.86
N ILE B 191 -23.51 30.20 37.57
CA ILE B 191 -24.78 30.70 37.08
C ILE B 191 -25.29 29.66 36.08
N LYS B 192 -26.61 29.47 36.00
CA LYS B 192 -27.16 28.41 35.16
C LYS B 192 -27.09 28.79 33.68
N ARG B 193 -26.66 27.84 32.86
CA ARG B 193 -26.62 28.08 31.42
C ARG B 193 -28.01 28.12 30.82
N VAL B 194 -28.24 29.06 29.91
CA VAL B 194 -29.56 29.24 29.34
C VAL B 194 -29.55 29.02 27.82
N GLY B 195 -30.72 28.72 27.26
CA GLY B 195 -30.84 28.48 25.83
C GLY B 195 -32.28 28.33 25.40
N GLY B 205 -32.99 30.58 18.58
CA GLY B 205 -33.45 31.93 18.83
C GLY B 205 -32.32 32.92 19.08
N ARG B 206 -32.45 33.70 20.16
CA ARG B 206 -31.45 34.70 20.51
C ARG B 206 -30.17 34.04 21.01
N PHE B 207 -30.29 32.80 21.51
CA PHE B 207 -29.14 32.08 22.04
C PHE B 207 -28.76 30.88 21.15
N SER B 208 -27.63 31.02 20.45
CA SER B 208 -27.03 29.93 19.69
C SER B 208 -25.67 29.66 20.28
N SER B 209 -25.13 28.46 20.10
CA SER B 209 -23.81 28.21 20.65
C SER B 209 -22.78 28.92 19.76
N ALA B 210 -21.54 28.98 20.22
CA ALA B 210 -20.50 29.63 19.44
C ALA B 210 -20.22 28.81 18.19
N THR B 211 -20.23 27.48 18.32
CA THR B 211 -20.04 26.64 17.17
C THR B 211 -21.16 26.82 16.15
N ALA B 212 -22.40 26.94 16.61
CA ALA B 212 -23.53 27.12 15.70
C ALA B 212 -23.40 28.44 14.93
N ILE B 213 -22.93 29.49 15.62
CA ILE B 213 -22.77 30.80 15.02
C ILE B 213 -21.65 30.80 13.96
N ARG B 214 -20.56 30.10 14.23
CA ARG B 214 -19.49 30.03 13.24
C ARG B 214 -19.97 29.30 11.98
N ASN B 215 -20.86 28.33 12.14
CA ASN B 215 -21.45 27.65 10.99
C ASN B 215 -22.40 28.56 10.23
N LEU B 216 -23.18 29.37 10.96
CA LEU B 216 -23.99 30.39 10.31
C LEU B 216 -23.10 31.30 9.45
N MET B 217 -21.97 31.73 10.00
CA MET B 217 -21.01 32.54 9.24
C MET B 217 -20.54 31.82 7.97
N ARG B 218 -20.21 30.54 8.10
CA ARG B 218 -19.80 29.75 6.93
C ARG B 218 -20.87 29.74 5.85
N GLU B 219 -22.13 29.72 6.28
CA GLU B 219 -23.26 29.62 5.36
C GLU B 219 -23.73 30.99 4.95
N LYS B 220 -23.02 32.00 5.45
CA LYS B 220 -23.30 33.40 5.16
C LYS B 220 -24.73 33.80 5.52
N ARG B 221 -25.20 33.39 6.68
CA ARG B 221 -26.46 33.95 7.12
C ARG B 221 -26.14 34.99 8.17
N TRP B 222 -26.02 36.24 7.72
CA TRP B 222 -25.46 37.29 8.57
C TRP B 222 -26.53 37.87 9.47
N GLU B 223 -27.76 37.86 8.97
CA GLU B 223 -28.87 38.34 9.75
C GLU B 223 -29.07 37.44 10.95
N GLU B 224 -28.92 36.14 10.74
CA GLU B 224 -29.04 35.20 11.86
C GLU B 224 -27.85 35.33 12.79
N VAL B 225 -26.69 35.61 12.22
CA VAL B 225 -25.50 35.92 13.01
C VAL B 225 -25.76 37.18 13.83
N ARG B 226 -26.30 38.20 13.17
CA ARG B 226 -26.60 39.46 13.83
C ARG B 226 -27.53 39.25 15.03
N ASP B 227 -28.49 38.35 14.88
CA ASP B 227 -29.49 38.09 15.93
C ASP B 227 -28.90 37.34 17.12
N SER B 228 -27.72 36.74 16.93
CA SER B 228 -27.08 35.91 17.94
C SER B 228 -26.02 36.65 18.74
N LEU B 229 -25.77 37.90 18.39
CA LEU B 229 -24.62 38.63 18.90
C LEU B 229 -25.02 40.01 19.40
N PRO B 230 -24.36 40.49 20.47
CA PRO B 230 -24.51 41.91 20.83
C PRO B 230 -24.03 42.79 19.68
N GLU B 231 -24.58 44.00 19.61
CA GLU B 231 -24.29 44.94 18.55
C GLU B 231 -22.79 45.19 18.38
N ASP B 232 -22.08 45.47 19.48
CA ASP B 232 -20.65 45.77 19.38
C ASP B 232 -19.84 44.57 18.98
N SER B 233 -20.34 43.38 19.30
CA SER B 233 -19.65 42.16 18.91
C SER B 233 -19.80 41.99 17.40
N PHE B 234 -21.03 42.12 16.92
CA PHE B 234 -21.28 42.03 15.49
C PHE B 234 -20.52 43.12 14.73
N GLU B 235 -20.49 44.34 15.28
CA GLU B 235 -19.82 45.45 14.62
C GLU B 235 -18.35 45.16 14.35
N ILE B 236 -17.66 44.60 15.34
CA ILE B 236 -16.24 44.35 15.21
C ILE B 236 -15.97 43.11 14.35
N LEU B 237 -16.90 42.15 14.40
CA LEU B 237 -16.85 41.01 13.49
C LEU B 237 -16.90 41.48 12.03
N MET B 238 -17.81 42.39 11.72
CA MET B 238 -17.89 42.97 10.39
C MET B 238 -16.65 43.76 10.02
N ARG B 239 -16.10 44.49 10.99
CA ARG B 239 -14.88 45.26 10.77
C ARG B 239 -13.75 44.37 10.30
N GLU B 240 -13.51 43.30 11.05
CA GLU B 240 -12.43 42.37 10.72
C GLU B 240 -12.63 41.72 9.35
N ILE B 241 -13.88 41.43 9.01
CA ILE B 241 -14.18 40.81 7.73
C ILE B 241 -13.95 41.81 6.62
N ASN B 242 -14.53 43.00 6.76
CA ASN B 242 -14.32 44.07 5.79
C ASN B 242 -12.85 44.43 5.59
N GLU B 243 -12.06 44.26 6.65
CA GLU B 243 -10.64 44.62 6.59
C GLU B 243 -9.75 43.40 6.27
N GLY B 244 -10.38 42.28 5.94
CA GLY B 244 -9.66 41.12 5.43
C GLY B 244 -8.92 40.31 6.47
N ARG B 245 -9.27 40.51 7.74
CA ARG B 245 -8.75 39.70 8.84
C ARG B 245 -9.72 38.62 9.34
N GLY B 246 -10.82 38.41 8.63
CA GLY B 246 -11.77 37.37 9.00
C GLY B 246 -12.74 37.06 7.88
N PRO B 247 -13.53 35.99 8.03
CA PRO B 247 -13.44 35.03 9.13
C PRO B 247 -12.29 34.06 8.91
N VAL B 248 -11.78 33.48 10.00
CA VAL B 248 -10.76 32.42 9.90
C VAL B 248 -11.35 31.09 10.38
N PHE B 249 -11.37 30.09 9.50
CA PHE B 249 -11.96 28.81 9.84
C PHE B 249 -10.91 27.70 9.84
N LEU B 250 -11.13 26.65 10.63
CA LEU B 250 -10.19 25.54 10.68
C LEU B 250 -9.89 24.99 9.27
N GLU B 251 -10.89 24.93 8.41
CA GLU B 251 -10.68 24.30 7.11
C GLU B 251 -9.72 25.12 6.26
N ASN B 252 -9.56 26.41 6.56
CA ASN B 252 -8.58 27.24 5.87
C ASN B 252 -7.16 26.77 6.15
N MET B 253 -6.95 26.19 7.33
CA MET B 253 -5.65 25.68 7.73
C MET B 253 -5.46 24.19 7.43
N GLY B 254 -6.49 23.57 6.88
CA GLY B 254 -6.50 22.13 6.73
C GLY B 254 -5.41 21.54 5.85
N ASP B 255 -5.21 22.12 4.68
CA ASP B 255 -4.18 21.64 3.78
C ASP B 255 -2.80 21.81 4.40
N PHE B 256 -2.58 22.91 5.15
CA PHE B 256 -1.29 23.05 5.84
C PHE B 256 -1.04 21.91 6.81
N LEU B 257 -2.04 21.67 7.67
CA LEU B 257 -1.92 20.64 8.71
C LEU B 257 -1.67 19.26 8.09
N LEU B 258 -2.43 18.93 7.06
CA LEU B 258 -2.34 17.61 6.47
C LEU B 258 -0.99 17.45 5.77
N SER B 259 -0.57 18.48 5.04
CA SER B 259 0.74 18.44 4.36
C SER B 259 1.88 18.31 5.39
N PHE B 260 1.76 19.08 6.47
CA PHE B 260 2.74 19.07 7.55
C PHE B 260 2.89 17.65 8.13
N PHE B 261 1.77 16.97 8.35
CA PHE B 261 1.85 15.60 8.89
C PHE B 261 2.56 14.65 7.93
N ARG B 262 2.54 14.93 6.63
CA ARG B 262 3.27 14.06 5.72
C ARG B 262 4.78 14.28 5.80
N LEU B 263 5.20 15.33 6.50
CA LEU B 263 6.63 15.59 6.65
C LEU B 263 7.23 14.85 7.86
N LYS B 264 6.34 14.26 8.66
CA LYS B 264 6.70 13.74 9.98
C LYS B 264 6.55 12.23 10.08
N ASN B 265 7.42 11.59 10.87
CA ASN B 265 7.29 10.16 11.13
C ASN B 265 6.75 9.94 12.55
N MET B 266 6.55 8.68 12.91
CA MET B 266 5.92 8.38 14.19
C MET B 266 6.77 8.80 15.38
N ASP B 267 8.09 8.78 15.20
CA ASP B 267 9.02 9.28 16.22
C ASP B 267 8.69 10.72 16.63
N PHE B 268 8.33 11.53 15.64
CA PHE B 268 7.93 12.90 15.91
C PHE B 268 6.68 12.97 16.79
N PHE B 269 5.61 12.27 16.39
CA PHE B 269 4.37 12.40 17.16
C PHE B 269 4.52 11.84 18.56
N GLU B 270 5.39 10.85 18.73
CA GLU B 270 5.63 10.27 20.05
C GLU B 270 6.16 11.29 21.05
N LYS B 271 6.78 12.36 20.54
CA LYS B 271 7.30 13.41 21.42
C LYS B 271 6.28 14.52 21.71
N ILE B 272 5.15 14.49 21.02
CA ILE B 272 4.17 15.56 21.14
C ILE B 272 3.23 15.27 22.29
N HIS B 273 2.92 16.30 23.10
CA HIS B 273 2.03 16.09 24.22
C HIS B 273 0.65 15.60 23.81
N GLY B 274 0.10 14.65 24.56
CA GLY B 274 -1.27 14.23 24.34
C GLY B 274 -1.42 12.94 23.56
N PHE B 275 -0.33 12.47 22.98
CA PHE B 275 -0.36 11.27 22.15
C PHE B 275 -0.23 9.99 22.95
N SER B 276 -1.23 9.12 22.82
CA SER B 276 -1.25 7.81 23.45
C SER B 276 -2.34 6.98 22.77
N GLU B 277 -2.52 5.73 23.20
CA GLU B 277 -3.61 4.87 22.70
C GLU B 277 -3.52 4.66 21.19
N GLY B 278 -2.30 4.66 20.65
CA GLY B 278 -2.10 4.40 19.24
C GLY B 278 -2.42 5.54 18.30
N LEU B 279 -2.57 6.75 18.86
CA LEU B 279 -2.88 7.93 18.06
C LEU B 279 -1.73 8.32 17.13
N GLU B 280 -0.49 8.01 17.51
CA GLU B 280 0.66 8.31 16.64
C GLU B 280 0.55 7.58 15.31
N LYS B 281 0.30 6.27 15.37
CA LYS B 281 0.11 5.48 14.15
C LYS B 281 -1.08 6.02 13.36
N ARG B 282 -2.17 6.36 14.03
CA ARG B 282 -3.35 6.89 13.34
C ARG B 282 -3.08 8.20 12.58
N PHE B 283 -2.38 9.14 13.22
CA PHE B 283 -1.99 10.37 12.54
C PHE B 283 -1.14 10.08 11.33
N HIS B 284 -0.14 9.23 11.51
CA HIS B 284 0.80 8.90 10.45
C HIS B 284 0.11 8.25 9.25
N VAL B 285 -0.70 7.24 9.53
CA VAL B 285 -1.34 6.49 8.45
C VAL B 285 -2.42 7.34 7.76
N CYS B 286 -3.28 7.98 8.55
CA CYS B 286 -4.34 8.80 7.98
C CYS B 286 -3.83 10.00 7.18
N ALA B 287 -2.71 10.58 7.60
CA ALA B 287 -2.13 11.69 6.85
C ALA B 287 -1.77 11.26 5.45
N ARG B 288 -1.29 10.04 5.32
CA ARG B 288 -0.87 9.55 4.00
C ARG B 288 -2.02 8.97 3.16
N GLN B 289 -3.06 8.47 3.82
CA GLN B 289 -4.18 7.84 3.11
C GLN B 289 -5.27 8.81 2.62
N THR B 290 -5.34 9.99 3.20
CA THR B 290 -6.42 10.93 2.87
C THR B 290 -5.90 12.22 2.22
N GLY B 291 -6.80 12.92 1.53
CA GLY B 291 -6.44 14.09 0.75
C GLY B 291 -6.92 15.42 1.27
N SER B 292 -7.70 15.42 2.35
CA SER B 292 -8.13 16.67 2.95
C SER B 292 -8.15 16.51 4.45
N TYR B 293 -8.06 17.63 5.17
CA TYR B 293 -8.02 17.60 6.63
C TYR B 293 -9.35 17.07 7.18
N ARG B 294 -10.46 17.43 6.53
CA ARG B 294 -11.75 16.88 6.93
C ARG B 294 -11.75 15.35 6.82
N ASP B 295 -11.22 14.82 5.72
CA ASP B 295 -11.13 13.37 5.56
C ASP B 295 -10.12 12.76 6.56
N PHE B 296 -9.01 13.48 6.79
CA PHE B 296 -8.02 13.06 7.78
C PHE B 296 -8.65 12.89 9.17
N LEU B 297 -9.36 13.93 9.61
CA LEU B 297 -10.00 13.89 10.93
C LEU B 297 -10.96 12.71 11.09
N GLU B 298 -11.78 12.45 10.07
CA GLU B 298 -12.70 11.30 10.12
C GLU B 298 -11.94 9.97 10.16
N CYS B 299 -10.82 9.91 9.45
CA CYS B 299 -10.01 8.71 9.43
C CYS B 299 -9.44 8.41 10.83
N VAL B 300 -8.98 9.45 11.51
CA VAL B 300 -8.40 9.28 12.84
C VAL B 300 -9.50 9.00 13.88
N LYS B 301 -10.66 9.62 13.67
CA LYS B 301 -11.78 9.46 14.60
C LYS B 301 -12.15 7.99 14.85
N ALA B 302 -12.35 7.66 16.12
CA ALA B 302 -12.91 6.38 16.51
C ALA B 302 -13.74 6.61 17.76
N LYS B 303 -14.56 5.63 18.14
CA LYS B 303 -15.44 5.79 19.30
C LYS B 303 -14.73 6.32 20.55
N ARG B 304 -13.49 5.87 20.79
CA ARG B 304 -12.78 6.27 22.01
C ARG B 304 -12.13 7.65 21.90
N PHE B 305 -12.22 8.27 20.74
CA PHE B 305 -11.63 9.60 20.54
C PHE B 305 -12.69 10.65 20.21
N THR B 306 -12.61 11.80 20.83
CA THR B 306 -13.39 12.96 20.42
C THR B 306 -12.68 13.72 19.30
N PHE B 307 -13.45 14.36 18.42
CA PHE B 307 -12.85 15.26 17.43
C PHE B 307 -12.02 16.37 18.09
N SER B 308 -12.50 16.90 19.21
CA SER B 308 -11.77 17.97 19.88
C SER B 308 -10.37 17.54 20.29
N ARG B 309 -10.25 16.31 20.79
CA ARG B 309 -8.94 15.80 21.19
C ARG B 309 -8.04 15.66 19.98
N ILE B 310 -8.59 15.13 18.89
CA ILE B 310 -7.80 14.95 17.66
C ILE B 310 -7.38 16.32 17.12
N ARG B 311 -8.30 17.27 17.10
CA ARG B 311 -7.99 18.61 16.62
C ARG B 311 -6.93 19.28 17.46
N ARG B 312 -6.99 19.11 18.79
CA ARG B 312 -5.99 19.66 19.69
C ARG B 312 -4.61 19.08 19.39
N LEU B 313 -4.57 17.77 19.19
CA LEU B 313 -3.31 17.08 18.90
C LEU B 313 -2.69 17.55 17.60
N ALA B 314 -3.52 17.92 16.66
CA ALA B 314 -3.04 18.47 15.40
C ALA B 314 -2.34 19.81 15.68
N LEU B 315 -2.92 20.61 16.57
CA LEU B 315 -2.31 21.90 16.93
C LEU B 315 -1.02 21.73 17.70
N PHE B 316 -1.00 20.84 18.68
CA PHE B 316 0.25 20.53 19.39
C PHE B 316 1.32 20.04 18.41
N SER B 317 0.92 19.29 17.40
CA SER B 317 1.88 18.83 16.41
C SER B 317 2.50 19.97 15.60
N VAL B 318 1.69 20.85 15.00
CA VAL B 318 2.32 21.89 14.17
C VAL B 318 3.12 22.88 15.00
N PHE B 319 2.70 23.10 16.25
CA PHE B 319 3.43 24.03 17.10
C PHE B 319 4.54 23.33 17.89
N GLU B 320 4.71 22.03 17.65
CA GLU B 320 5.73 21.22 18.33
C GLU B 320 5.67 21.38 19.85
N VAL B 321 4.49 21.14 20.40
CA VAL B 321 4.31 21.25 21.84
C VAL B 321 4.58 19.88 22.44
N ASN B 322 5.81 19.73 22.95
CA ASN B 322 6.34 18.45 23.39
C ASN B 322 5.93 18.08 24.81
N LYS B 323 6.01 16.79 25.12
CA LYS B 323 5.61 16.28 26.43
C LYS B 323 6.25 16.98 27.63
N GLU B 324 7.55 17.29 27.53
CA GLU B 324 8.24 17.86 28.70
C GLU B 324 7.83 19.31 28.97
N PHE B 325 7.71 20.09 27.89
CA PHE B 325 7.27 21.48 27.97
C PHE B 325 5.88 21.57 28.62
N VAL B 326 4.99 20.66 28.27
CA VAL B 326 3.65 20.68 28.85
C VAL B 326 3.67 20.24 30.30
N GLU B 327 4.44 19.20 30.59
CA GLU B 327 4.53 18.70 31.96
C GLU B 327 5.04 19.79 32.91
N LYS B 328 6.05 20.55 32.47
CA LYS B 328 6.55 21.67 33.27
C LYS B 328 5.49 22.76 33.42
N SER B 329 4.85 23.10 32.31
CA SER B 329 3.79 24.12 32.33
C SER B 329 2.63 23.73 33.23
N ASN B 330 2.30 22.45 33.27
CA ASN B 330 1.19 21.98 34.08
C ASN B 330 1.60 21.76 35.53
N THR B 331 2.88 21.97 35.79
CA THR B 331 3.42 21.92 37.14
C THR B 331 3.64 23.33 37.67
N LYS B 332 4.47 24.10 36.96
CA LYS B 332 4.83 25.45 37.39
C LYS B 332 3.84 26.55 36.96
N GLY B 333 2.95 26.24 36.02
CA GLY B 333 1.96 27.21 35.56
C GLY B 333 2.51 28.22 34.57
N PRO B 334 1.67 29.17 34.17
CA PRO B 334 2.08 30.31 33.35
C PRO B 334 3.13 31.15 34.09
N GLN B 335 4.13 31.64 33.36
CA GLN B 335 5.22 32.39 33.99
C GLN B 335 5.04 33.90 33.79
N TYR B 336 3.94 34.31 33.16
CA TYR B 336 3.70 35.73 32.94
C TYR B 336 2.21 36.00 32.83
N ILE B 337 1.85 37.26 33.06
CA ILE B 337 0.50 37.76 32.82
C ILE B 337 0.54 38.69 31.60
N ARG B 338 -0.04 38.25 30.49
CA ARG B 338 -0.02 39.03 29.26
C ARG B 338 -1.28 39.89 29.15
N ILE B 339 -1.11 41.20 29.03
CA ILE B 339 -2.25 42.10 28.91
C ILE B 339 -2.65 42.34 27.47
N LEU B 340 -3.84 41.90 27.07
CA LEU B 340 -4.33 42.18 25.71
C LEU B 340 -5.10 43.49 25.57
N GLY B 341 -5.64 43.99 26.67
CA GLY B 341 -6.42 45.22 26.61
C GLY B 341 -6.98 45.64 27.96
N PHE B 342 -7.34 46.91 28.06
CA PHE B 342 -7.94 47.44 29.29
C PHE B 342 -8.75 48.69 29.01
N THR B 343 -9.68 49.00 29.91
CA THR B 343 -10.39 50.25 29.83
C THR B 343 -9.73 51.28 30.72
N GLU B 344 -10.27 52.49 30.74
CA GLU B 344 -9.81 53.53 31.66
C GLU B 344 -9.91 53.04 33.09
N LYS B 345 -11.05 52.44 33.40
CA LYS B 345 -11.29 51.85 34.70
C LYS B 345 -10.29 50.72 34.94
N GLY B 346 -10.02 49.95 33.88
CA GLY B 346 -9.04 48.89 33.91
C GLY B 346 -7.64 49.32 34.31
N ARG B 347 -7.21 50.50 33.88
CA ARG B 347 -5.90 51.04 34.28
C ARG B 347 -5.74 51.06 35.80
N GLU B 348 -6.81 51.40 36.49
CA GLU B 348 -6.81 51.48 37.94
C GLU B 348 -6.40 50.15 38.57
N ILE B 349 -7.06 49.05 38.18
CA ILE B 349 -6.79 47.76 38.82
C ILE B 349 -5.43 47.21 38.35
N LEU B 350 -5.05 47.53 37.12
CA LEU B 350 -3.72 47.18 36.62
C LEU B 350 -2.62 47.83 37.47
N SER B 351 -2.84 49.06 37.88
CA SER B 351 -1.89 49.75 38.74
C SER B 351 -1.68 48.98 40.04
N LEU B 352 -2.78 48.49 40.62
CA LEU B 352 -2.69 47.71 41.85
C LEU B 352 -2.03 46.35 41.58
N MET B 353 -2.33 45.77 40.42
CA MET B 353 -1.72 44.49 40.06
C MET B 353 -0.20 44.57 40.06
N ARG B 354 0.35 45.71 39.65
CA ARG B 354 1.80 45.86 39.61
C ARG B 354 2.44 45.70 40.99
N LYS B 355 1.69 46.06 42.04
CA LYS B 355 2.13 45.82 43.41
C LYS B 355 1.86 44.40 43.90
N LYS B 356 0.67 43.87 43.59
CA LYS B 356 0.20 42.60 44.16
C LYS B 356 0.43 41.33 43.33
N ALA B 357 0.79 41.46 42.05
CA ALA B 357 0.82 40.30 41.18
C ALA B 357 2.00 39.36 41.50
N LYS B 358 1.79 38.07 41.30
CA LYS B 358 2.79 37.05 41.61
C LYS B 358 3.58 36.60 40.37
N LEU B 359 3.22 37.12 39.20
CA LEU B 359 3.96 36.87 37.98
C LEU B 359 4.29 38.19 37.30
N PRO B 360 5.37 38.22 36.49
CA PRO B 360 5.67 39.41 35.70
C PRO B 360 4.52 39.76 34.77
N ILE B 361 4.25 41.06 34.65
CA ILE B 361 3.21 41.56 33.78
C ILE B 361 3.78 42.07 32.46
N VAL B 362 3.21 41.61 31.34
CA VAL B 362 3.68 42.03 30.02
C VAL B 362 2.62 42.88 29.30
N THR B 363 2.95 44.14 29.09
CA THR B 363 2.10 45.07 28.33
C THR B 363 2.71 45.22 26.94
N ASN B 364 3.94 45.68 26.93
CA ASN B 364 4.69 45.93 25.72
C ASN B 364 5.54 44.71 25.39
N MET B 365 5.20 43.99 24.32
CA MET B 365 5.88 42.75 24.00
C MET B 365 7.34 43.00 23.60
N SER B 366 7.61 44.17 23.01
CA SER B 366 8.98 44.55 22.67
C SER B 366 9.88 44.58 23.91
N LEU B 367 9.27 44.75 25.07
CA LEU B 367 10.00 44.79 26.34
C LEU B 367 9.99 43.51 27.18
N TYR B 368 9.39 42.41 26.70
CA TYR B 368 9.19 41.29 27.63
C TYR B 368 10.51 40.68 28.10
N ARG B 369 11.52 40.70 27.25
CA ARG B 369 12.84 40.22 27.69
C ARG B 369 13.41 41.10 28.79
N LYS B 370 13.19 42.41 28.69
CA LYS B 370 13.64 43.32 29.73
C LYS B 370 12.86 43.09 31.02
N VAL B 371 11.55 42.82 30.88
CA VAL B 371 10.72 42.53 32.05
C VAL B 371 11.23 41.29 32.77
N LEU B 372 11.51 40.24 31.98
CA LEU B 372 12.01 38.97 32.51
C LEU B 372 13.38 39.15 33.16
N GLU B 373 14.22 39.96 32.53
CA GLU B 373 15.54 40.27 33.04
C GLU B 373 15.46 40.97 34.40
N LYS B 374 14.55 41.93 34.53
CA LYS B 374 14.50 42.78 35.72
C LYS B 374 13.63 42.26 36.88
N THR B 375 12.82 41.23 36.66
CA THR B 375 11.85 40.84 37.68
C THR B 375 12.49 40.22 38.91
N ASP B 376 11.93 40.52 40.08
CA ASP B 376 12.39 39.95 41.34
C ASP B 376 11.59 38.70 41.70
N LEU B 377 10.59 38.38 40.88
CA LEU B 377 9.74 37.21 41.10
C LEU B 377 10.45 35.93 40.70
N PRO B 378 10.26 34.85 41.47
CA PRO B 378 10.98 33.59 41.27
C PRO B 378 10.44 32.75 40.12
N VAL B 379 10.33 33.32 38.93
CA VAL B 379 9.86 32.60 37.76
C VAL B 379 10.91 31.67 37.17
N ASP B 380 10.46 30.74 36.34
CA ASP B 380 11.36 29.89 35.57
C ASP B 380 11.61 30.61 34.25
N LYS B 381 12.82 31.12 34.05
CA LYS B 381 13.10 31.99 32.92
C LYS B 381 13.05 31.26 31.60
N GLN B 382 13.64 30.07 31.55
CA GLN B 382 13.62 29.28 30.33
C GLN B 382 12.19 28.90 29.95
N LEU B 383 11.40 28.50 30.95
CA LEU B 383 10.01 28.13 30.73
C LEU B 383 9.19 29.33 30.27
N PHE B 384 9.42 30.47 30.93
CA PHE B 384 8.87 31.76 30.52
C PHE B 384 9.13 32.01 29.04
N LEU B 385 10.39 31.88 28.63
CA LEU B 385 10.74 32.12 27.24
C LEU B 385 10.04 31.14 26.30
N GLU B 386 9.97 29.87 26.68
CA GLU B 386 9.34 28.86 25.84
C GLU B 386 7.82 29.10 25.71
N GLN B 387 7.17 29.45 26.81
CA GLN B 387 5.71 29.69 26.78
C GLN B 387 5.36 30.89 25.91
N ILE B 388 6.10 31.98 26.06
CA ILE B 388 5.72 33.19 25.35
C ILE B 388 6.13 33.08 23.87
N ASP B 389 7.18 32.30 23.60
CA ASP B 389 7.59 32.01 22.23
C ASP B 389 6.44 31.30 21.48
N LEU B 390 5.82 30.34 22.16
CA LEU B 390 4.66 29.65 21.62
C LEU B 390 3.49 30.60 21.36
N ASP B 391 3.23 31.53 22.29
CA ASP B 391 2.15 32.51 22.08
C ASP B 391 2.40 33.30 20.80
N VAL B 392 3.64 33.76 20.61
CA VAL B 392 4.01 34.56 19.44
C VAL B 392 3.92 33.71 18.16
N LYS B 393 4.42 32.49 18.24
CA LYS B 393 4.36 31.57 17.10
C LYS B 393 2.92 31.34 16.63
N ALA B 394 2.02 31.11 17.58
CA ALA B 394 0.61 30.89 17.25
C ALA B 394 0.00 32.11 16.53
N THR B 395 0.25 33.30 17.05
CA THR B 395 -0.24 34.52 16.40
C THR B 395 0.30 34.66 14.97
N ASN B 396 1.61 34.45 14.82
CA ASN B 396 2.25 34.57 13.52
C ASN B 396 1.73 33.52 12.52
N PHE B 397 1.50 32.30 13.00
CA PHE B 397 0.97 31.26 12.12
C PHE B 397 -0.43 31.62 11.68
N TYR B 398 -1.25 32.03 12.64
CA TYR B 398 -2.66 32.33 12.41
C TYR B 398 -2.81 33.42 11.37
N SER B 399 -1.93 34.41 11.43
CA SER B 399 -2.04 35.59 10.58
C SER B 399 -1.84 35.30 9.11
N MET B 400 -1.14 34.21 8.81
CA MET B 400 -1.02 33.78 7.41
C MET B 400 -2.36 33.37 6.81
N PHE B 401 -3.35 33.11 7.66
CA PHE B 401 -4.65 32.68 7.18
C PHE B 401 -5.70 33.80 7.12
N PHE B 402 -5.28 35.03 7.41
CA PHE B 402 -6.13 36.20 7.12
C PHE B 402 -6.49 36.13 5.64
N PRO B 403 -7.77 36.28 5.29
CA PRO B 403 -8.20 36.21 3.89
C PRO B 403 -7.47 37.20 2.98
N SER B 404 -7.11 38.36 3.53
CA SER B 404 -6.40 39.36 2.73
C SER B 404 -4.89 39.20 2.85
N VAL B 405 -4.24 38.99 1.71
CA VAL B 405 -2.80 38.79 1.68
C VAL B 405 -2.06 39.98 2.28
N GLU B 406 -2.62 41.17 2.09
CA GLU B 406 -2.03 42.41 2.62
C GLU B 406 -2.03 42.47 4.14
N GLN B 407 -2.80 41.61 4.79
CA GLN B 407 -2.86 41.62 6.25
C GLN B 407 -1.91 40.60 6.90
N ARG B 408 -1.14 39.88 6.08
CA ARG B 408 -0.38 38.73 6.59
C ARG B 408 1.05 39.05 7.08
N CME B 409 1.51 40.27 6.84
CA CME B 409 2.87 40.65 7.21
CB CME B 409 3.39 41.87 6.44
SG CME B 409 3.44 41.54 4.73
SD CME B 409 1.55 41.90 3.91
CE CME B 409 1.85 42.49 2.27
CZ CME B 409 2.71 43.73 2.23
OH CME B 409 2.07 44.70 3.05
C CME B 409 2.98 41.13 8.64
O CME B 409 2.08 41.73 9.23
N GLY B 410 4.15 40.86 9.22
CA GLY B 410 4.51 41.43 10.51
C GLY B 410 4.15 40.50 11.67
N GLU B 411 4.66 40.82 12.85
CA GLU B 411 4.31 40.08 14.06
C GLU B 411 3.36 40.91 14.89
N ARG B 412 2.10 40.51 14.92
CA ARG B 412 1.03 41.33 15.49
C ARG B 412 1.22 41.50 16.98
N ASP B 413 1.82 40.51 17.63
CA ASP B 413 2.09 40.64 19.05
C ASP B 413 2.98 41.84 19.35
N PHE B 414 3.94 42.10 18.46
CA PHE B 414 4.79 43.30 18.60
C PHE B 414 4.23 44.58 17.97
N SER B 415 3.43 44.45 16.91
CA SER B 415 2.93 45.64 16.21
C SER B 415 1.65 46.21 16.82
N ILE B 416 0.90 45.39 17.55
CA ILE B 416 -0.35 45.84 18.16
C ILE B 416 -0.25 45.92 19.67
N HIS B 417 -0.29 47.14 20.20
CA HIS B 417 -0.26 47.36 21.64
C HIS B 417 -1.57 46.91 22.29
N PRO B 418 -1.56 46.69 23.61
CA PRO B 418 -2.82 46.35 24.29
C PRO B 418 -3.92 47.33 23.92
N ILE B 419 -5.11 46.83 23.62
CA ILE B 419 -6.22 47.70 23.26
C ILE B 419 -6.59 48.57 24.47
N PHE B 420 -6.72 49.87 24.25
CA PHE B 420 -7.10 50.79 25.32
C PHE B 420 -8.41 51.49 24.96
N LEU B 421 -9.46 51.24 25.73
CA LEU B 421 -10.76 51.87 25.50
C LEU B 421 -11.07 52.98 26.48
N ARG B 422 -11.42 54.15 25.98
CA ARG B 422 -11.75 55.25 26.87
C ARG B 422 -13.24 55.20 27.22
N THR B 423 -13.58 55.60 28.44
CA THR B 423 -14.99 55.62 28.85
C THR B 423 -15.67 56.91 28.42
N MET C 1 20.98 -64.35 1.71
CA MET C 1 20.37 -63.49 0.67
C MET C 1 20.39 -62.00 1.04
N LYS C 2 20.79 -61.14 0.09
CA LYS C 2 20.92 -59.71 0.35
C LYS C 2 20.17 -58.91 -0.70
N VAL C 3 19.43 -57.91 -0.24
CA VAL C 3 18.77 -56.98 -1.14
C VAL C 3 19.17 -55.55 -0.83
N LEU C 4 19.76 -54.86 -1.81
CA LEU C 4 20.20 -53.47 -1.64
C LEU C 4 19.02 -52.54 -1.82
N GLY C 5 18.71 -51.74 -0.80
CA GLY C 5 17.80 -50.62 -1.00
C GLY C 5 18.51 -49.30 -1.24
N VAL C 6 17.95 -48.44 -2.09
CA VAL C 6 18.51 -47.10 -2.23
C VAL C 6 17.41 -46.06 -2.25
N VAL C 7 17.68 -44.90 -1.67
CA VAL C 7 16.73 -43.79 -1.60
C VAL C 7 17.20 -42.76 -2.59
N VAL C 8 16.35 -42.43 -3.57
CA VAL C 8 16.82 -41.69 -4.72
C VAL C 8 15.77 -40.69 -5.21
N GLU C 9 16.23 -39.69 -5.93
CA GLU C 9 15.37 -38.75 -6.65
C GLU C 9 15.67 -38.79 -8.15
N TYR C 10 16.96 -38.76 -8.48
CA TYR C 10 17.39 -38.89 -9.89
C TYR C 10 16.79 -37.78 -10.74
N ASN C 11 17.17 -36.54 -10.46
CA ASN C 11 16.54 -35.39 -11.11
C ASN C 11 17.53 -34.46 -11.81
N PRO C 12 18.17 -34.92 -12.90
CA PRO C 12 18.07 -36.23 -13.54
C PRO C 12 19.10 -37.24 -13.02
N PHE C 13 19.02 -38.49 -13.47
CA PHE C 13 20.03 -39.50 -13.11
C PHE C 13 21.33 -39.09 -13.79
N HIS C 14 22.40 -38.89 -13.02
CA HIS C 14 23.65 -38.41 -13.58
C HIS C 14 24.85 -39.31 -13.22
N ASN C 15 26.04 -38.86 -13.58
CA ASN C 15 27.23 -39.68 -13.37
C ASN C 15 27.51 -39.94 -11.89
N GLY C 16 27.14 -39.00 -11.02
CA GLY C 16 27.23 -39.22 -9.58
C GLY C 16 26.30 -40.35 -9.14
N HIS C 17 25.11 -40.38 -9.71
CA HIS C 17 24.17 -41.45 -9.40
C HIS C 17 24.69 -42.82 -9.87
N LEU C 18 25.39 -42.83 -11.00
CA LEU C 18 25.94 -44.08 -11.51
C LEU C 18 27.04 -44.56 -10.58
N TYR C 19 27.90 -43.64 -10.17
CA TYR C 19 28.97 -43.97 -9.25
C TYR C 19 28.40 -44.55 -7.95
N HIS C 20 27.34 -43.92 -7.44
CA HIS C 20 26.73 -44.40 -6.19
C HIS C 20 26.14 -45.81 -6.37
N LEU C 21 25.38 -46.00 -7.43
CA LEU C 21 24.72 -47.30 -7.65
C LEU C 21 25.78 -48.39 -7.84
N THR C 22 26.80 -48.09 -8.64
CA THR C 22 27.89 -49.03 -8.88
C THR C 22 28.62 -49.38 -7.59
N SER C 23 29.02 -48.37 -6.84
CA SER C 23 29.71 -48.57 -5.58
C SER C 23 28.87 -49.36 -4.56
N ALA C 24 27.58 -49.05 -4.49
CA ALA C 24 26.69 -49.71 -3.53
C ALA C 24 26.55 -51.20 -3.86
N ARG C 25 26.41 -51.52 -5.13
CA ARG C 25 26.33 -52.91 -5.57
C ARG C 25 27.63 -53.67 -5.32
N GLU C 26 28.77 -53.02 -5.56
CA GLU C 26 30.06 -53.65 -5.30
C GLU C 26 30.29 -53.88 -3.80
N LEU C 27 29.80 -52.94 -3.00
CA LEU C 27 29.92 -53.05 -1.56
C LEU C 27 29.02 -54.15 -0.97
N VAL C 28 27.76 -54.17 -1.38
CA VAL C 28 26.78 -55.08 -0.77
C VAL C 28 26.67 -56.43 -1.50
N LYS C 29 27.17 -56.48 -2.73
CA LYS C 29 26.95 -57.64 -3.62
C LYS C 29 25.52 -58.20 -3.49
N PRO C 30 24.50 -57.35 -3.73
CA PRO C 30 23.11 -57.78 -3.52
C PRO C 30 22.64 -58.78 -4.56
N ASP C 31 21.63 -59.57 -4.18
CA ASP C 31 20.98 -60.43 -5.16
C ASP C 31 19.99 -59.62 -5.98
N TYR C 32 19.39 -58.61 -5.36
CA TYR C 32 18.48 -57.70 -6.03
C TYR C 32 18.68 -56.28 -5.52
N THR C 33 18.27 -55.32 -6.32
CA THR C 33 18.40 -53.92 -5.94
C THR C 33 17.05 -53.23 -6.13
N ILE C 34 16.59 -52.60 -5.05
CA ILE C 34 15.30 -51.92 -5.02
C ILE C 34 15.50 -50.44 -4.67
N ALA C 35 14.93 -49.56 -5.48
CA ALA C 35 15.02 -48.12 -5.23
C ALA C 35 13.67 -47.60 -4.81
N VAL C 36 13.65 -46.73 -3.81
CA VAL C 36 12.45 -45.94 -3.54
C VAL C 36 12.75 -44.52 -4.01
N MET C 37 11.90 -44.00 -4.88
CA MET C 37 12.20 -42.78 -5.63
C MET C 37 11.07 -41.79 -5.53
N SER C 38 11.42 -40.52 -5.28
CA SER C 38 10.46 -39.44 -5.37
C SER C 38 9.84 -39.46 -6.75
N GLY C 39 8.58 -39.07 -6.80
CA GLY C 39 7.71 -39.09 -7.95
C GLY C 39 8.01 -37.89 -8.84
N ASN C 40 6.97 -37.13 -9.15
CA ASN C 40 7.13 -35.96 -10.00
C ASN C 40 7.54 -34.66 -9.30
N PHE C 41 7.66 -34.69 -7.97
CA PHE C 41 8.13 -33.56 -7.18
C PHE C 41 9.20 -34.04 -6.20
N CSD C 42 10.28 -33.27 -6.06
CA CSD C 42 11.36 -33.68 -5.20
CB CSD C 42 12.76 -33.60 -5.81
SG CSD C 42 13.09 -31.99 -6.50
C CSD C 42 11.38 -32.94 -3.87
O CSD C 42 10.63 -32.01 -3.59
OD1 CSD C 42 14.50 -32.03 -6.92
OD2 CSD C 42 13.32 -31.05 -5.12
N GLN C 43 12.31 -33.37 -3.04
CA GLN C 43 12.39 -32.94 -1.64
C GLN C 43 12.74 -31.45 -1.44
N ARG C 44 13.26 -30.81 -2.49
CA ARG C 44 13.57 -29.37 -2.43
C ARG C 44 12.38 -28.50 -2.86
N GLY C 45 11.23 -29.11 -3.13
CA GLY C 45 10.06 -28.33 -3.52
C GLY C 45 10.02 -27.96 -5.00
N GLU C 46 10.71 -28.75 -5.81
CA GLU C 46 10.73 -28.53 -7.26
C GLU C 46 10.10 -29.70 -8.00
N PRO C 47 9.56 -29.45 -9.21
CA PRO C 47 9.17 -30.58 -10.05
C PRO C 47 10.40 -31.35 -10.52
N ALA C 48 10.25 -32.64 -10.75
CA ALA C 48 11.29 -33.41 -11.44
C ALA C 48 11.36 -32.90 -12.87
N VAL C 49 12.56 -32.85 -13.44
CA VAL C 49 12.68 -32.21 -14.77
C VAL C 49 12.04 -33.06 -15.86
N ILE C 50 11.99 -34.36 -15.64
CA ILE C 50 11.16 -35.27 -16.44
C ILE C 50 10.42 -36.19 -15.47
N ASP C 51 9.39 -36.90 -15.94
CA ASP C 51 8.48 -37.48 -14.96
C ASP C 51 8.96 -38.83 -14.43
N LYS C 52 8.20 -39.35 -13.48
CA LYS C 52 8.63 -40.49 -12.69
C LYS C 52 8.68 -41.77 -13.52
N PHE C 53 7.88 -41.86 -14.58
CA PHE C 53 7.91 -43.05 -15.42
C PHE C 53 9.19 -43.11 -16.26
N ALA C 54 9.63 -41.94 -16.74
CA ALA C 54 10.88 -41.86 -17.49
C ALA C 54 12.07 -42.13 -16.58
N ARG C 55 12.06 -41.51 -15.40
CA ARG C 55 13.18 -41.67 -14.50
C ARG C 55 13.22 -43.09 -13.94
N ALA C 56 12.05 -43.71 -13.75
CA ALA C 56 12.04 -45.09 -13.29
C ALA C 56 12.66 -45.98 -14.37
N GLU C 57 12.35 -45.70 -15.63
CA GLU C 57 12.97 -46.48 -16.70
C GLU C 57 14.49 -46.33 -16.70
N ILE C 58 14.97 -45.10 -16.48
CA ILE C 58 16.42 -44.88 -16.44
C ILE C 58 17.04 -45.70 -15.31
N ALA C 59 16.41 -45.67 -14.14
CA ALA C 59 16.94 -46.40 -12.99
C ALA C 59 17.07 -47.89 -13.30
N LEU C 60 16.05 -48.46 -13.96
CA LEU C 60 16.08 -49.87 -14.35
C LEU C 60 17.26 -50.12 -15.29
N ARG C 61 17.42 -49.25 -16.28
CA ARG C 61 18.51 -49.45 -17.24
C ARG C 61 19.88 -49.30 -16.57
N MET C 62 19.95 -48.61 -15.44
CA MET C 62 21.23 -48.38 -14.78
C MET C 62 21.56 -49.47 -13.75
N GLY C 63 20.68 -50.46 -13.63
CA GLY C 63 20.91 -51.58 -12.74
C GLY C 63 20.02 -51.74 -11.53
N VAL C 64 19.01 -50.88 -11.38
CA VAL C 64 17.98 -51.10 -10.37
C VAL C 64 16.98 -52.16 -10.86
N ASP C 65 16.62 -53.13 -10.01
CA ASP C 65 15.69 -54.19 -10.40
C ASP C 65 14.21 -53.83 -10.23
N VAL C 66 13.91 -53.08 -9.18
CA VAL C 66 12.55 -52.64 -8.88
C VAL C 66 12.56 -51.18 -8.40
N VAL C 67 11.72 -50.34 -9.01
CA VAL C 67 11.58 -48.95 -8.58
C VAL C 67 10.21 -48.76 -7.92
N LEU C 68 10.23 -48.24 -6.68
CA LEU C 68 9.02 -47.92 -5.91
C LEU C 68 8.82 -46.41 -5.87
N GLU C 69 7.57 -45.94 -5.83
CA GLU C 69 7.36 -44.51 -5.59
C GLU C 69 7.36 -44.18 -4.11
N LEU C 70 8.18 -43.20 -3.73
CA LEU C 70 8.07 -42.56 -2.41
C LEU C 70 6.86 -41.65 -2.46
N PRO C 71 5.80 -41.98 -1.67
CA PRO C 71 4.57 -41.18 -1.72
C PRO C 71 4.83 -39.69 -1.51
N VAL C 72 4.09 -38.85 -2.21
CA VAL C 72 4.28 -37.39 -2.22
C VAL C 72 4.35 -36.80 -0.82
N VAL C 73 3.53 -37.31 0.10
CA VAL C 73 3.46 -36.74 1.43
C VAL C 73 4.83 -36.84 2.12
N PHE C 74 5.61 -37.87 1.79
CA PHE C 74 7.01 -37.95 2.27
C PHE C 74 8.05 -37.31 1.35
N ALA C 75 7.89 -37.50 0.05
CA ALA C 75 8.89 -37.06 -0.92
C ALA C 75 9.13 -35.55 -0.85
N THR C 76 8.09 -34.79 -0.54
CA THR C 76 8.18 -33.33 -0.51
C THR C 76 8.36 -32.76 0.90
N GLN C 77 8.60 -33.62 1.88
CA GLN C 77 8.84 -33.11 3.23
C GLN C 77 10.31 -32.76 3.48
N ASP C 78 10.60 -32.18 4.65
CA ASP C 78 11.98 -31.92 5.02
C ASP C 78 12.64 -33.28 5.30
N ALA C 79 13.92 -33.25 5.64
CA ALA C 79 14.73 -34.46 5.70
C ALA C 79 14.14 -35.51 6.65
N GLY C 80 13.62 -35.06 7.78
CA GLY C 80 13.05 -35.98 8.74
C GLY C 80 11.88 -36.78 8.16
N GLY C 81 10.95 -36.08 7.53
CA GLY C 81 9.77 -36.74 6.96
C GLY C 81 10.10 -37.57 5.74
N PHE C 82 10.96 -37.03 4.88
CA PHE C 82 11.43 -37.71 3.69
C PHE C 82 12.04 -39.06 4.03
N ALA C 83 12.97 -39.05 4.96
CA ALA C 83 13.71 -40.24 5.34
C ALA C 83 12.82 -41.28 6.04
N PHE C 84 11.85 -40.81 6.82
CA PHE C 84 10.95 -41.71 7.51
C PHE C 84 10.11 -42.46 6.48
N GLY C 85 9.55 -41.73 5.52
CA GLY C 85 8.78 -42.35 4.47
C GLY C 85 9.60 -43.36 3.70
N ALA C 86 10.84 -42.98 3.37
CA ALA C 86 11.66 -43.83 2.50
C ALA C 86 12.09 -45.11 3.20
N VAL C 87 12.50 -44.99 4.46
CA VAL C 87 12.92 -46.19 5.19
C VAL C 87 11.69 -47.09 5.46
N CYS C 88 10.54 -46.46 5.71
CA CYS C 88 9.31 -47.23 5.90
C CYS C 88 8.99 -48.05 4.65
N VAL C 89 9.06 -47.42 3.49
CA VAL C 89 8.77 -48.14 2.26
C VAL C 89 9.73 -49.32 2.09
N LEU C 90 11.02 -49.09 2.26
CA LEU C 90 12.01 -50.15 2.05
C LEU C 90 11.87 -51.24 3.08
N ASP C 91 11.56 -50.87 4.31
CA ASP C 91 11.40 -51.86 5.38
C ASP C 91 10.15 -52.72 5.12
N ALA C 92 9.11 -52.09 4.59
CA ALA C 92 7.85 -52.74 4.31
C ALA C 92 7.92 -53.78 3.19
N THR C 93 8.95 -53.71 2.34
CA THR C 93 9.07 -54.69 1.26
C THR C 93 9.27 -56.07 1.86
N GLY C 94 9.81 -56.10 3.07
CA GLY C 94 10.14 -57.32 3.76
C GLY C 94 11.38 -58.03 3.25
N VAL C 95 11.99 -57.53 2.17
CA VAL C 95 13.23 -58.14 1.68
C VAL C 95 14.53 -57.32 1.77
N VAL C 96 14.45 -56.02 2.06
CA VAL C 96 15.67 -55.18 2.02
C VAL C 96 16.56 -55.44 3.23
N THR C 97 17.82 -55.82 2.99
CA THR C 97 18.78 -56.06 4.07
C THR C 97 19.85 -54.97 4.31
N ASP C 98 20.10 -54.16 3.29
CA ASP C 98 21.22 -53.23 3.29
C ASP C 98 20.82 -52.00 2.49
N VAL C 99 21.11 -50.82 3.04
CA VAL C 99 20.86 -49.58 2.33
C VAL C 99 22.16 -48.78 2.26
N VAL C 100 22.47 -48.25 1.09
CA VAL C 100 23.71 -47.49 0.92
C VAL C 100 23.38 -46.07 0.47
N PHE C 101 23.95 -45.06 1.14
CA PHE C 101 23.76 -43.69 0.68
C PHE C 101 25.10 -42.95 0.54
N GLY C 102 25.12 -41.97 -0.35
CA GLY C 102 26.31 -41.14 -0.50
C GLY C 102 26.46 -40.20 0.68
N SER C 103 27.70 -39.90 1.05
CA SER C 103 27.99 -39.19 2.26
C SER C 103 29.21 -38.28 2.06
N GLU C 104 29.14 -37.07 2.60
CA GLU C 104 30.27 -36.15 2.49
C GLU C 104 31.41 -36.61 3.39
N SER C 105 31.06 -37.06 4.58
CA SER C 105 32.07 -37.52 5.54
C SER C 105 32.52 -38.93 5.25
N ASN C 106 31.63 -39.73 4.66
CA ASN C 106 31.85 -41.17 4.49
C ASN C 106 32.19 -41.84 5.82
N ASP C 107 31.64 -41.32 6.90
CA ASP C 107 31.92 -41.86 8.22
C ASP C 107 30.62 -42.43 8.79
N ILE C 108 30.42 -43.74 8.63
CA ILE C 108 29.14 -44.34 9.00
C ILE C 108 29.04 -44.40 10.51
N GLU C 109 30.19 -44.57 11.18
CA GLU C 109 30.22 -44.64 12.64
C GLU C 109 29.79 -43.32 13.26
N PHE C 110 30.25 -42.22 12.68
CA PHE C 110 29.83 -40.90 13.12
C PHE C 110 28.31 -40.75 12.96
N LEU C 111 27.80 -41.13 11.79
CA LEU C 111 26.36 -40.98 11.54
C LEU C 111 25.56 -41.84 12.49
N GLN C 112 26.04 -43.05 12.79
CA GLN C 112 25.36 -43.96 13.71
C GLN C 112 25.36 -43.35 15.12
N ARG C 113 26.47 -42.75 15.51
CA ARG C 113 26.57 -42.09 16.82
C ARG C 113 25.49 -41.04 16.99
N VAL C 114 25.35 -40.19 15.98
CA VAL C 114 24.40 -39.08 16.05
C VAL C 114 22.97 -39.60 16.04
N ALA C 115 22.70 -40.57 15.18
CA ALA C 115 21.35 -41.14 15.10
C ALA C 115 20.98 -41.79 16.44
N ARG C 116 21.95 -42.45 17.06
CA ARG C 116 21.72 -43.10 18.33
C ARG C 116 21.36 -42.09 19.43
N ILE C 117 22.04 -40.95 19.42
CA ILE C 117 21.78 -39.91 20.42
C ILE C 117 20.36 -39.38 20.20
N LEU C 118 20.03 -39.10 18.94
CA LEU C 118 18.71 -38.57 18.63
C LEU C 118 17.59 -39.57 18.93
N TYR C 119 17.88 -40.85 18.77
CA TYR C 119 16.87 -41.88 19.04
C TYR C 119 16.74 -42.15 20.54
N GLU C 120 17.86 -42.35 21.22
CA GLU C 120 17.82 -42.74 22.63
C GLU C 120 17.61 -41.54 23.55
N GLN C 121 17.85 -40.34 23.05
CA GLN C 121 17.62 -39.12 23.84
C GLN C 121 18.23 -39.18 25.24
N PRO C 122 19.55 -39.41 25.34
CA PRO C 122 20.17 -39.46 26.66
C PRO C 122 19.95 -38.13 27.39
N ASP C 123 19.84 -38.17 28.71
CA ASP C 123 19.44 -37.00 29.49
C ASP C 123 20.34 -35.78 29.29
N GLU C 124 21.66 -35.99 29.23
CA GLU C 124 22.58 -34.88 29.08
C GLU C 124 22.31 -34.11 27.78
N TYR C 125 21.98 -34.86 26.74
CA TYR C 125 21.60 -34.24 25.46
C TYR C 125 20.33 -33.43 25.58
N GLN C 126 19.34 -34.00 26.28
CA GLN C 126 18.06 -33.32 26.48
C GLN C 126 18.26 -32.01 27.23
N LYS C 127 19.15 -32.03 28.23
CA LYS C 127 19.45 -30.82 28.99
C LYS C 127 20.05 -29.75 28.09
N PHE C 128 21.07 -30.13 27.33
CA PHE C 128 21.74 -29.20 26.42
C PHE C 128 20.76 -28.64 25.40
N LEU C 129 19.90 -29.50 24.86
CA LEU C 129 18.92 -29.08 23.85
C LEU C 129 17.98 -28.03 24.43
N HIS C 130 17.42 -28.35 25.60
CA HIS C 130 16.55 -27.44 26.33
C HIS C 130 17.22 -26.07 26.48
N GLU C 131 18.45 -26.08 27.01
CA GLU C 131 19.20 -24.85 27.23
C GLU C 131 19.40 -24.04 25.94
N GLU C 132 19.82 -24.70 24.87
CA GLU C 132 20.02 -24.02 23.60
C GLU C 132 18.71 -23.43 23.05
N LEU C 133 17.62 -24.16 23.21
CA LEU C 133 16.30 -23.69 22.75
C LEU C 133 15.84 -22.49 23.57
N LYS C 134 16.18 -22.47 24.86
CA LYS C 134 15.85 -21.35 25.74
C LYS C 134 16.54 -20.06 25.31
N LYS C 135 17.72 -20.20 24.74
CA LYS C 135 18.50 -19.04 24.30
C LYS C 135 17.94 -18.45 23.01
N GLY C 136 16.97 -19.14 22.41
CA GLY C 136 16.24 -18.60 21.28
C GLY C 136 16.64 -19.18 19.94
N TYR C 137 17.45 -20.23 19.96
CA TYR C 137 17.91 -20.84 18.72
C TYR C 137 16.80 -21.64 18.06
N SER C 138 16.85 -21.70 16.73
CA SER C 138 15.98 -22.58 15.98
C SER C 138 16.32 -24.03 16.34
N PHE C 139 15.33 -24.91 16.25
CA PHE C 139 15.53 -26.30 16.63
C PHE C 139 16.74 -26.93 15.94
N PRO C 140 16.90 -26.76 14.61
CA PRO C 140 18.09 -27.39 14.01
C PRO C 140 19.42 -26.82 14.54
N ASN C 141 19.50 -25.50 14.75
CA ASN C 141 20.69 -24.93 15.36
C ASN C 141 20.90 -25.42 16.78
N ALA C 142 19.83 -25.42 17.57
CA ALA C 142 19.90 -25.88 18.95
C ALA C 142 20.28 -27.36 19.03
N ARG C 143 19.73 -28.16 18.13
CA ARG C 143 20.07 -29.57 18.03
C ARG C 143 21.57 -29.71 17.75
N LYS C 144 22.05 -28.94 16.78
CA LYS C 144 23.45 -28.96 16.39
C LYS C 144 24.35 -28.61 17.59
N TYR C 145 23.99 -27.55 18.31
CA TYR C 145 24.84 -27.09 19.41
C TYR C 145 24.75 -28.04 20.60
N ALA C 146 23.58 -28.64 20.77
CA ALA C 146 23.40 -29.62 21.83
C ALA C 146 24.21 -30.89 21.52
N LEU C 147 24.22 -31.29 20.25
CA LEU C 147 25.03 -32.44 19.83
C LEU C 147 26.52 -32.16 20.04
N MET C 148 26.95 -30.95 19.68
CA MET C 148 28.35 -30.55 19.88
C MET C 148 28.74 -30.64 21.35
N ARG C 149 27.89 -30.11 22.23
CA ARG C 149 28.15 -30.17 23.66
C ARG C 149 28.13 -31.60 24.20
N TYR C 150 27.23 -32.44 23.68
CA TYR C 150 27.21 -33.84 24.06
C TYR C 150 28.50 -34.53 23.61
N PHE C 151 28.90 -34.26 22.37
CA PHE C 151 30.18 -34.73 21.87
C PHE C 151 31.34 -34.28 22.74
N SER C 152 31.38 -32.99 23.06
CA SER C 152 32.43 -32.47 23.92
C SER C 152 32.48 -33.24 25.24
N MET C 153 31.33 -33.50 25.83
CA MET C 153 31.24 -34.26 27.08
C MET C 153 31.80 -35.69 26.97
N LYS C 154 31.62 -36.32 25.81
CA LYS C 154 32.14 -37.66 25.58
C LYS C 154 33.64 -37.66 25.26
N GLY C 155 34.20 -36.48 25.04
CA GLY C 155 35.59 -36.37 24.63
C GLY C 155 35.71 -36.54 23.13
N TRP C 156 34.62 -36.30 22.43
CA TRP C 156 34.63 -36.37 20.98
C TRP C 156 34.76 -34.95 20.43
N ASN C 157 35.43 -34.78 19.31
CA ASN C 157 35.60 -33.45 18.72
C ASN C 157 34.27 -32.96 18.15
N GLU C 158 33.83 -31.78 18.61
CA GLU C 158 32.52 -31.28 18.20
C GLU C 158 32.51 -30.74 16.77
N GLU C 159 33.69 -30.38 16.27
CA GLU C 159 33.82 -29.91 14.89
C GLU C 159 33.26 -30.95 13.93
N GLU C 160 33.36 -32.23 14.31
CA GLU C 160 32.76 -33.29 13.52
C GLU C 160 31.28 -33.04 13.24
N VAL C 161 30.55 -32.53 14.22
CA VAL C 161 29.11 -32.30 14.08
C VAL C 161 28.81 -31.30 12.94
N LEU C 162 29.81 -30.49 12.56
CA LEU C 162 29.66 -29.64 11.38
C LEU C 162 29.40 -30.48 10.13
N LYS C 163 29.77 -31.76 10.17
CA LYS C 163 29.49 -32.66 9.05
C LYS C 163 27.99 -32.63 8.71
N LEU C 164 27.17 -32.33 9.72
CA LEU C 164 25.72 -32.35 9.57
C LEU C 164 25.18 -31.05 8.99
N GLU C 165 26.07 -30.16 8.59
CA GLU C 165 25.65 -29.03 7.78
C GLU C 165 25.49 -29.45 6.32
N LYS C 166 25.94 -30.65 6.00
CA LYS C 166 25.91 -31.15 4.62
C LYS C 166 24.69 -32.03 4.35
N SER C 167 24.02 -31.77 3.23
CA SER C 167 22.72 -32.38 2.92
C SER C 167 22.68 -33.92 2.97
N ASN C 168 23.69 -34.58 2.40
CA ASN C 168 23.58 -36.03 2.33
C ASN C 168 23.78 -36.69 3.69
N ASP C 169 24.63 -36.08 4.52
CA ASP C 169 24.90 -36.66 5.83
C ASP C 169 23.76 -36.42 6.78
N ILE C 170 23.08 -35.28 6.63
CA ILE C 170 21.83 -35.00 7.33
C ILE C 170 20.80 -36.11 7.05
N LEU C 171 20.59 -36.41 5.78
CA LEU C 171 19.67 -37.46 5.38
C LEU C 171 20.11 -38.79 5.95
N GLY C 172 21.41 -39.03 5.93
CA GLY C 172 21.98 -40.28 6.41
C GLY C 172 21.63 -40.53 7.86
N VAL C 173 21.83 -39.52 8.69
CA VAL C 173 21.42 -39.63 10.10
C VAL C 173 19.93 -39.94 10.20
N GLU C 174 19.11 -39.27 9.37
CA GLU C 174 17.67 -39.43 9.44
C GLU C 174 17.22 -40.82 8.98
N TYR C 175 17.91 -41.40 7.99
CA TYR C 175 17.59 -42.78 7.60
C TYR C 175 17.82 -43.72 8.77
N ILE C 176 18.97 -43.58 9.41
CA ILE C 176 19.34 -44.48 10.49
C ILE C 176 18.40 -44.28 11.65
N HIS C 177 18.12 -43.01 11.96
CA HIS C 177 17.17 -42.70 13.03
C HIS C 177 15.78 -43.31 12.75
N SER C 178 15.26 -43.10 11.53
CA SER C 178 13.98 -43.70 11.13
C SER C 178 13.96 -45.24 11.30
N ALA C 179 15.04 -45.88 10.90
CA ALA C 179 15.14 -47.34 11.06
C ALA C 179 15.05 -47.71 12.55
N LEU C 180 15.77 -46.97 13.40
CA LEU C 180 15.72 -47.25 14.83
C LEU C 180 14.29 -47.13 15.38
N LYS C 181 13.61 -46.07 14.97
CA LYS C 181 12.22 -45.82 15.37
C LYS C 181 11.27 -46.96 14.98
N ILE C 182 11.38 -47.50 13.78
CA ILE C 182 10.40 -48.48 13.38
C ILE C 182 10.88 -49.89 13.67
N GLY C 183 12.05 -50.02 14.29
CA GLY C 183 12.57 -51.33 14.67
C GLY C 183 13.09 -52.13 13.49
N SER C 184 13.61 -51.43 12.48
CA SER C 184 14.14 -52.08 11.29
C SER C 184 15.53 -52.65 11.52
N ASN C 185 15.76 -53.83 10.94
CA ASN C 185 17.05 -54.51 10.99
C ASN C 185 17.96 -54.13 9.83
N ILE C 186 17.52 -53.19 9.00
CA ILE C 186 18.32 -52.83 7.84
C ILE C 186 19.70 -52.32 8.26
N ARG C 187 20.72 -52.74 7.53
CA ARG C 187 22.08 -52.26 7.75
C ARG C 187 22.34 -51.09 6.83
N PHE C 188 22.94 -50.02 7.37
CA PHE C 188 23.16 -48.80 6.61
C PHE C 188 24.63 -48.61 6.35
N HIS C 189 24.97 -48.16 5.15
CA HIS C 189 26.35 -47.94 4.76
C HIS C 189 26.51 -46.62 4.04
N THR C 190 27.70 -46.05 4.13
CA THR C 190 28.03 -44.86 3.34
C THR C 190 28.99 -45.19 2.22
N ILE C 191 28.90 -44.44 1.12
CA ILE C 191 30.00 -44.35 0.17
C ILE C 191 30.32 -42.86 0.04
N LYS C 192 31.59 -42.56 -0.26
CA LYS C 192 32.04 -41.19 -0.35
C LYS C 192 31.48 -40.50 -1.59
N ARG C 193 30.98 -39.28 -1.43
CA ARG C 193 30.50 -38.51 -2.58
C ARG C 193 31.67 -37.97 -3.39
N VAL C 194 31.53 -38.04 -4.71
CA VAL C 194 32.57 -37.59 -5.62
C VAL C 194 32.11 -36.38 -6.44
N ARG C 206 32.56 -33.80 -15.39
CA ARG C 206 31.88 -35.10 -15.51
C ARG C 206 30.90 -35.34 -14.38
N PHE C 207 31.23 -34.84 -13.19
CA PHE C 207 30.45 -35.11 -11.95
C PHE C 207 29.49 -34.04 -11.38
N SER C 208 29.05 -33.10 -12.20
CA SER C 208 28.11 -32.07 -11.77
C SER C 208 26.85 -32.52 -11.00
N SER C 209 26.43 -31.68 -10.07
CA SER C 209 25.21 -31.92 -9.29
C SER C 209 23.96 -31.86 -10.16
N ALA C 210 22.87 -32.47 -9.68
CA ALA C 210 21.60 -32.45 -10.39
C ALA C 210 21.11 -31.02 -10.64
N THR C 211 21.30 -30.15 -9.66
CA THR C 211 20.86 -28.75 -9.78
C THR C 211 21.66 -28.00 -10.84
N ALA C 212 22.98 -28.23 -10.83
CA ALA C 212 23.84 -27.62 -11.85
C ALA C 212 23.42 -28.11 -13.23
N ILE C 213 23.06 -29.38 -13.30
CA ILE C 213 22.70 -29.97 -14.58
C ILE C 213 21.40 -29.37 -15.08
N ARG C 214 20.43 -29.18 -14.18
CA ARG C 214 19.17 -28.56 -14.58
C ARG C 214 19.40 -27.13 -15.07
N ASN C 215 20.36 -26.44 -14.46
CA ASN C 215 20.72 -25.12 -14.94
C ASN C 215 21.40 -25.17 -16.31
N LEU C 216 22.24 -26.17 -16.54
CA LEU C 216 22.79 -26.40 -17.88
C LEU C 216 21.68 -26.61 -18.91
N MET C 217 20.65 -27.36 -18.52
CA MET C 217 19.51 -27.58 -19.40
C MET C 217 18.80 -26.28 -19.70
N ARG C 218 18.61 -25.45 -18.67
CA ARG C 218 17.96 -24.16 -18.86
C ARG C 218 18.70 -23.32 -19.88
N GLU C 219 20.03 -23.44 -19.88
CA GLU C 219 20.88 -22.64 -20.75
C GLU C 219 21.11 -23.34 -22.08
N LYS C 220 20.47 -24.49 -22.25
CA LYS C 220 20.57 -25.27 -23.48
C LYS C 220 22.01 -25.64 -23.79
N ARG C 221 22.81 -25.91 -22.77
CA ARG C 221 24.14 -26.38 -23.07
C ARG C 221 24.06 -27.89 -23.01
N TRP C 222 23.74 -28.49 -24.15
CA TRP C 222 23.35 -29.89 -24.15
C TRP C 222 24.56 -30.81 -24.14
N GLU C 223 25.67 -30.34 -24.69
CA GLU C 223 26.88 -31.15 -24.71
C GLU C 223 27.40 -31.32 -23.28
N GLU C 224 27.30 -30.28 -22.48
CA GLU C 224 27.75 -30.36 -21.10
C GLU C 224 26.78 -31.22 -20.29
N VAL C 225 25.50 -31.12 -20.61
CA VAL C 225 24.52 -32.01 -20.01
C VAL C 225 24.92 -33.44 -20.33
N ARG C 226 25.12 -33.72 -21.61
CA ARG C 226 25.50 -35.05 -22.04
C ARG C 226 26.76 -35.54 -21.33
N ASP C 227 27.73 -34.66 -21.13
CA ASP C 227 28.99 -35.07 -20.52
C ASP C 227 28.79 -35.43 -19.05
N SER C 228 27.66 -34.99 -18.49
CA SER C 228 27.38 -35.18 -17.06
C SER C 228 26.49 -36.38 -16.74
N LEU C 229 26.00 -37.05 -17.78
CA LEU C 229 25.04 -38.15 -17.61
C LEU C 229 25.50 -39.43 -18.30
N PRO C 230 25.09 -40.59 -17.76
CA PRO C 230 25.23 -41.85 -18.52
C PRO C 230 24.47 -41.76 -19.84
N GLU C 231 24.92 -42.47 -20.87
CA GLU C 231 24.27 -42.40 -22.18
C GLU C 231 22.77 -42.76 -22.15
N ASP C 232 22.40 -43.79 -21.40
CA ASP C 232 20.99 -44.19 -21.33
C ASP C 232 20.12 -43.13 -20.65
N SER C 233 20.66 -42.43 -19.66
CA SER C 233 19.93 -41.36 -19.01
C SER C 233 19.74 -40.19 -19.98
N PHE C 234 20.81 -39.80 -20.67
CA PHE C 234 20.72 -38.71 -21.63
C PHE C 234 19.75 -39.06 -22.76
N GLU C 235 19.76 -40.31 -23.20
CA GLU C 235 18.86 -40.72 -24.28
C GLU C 235 17.40 -40.54 -23.86
N ILE C 236 17.07 -40.95 -22.65
CA ILE C 236 15.68 -40.86 -22.21
C ILE C 236 15.33 -39.42 -21.82
N LEU C 237 16.28 -38.68 -21.25
CA LEU C 237 16.09 -37.25 -21.01
C LEU C 237 15.66 -36.54 -22.30
N MET C 238 16.44 -36.70 -23.36
CA MET C 238 16.09 -36.04 -24.61
C MET C 238 14.86 -36.65 -25.30
N ARG C 239 14.59 -37.93 -25.03
CA ARG C 239 13.37 -38.57 -25.54
C ARG C 239 12.14 -37.85 -25.01
N GLU C 240 12.09 -37.66 -23.69
CA GLU C 240 11.00 -36.93 -23.07
C GLU C 240 10.87 -35.53 -23.66
N ILE C 241 12.02 -34.86 -23.84
CA ILE C 241 12.00 -33.49 -24.33
C ILE C 241 11.50 -33.48 -25.76
N ASN C 242 12.03 -34.40 -26.56
CA ASN C 242 11.67 -34.51 -27.96
C ASN C 242 10.19 -34.78 -28.20
N GLU C 243 9.58 -35.55 -27.31
CA GLU C 243 8.17 -35.92 -27.48
C GLU C 243 7.23 -34.94 -26.74
N GLY C 244 7.81 -33.92 -26.10
CA GLY C 244 7.02 -32.84 -25.53
C GLY C 244 6.64 -33.02 -24.05
N ARG C 245 7.31 -33.95 -23.39
CA ARG C 245 7.06 -34.20 -21.96
C ARG C 245 8.13 -33.58 -21.06
N GLY C 246 8.98 -32.75 -21.62
CA GLY C 246 10.00 -32.08 -20.83
C GLY C 246 10.69 -31.00 -21.61
N PRO C 247 11.54 -30.22 -20.94
CA PRO C 247 11.80 -30.27 -19.50
C PRO C 247 10.67 -29.60 -18.70
N VAL C 248 10.47 -30.00 -17.46
CA VAL C 248 9.55 -29.29 -16.59
C VAL C 248 10.34 -28.59 -15.51
N PHE C 249 10.23 -27.26 -15.45
CA PHE C 249 10.99 -26.46 -14.48
C PHE C 249 10.04 -25.77 -13.50
N LEU C 250 10.52 -25.49 -12.30
CA LEU C 250 9.67 -24.83 -11.30
C LEU C 250 9.08 -23.53 -11.83
N GLU C 251 9.87 -22.76 -12.58
CA GLU C 251 9.37 -21.47 -13.09
C GLU C 251 8.21 -21.65 -14.09
N ASN C 252 8.07 -22.82 -14.71
CA ASN C 252 6.91 -23.10 -15.57
C ASN C 252 5.61 -23.14 -14.76
N MET C 253 5.74 -23.55 -13.50
CA MET C 253 4.60 -23.67 -12.58
C MET C 253 4.37 -22.42 -11.76
N GLY C 254 5.27 -21.47 -11.90
CA GLY C 254 5.35 -20.34 -10.99
C GLY C 254 4.15 -19.44 -11.06
N ASP C 255 3.71 -19.08 -12.27
CA ASP C 255 2.52 -18.26 -12.40
C ASP C 255 1.30 -18.94 -11.77
N PHE C 256 1.17 -20.26 -11.94
CA PHE C 256 0.04 -20.95 -11.30
C PHE C 256 0.11 -20.79 -9.80
N LEU C 257 1.24 -21.14 -9.22
CA LEU C 257 1.39 -21.09 -7.76
C LEU C 257 1.08 -19.70 -7.21
N LEU C 258 1.65 -18.67 -7.83
CA LEU C 258 1.45 -17.31 -7.33
C LEU C 258 -0.02 -16.88 -7.45
N SER C 259 -0.62 -17.12 -8.62
CA SER C 259 -2.04 -16.82 -8.82
C SER C 259 -2.89 -17.58 -7.83
N PHE C 260 -2.55 -18.86 -7.61
CA PHE C 260 -3.28 -19.68 -6.65
C PHE C 260 -3.21 -19.08 -5.23
N PHE C 261 -2.01 -18.72 -4.79
CA PHE C 261 -1.84 -18.15 -3.44
C PHE C 261 -2.61 -16.85 -3.31
N ARG C 262 -2.66 -16.09 -4.38
CA ARG C 262 -3.40 -14.83 -4.40
C ARG C 262 -4.88 -15.00 -4.11
N LEU C 263 -5.41 -16.18 -4.44
CA LEU C 263 -6.81 -16.44 -4.21
C LEU C 263 -7.13 -16.79 -2.76
N LYS C 264 -6.10 -17.04 -1.95
CA LYS C 264 -6.33 -17.63 -0.61
C LYS C 264 -6.29 -16.59 0.50
N ASN C 265 -7.08 -16.78 1.56
CA ASN C 265 -6.91 -15.94 2.75
C ASN C 265 -5.96 -16.61 3.75
N MET C 266 -5.66 -15.91 4.85
CA MET C 266 -4.61 -16.36 5.76
C MET C 266 -5.04 -17.60 6.52
N ASP C 267 -6.35 -17.71 6.71
CA ASP C 267 -6.97 -18.86 7.36
C ASP C 267 -6.68 -20.14 6.59
N PHE C 268 -6.48 -20.01 5.28
CA PHE C 268 -6.19 -21.19 4.48
C PHE C 268 -4.82 -21.77 4.82
N PHE C 269 -3.80 -20.91 4.90
CA PHE C 269 -2.44 -21.39 5.10
C PHE C 269 -2.28 -21.96 6.50
N GLU C 270 -3.05 -21.44 7.45
CA GLU C 270 -2.95 -21.94 8.82
C GLU C 270 -3.25 -23.46 8.93
N LYS C 271 -4.05 -24.00 8.03
CA LYS C 271 -4.40 -25.42 8.05
C LYS C 271 -3.40 -26.33 7.32
N ILE C 272 -2.49 -25.72 6.56
CA ILE C 272 -1.52 -26.44 5.75
C ILE C 272 -0.30 -26.87 6.57
N HIS C 273 0.15 -28.10 6.39
CA HIS C 273 1.29 -28.56 7.16
C HIS C 273 2.54 -27.69 6.93
N GLY C 274 3.29 -27.44 7.99
CA GLY C 274 4.55 -26.72 7.88
C GLY C 274 4.48 -25.23 8.20
N PHE C 275 3.27 -24.67 8.21
CA PHE C 275 3.13 -23.24 8.47
C PHE C 275 3.24 -22.91 9.94
N SER C 276 4.16 -22.01 10.25
CA SER C 276 4.36 -21.48 11.59
C SER C 276 5.30 -20.29 11.45
N GLU C 277 5.62 -19.66 12.57
CA GLU C 277 6.59 -18.56 12.61
C GLU C 277 6.23 -17.40 11.70
N GLY C 278 4.94 -17.12 11.56
CA GLY C 278 4.49 -16.01 10.73
C GLY C 278 4.48 -16.26 9.23
N LEU C 279 4.67 -17.50 8.81
CA LEU C 279 4.77 -17.77 7.37
C LEU C 279 3.44 -17.61 6.66
N GLU C 280 2.33 -17.79 7.36
CA GLU C 280 1.02 -17.56 6.76
C GLU C 280 0.93 -16.13 6.26
N LYS C 281 1.29 -15.18 7.12
CA LYS C 281 1.19 -13.77 6.76
C LYS C 281 2.14 -13.45 5.60
N ARG C 282 3.32 -14.06 5.61
CA ARG C 282 4.28 -13.80 4.53
C ARG C 282 3.78 -14.29 3.19
N PHE C 283 3.21 -15.50 3.16
CA PHE C 283 2.64 -16.03 1.93
C PHE C 283 1.56 -15.09 1.44
N HIS C 284 0.70 -14.66 2.36
CA HIS C 284 -0.46 -13.85 2.02
C HIS C 284 -0.03 -12.51 1.45
N VAL C 285 0.84 -11.83 2.18
CA VAL C 285 1.31 -10.50 1.77
C VAL C 285 2.15 -10.55 0.50
N CYS C 286 3.12 -11.46 0.45
CA CYS C 286 4.02 -11.56 -0.72
C CYS C 286 3.32 -11.99 -2.00
N ALA C 287 2.26 -12.80 -1.89
CA ALA C 287 1.53 -13.22 -3.09
C ALA C 287 0.85 -12.03 -3.74
N ARG C 288 0.46 -11.06 -2.92
CA ARG C 288 -0.18 -9.87 -3.43
C ARG C 288 0.81 -8.80 -3.85
N GLN C 289 1.97 -8.75 -3.23
CA GLN C 289 2.94 -7.69 -3.51
C GLN C 289 3.78 -7.98 -4.73
N THR C 290 4.03 -9.26 -5.02
CA THR C 290 4.94 -9.56 -6.12
C THR C 290 4.25 -10.07 -7.39
N GLY C 291 5.03 -10.16 -8.47
CA GLY C 291 4.47 -10.46 -9.78
C GLY C 291 4.89 -11.75 -10.44
N SER C 292 5.82 -12.46 -9.82
CA SER C 292 6.34 -13.72 -10.36
C SER C 292 6.72 -14.57 -9.18
N TYR C 293 6.73 -15.88 -9.39
CA TYR C 293 6.99 -16.79 -8.28
C TYR C 293 8.41 -16.64 -7.74
N ARG C 294 9.36 -16.35 -8.62
CA ARG C 294 10.73 -16.12 -8.16
C ARG C 294 10.75 -14.91 -7.19
N ASP C 295 10.04 -13.85 -7.56
CA ASP C 295 10.02 -12.66 -6.71
C ASP C 295 9.26 -12.96 -5.41
N PHE C 296 8.19 -13.75 -5.54
CA PHE C 296 7.43 -14.22 -4.38
C PHE C 296 8.31 -14.96 -3.38
N LEU C 297 9.08 -15.93 -3.86
CA LEU C 297 9.96 -16.73 -3.00
C LEU C 297 10.97 -15.85 -2.28
N GLU C 298 11.54 -14.89 -3.02
CA GLU C 298 12.48 -13.93 -2.42
C GLU C 298 11.80 -13.00 -1.40
N CYS C 299 10.55 -12.63 -1.67
CA CYS C 299 9.78 -11.84 -0.71
C CYS C 299 9.55 -12.60 0.61
N VAL C 300 9.28 -13.90 0.51
CA VAL C 300 9.01 -14.69 1.72
C VAL C 300 10.30 -15.02 2.45
N LYS C 301 11.38 -15.21 1.68
CA LYS C 301 12.69 -15.50 2.23
C LYS C 301 13.11 -14.49 3.30
N ALA C 302 13.60 -15.01 4.42
CA ALA C 302 14.31 -14.26 5.44
C ALA C 302 15.45 -15.13 5.91
N LYS C 303 16.39 -14.55 6.65
CA LYS C 303 17.55 -15.27 7.16
C LYS C 303 17.16 -16.60 7.80
N ARG C 304 16.06 -16.63 8.54
CA ARG C 304 15.67 -17.85 9.26
C ARG C 304 14.89 -18.88 8.43
N PHE C 305 14.60 -18.60 7.16
CA PHE C 305 13.90 -19.56 6.31
C PHE C 305 14.78 -19.98 5.13
N THR C 306 14.87 -21.27 4.85
CA THR C 306 15.53 -21.72 3.63
C THR C 306 14.55 -21.64 2.45
N PHE C 307 15.10 -21.49 1.25
CA PHE C 307 14.25 -21.53 0.07
C PHE C 307 13.53 -22.87 -0.06
N SER C 308 14.18 -23.96 0.32
CA SER C 308 13.56 -25.28 0.15
C SER C 308 12.34 -25.40 1.06
N ARG C 309 12.44 -24.83 2.27
CA ARG C 309 11.30 -24.87 3.17
C ARG C 309 10.12 -24.13 2.56
N ILE C 310 10.40 -22.96 1.99
CA ILE C 310 9.35 -22.14 1.38
C ILE C 310 8.76 -22.82 0.14
N ARG C 311 9.60 -23.40 -0.72
CA ARG C 311 9.13 -24.14 -1.89
C ARG C 311 8.27 -25.34 -1.49
N ARG C 312 8.70 -26.07 -0.46
CA ARG C 312 7.88 -27.15 0.10
C ARG C 312 6.51 -26.68 0.50
N LEU C 313 6.47 -25.61 1.29
CA LEU C 313 5.22 -25.06 1.78
C LEU C 313 4.31 -24.68 0.61
N ALA C 314 4.92 -24.25 -0.50
CA ALA C 314 4.13 -23.86 -1.65
C ALA C 314 3.46 -25.09 -2.26
N LEU C 315 4.18 -26.21 -2.28
CA LEU C 315 3.58 -27.44 -2.81
C LEU C 315 2.50 -27.96 -1.87
N PHE C 316 2.77 -27.96 -0.57
CA PHE C 316 1.74 -28.42 0.39
C PHE C 316 0.48 -27.55 0.27
N SER C 317 0.66 -26.27 -0.04
CA SER C 317 -0.50 -25.38 -0.17
C SER C 317 -1.31 -25.70 -1.42
N VAL C 318 -0.65 -25.79 -2.56
CA VAL C 318 -1.37 -26.03 -3.80
C VAL C 318 -2.03 -27.41 -3.82
N PHE C 319 -1.47 -28.38 -3.08
CA PHE C 319 -2.05 -29.71 -2.99
C PHE C 319 -2.96 -29.85 -1.77
N GLU C 320 -3.09 -28.75 -1.03
CA GLU C 320 -3.91 -28.72 0.18
C GLU C 320 -3.55 -29.86 1.13
N VAL C 321 -2.26 -29.93 1.47
CA VAL C 321 -1.78 -30.98 2.34
C VAL C 321 -1.86 -30.47 3.79
N ASN C 322 -2.88 -30.94 4.49
CA ASN C 322 -3.23 -30.43 5.81
C ASN C 322 -2.42 -31.04 6.95
N LYS C 323 -2.38 -30.35 8.09
CA LYS C 323 -1.57 -30.75 9.23
C LYS C 323 -1.92 -32.14 9.75
N GLU C 324 -3.21 -32.45 9.89
CA GLU C 324 -3.60 -33.74 10.46
C GLU C 324 -3.16 -34.89 9.58
N PHE C 325 -3.30 -34.73 8.27
CA PHE C 325 -2.89 -35.76 7.30
C PHE C 325 -1.39 -36.06 7.39
N VAL C 326 -0.57 -35.03 7.50
CA VAL C 326 0.88 -35.23 7.58
C VAL C 326 1.23 -35.84 8.94
N GLU C 327 0.51 -35.42 9.97
CA GLU C 327 0.75 -35.97 11.30
C GLU C 327 0.50 -37.49 11.32
N LYS C 328 -0.60 -37.92 10.73
CA LYS C 328 -0.89 -39.35 10.68
C LYS C 328 0.13 -40.08 9.80
N SER C 329 0.47 -39.46 8.67
CA SER C 329 1.45 -40.02 7.77
C SER C 329 2.80 -40.20 8.46
N ASN C 330 3.19 -39.24 9.29
CA ASN C 330 4.50 -39.28 9.94
C ASN C 330 4.48 -40.18 11.16
N THR C 331 3.28 -40.63 11.50
CA THR C 331 3.07 -41.56 12.60
C THR C 331 2.99 -42.98 12.07
N LYS C 332 2.03 -43.22 11.18
CA LYS C 332 1.75 -44.57 10.68
C LYS C 332 2.55 -44.94 9.43
N GLY C 333 3.15 -43.94 8.78
CA GLY C 333 3.99 -44.20 7.64
C GLY C 333 3.18 -44.40 6.37
N PRO C 334 3.83 -44.74 5.26
CA PRO C 334 3.16 -45.04 3.99
C PRO C 334 2.26 -46.27 4.14
N GLN C 335 1.08 -46.28 3.53
CA GLN C 335 0.16 -47.40 3.66
C GLN C 335 0.20 -48.39 2.47
N TYR C 336 1.10 -48.14 1.51
CA TYR C 336 1.21 -49.01 0.34
C TYR C 336 2.60 -48.96 -0.26
N ILE C 337 2.90 -49.96 -1.05
CA ILE C 337 4.10 -49.98 -1.87
C ILE C 337 3.67 -49.79 -3.31
N ARG C 338 4.10 -48.69 -3.93
CA ARG C 338 3.73 -48.43 -5.31
C ARG C 338 4.86 -48.84 -6.26
N ILE C 339 4.59 -49.79 -7.17
CA ILE C 339 5.58 -50.20 -8.17
C ILE C 339 5.56 -49.26 -9.38
N LEU C 340 6.65 -48.55 -9.61
CA LEU C 340 6.77 -47.76 -10.83
C LEU C 340 7.44 -48.51 -11.99
N GLY C 341 8.19 -49.56 -11.68
CA GLY C 341 8.87 -50.30 -12.74
C GLY C 341 9.67 -51.47 -12.22
N PHE C 342 9.96 -52.43 -13.08
CA PHE C 342 10.80 -53.55 -12.71
C PHE C 342 11.38 -54.22 -13.95
N THR C 343 12.50 -54.92 -13.75
CA THR C 343 13.09 -55.69 -14.81
C THR C 343 12.60 -57.12 -14.71
N GLU C 344 12.96 -57.92 -15.70
CA GLU C 344 12.60 -59.32 -15.71
C GLU C 344 13.20 -60.00 -14.48
N LYS C 345 14.40 -59.56 -14.12
CA LYS C 345 15.04 -60.07 -12.92
C LYS C 345 14.31 -59.55 -11.68
N GLY C 346 13.84 -58.31 -11.75
CA GLY C 346 13.09 -57.71 -10.66
C GLY C 346 11.76 -58.39 -10.42
N ARG C 347 11.23 -59.02 -11.46
CA ARG C 347 10.00 -59.82 -11.35
C ARG C 347 10.16 -60.89 -10.25
N GLU C 348 11.37 -61.45 -10.16
CA GLU C 348 11.66 -62.48 -9.14
C GLU C 348 11.51 -61.95 -7.70
N ILE C 349 12.11 -60.81 -7.40
CA ILE C 349 12.07 -60.30 -6.02
C ILE C 349 10.66 -59.78 -5.70
N LEU C 350 9.98 -59.23 -6.71
CA LEU C 350 8.59 -58.80 -6.52
C LEU C 350 7.69 -59.96 -6.12
N SER C 351 7.90 -61.12 -6.74
CA SER C 351 7.14 -62.30 -6.41
C SER C 351 7.36 -62.68 -4.94
N LEU C 352 8.59 -62.55 -4.45
CA LEU C 352 8.86 -62.81 -3.04
C LEU C 352 8.23 -61.74 -2.14
N MET C 353 8.25 -60.49 -2.60
CA MET C 353 7.65 -59.39 -1.85
C MET C 353 6.15 -59.61 -1.68
N ARG C 354 5.52 -60.28 -2.64
CA ARG C 354 4.09 -60.51 -2.51
C ARG C 354 3.81 -61.44 -1.33
N LYS C 355 4.76 -62.32 -0.99
CA LYS C 355 4.67 -63.12 0.22
C LYS C 355 5.13 -62.40 1.49
N LYS C 356 6.23 -61.65 1.40
CA LYS C 356 6.85 -61.05 2.59
C LYS C 356 6.49 -59.60 2.94
N ALA C 357 5.84 -58.86 2.04
CA ALA C 357 5.67 -57.42 2.29
C ALA C 357 4.66 -57.19 3.41
N LYS C 358 4.89 -56.08 4.13
CA LYS C 358 4.07 -55.65 5.28
C LYS C 358 3.05 -54.59 4.88
N LEU C 359 3.07 -54.19 3.61
CA LEU C 359 2.10 -53.25 3.07
C LEU C 359 1.55 -53.79 1.77
N PRO C 360 0.32 -53.40 1.40
CA PRO C 360 -0.25 -53.80 0.10
C PRO C 360 0.61 -53.27 -1.05
N ILE C 361 0.79 -54.09 -2.08
CA ILE C 361 1.54 -53.73 -3.26
C ILE C 361 0.60 -53.32 -4.39
N VAL C 362 0.79 -52.10 -4.89
CA VAL C 362 -0.02 -51.57 -5.97
C VAL C 362 0.79 -51.54 -7.26
N THR C 363 0.31 -52.26 -8.28
CA THR C 363 1.00 -52.29 -9.57
C THR C 363 0.10 -51.67 -10.64
N ASN C 364 -0.98 -52.36 -10.97
CA ASN C 364 -2.02 -51.76 -11.81
C ASN C 364 -2.86 -50.82 -10.96
N MET C 365 -2.83 -49.53 -11.30
CA MET C 365 -3.49 -48.53 -10.47
C MET C 365 -5.00 -48.63 -10.56
N SER C 366 -5.49 -49.12 -11.69
CA SER C 366 -6.93 -49.27 -11.86
C SER C 366 -7.51 -50.26 -10.86
N LEU C 367 -6.64 -51.07 -10.28
CA LEU C 367 -7.06 -52.05 -9.27
C LEU C 367 -6.83 -51.63 -7.80
N TYR C 368 -6.33 -50.43 -7.54
CA TYR C 368 -5.82 -50.20 -6.19
C TYR C 368 -6.93 -50.25 -5.13
N ARG C 369 -8.15 -49.90 -5.51
CA ARG C 369 -9.26 -50.01 -4.57
C ARG C 369 -9.57 -51.48 -4.25
N LYS C 370 -9.46 -52.33 -5.26
CA LYS C 370 -9.70 -53.76 -5.05
C LYS C 370 -8.59 -54.34 -4.18
N VAL C 371 -7.37 -53.90 -4.41
CA VAL C 371 -6.23 -54.29 -3.59
C VAL C 371 -6.48 -53.91 -2.12
N LEU C 372 -7.00 -52.71 -1.91
CA LEU C 372 -7.26 -52.21 -0.57
C LEU C 372 -8.40 -53.00 0.11
N GLU C 373 -9.46 -53.24 -0.63
CA GLU C 373 -10.60 -53.99 -0.10
C GLU C 373 -10.21 -55.39 0.34
N LYS C 374 -9.31 -56.02 -0.41
CA LYS C 374 -9.02 -57.44 -0.20
C LYS C 374 -7.82 -57.73 0.69
N THR C 375 -7.08 -56.71 1.11
CA THR C 375 -5.84 -56.97 1.85
C THR C 375 -6.09 -57.41 3.28
N ASP C 376 -5.27 -58.36 3.74
CA ASP C 376 -5.32 -58.84 5.12
C ASP C 376 -4.48 -57.97 6.03
N LEU C 377 -3.68 -57.09 5.44
CA LEU C 377 -2.78 -56.26 6.23
C LEU C 377 -3.58 -55.18 6.94
N PRO C 378 -3.24 -54.92 8.21
CA PRO C 378 -4.00 -53.99 9.03
C PRO C 378 -3.67 -52.52 8.72
N VAL C 379 -3.76 -52.13 7.46
CA VAL C 379 -3.49 -50.76 7.06
C VAL C 379 -4.64 -49.85 7.49
N ASP C 380 -4.34 -48.57 7.58
CA ASP C 380 -5.35 -47.56 7.84
C ASP C 380 -5.95 -47.24 6.48
N LYS C 381 -7.21 -47.60 6.26
CA LYS C 381 -7.75 -47.57 4.91
C LYS C 381 -7.99 -46.14 4.43
N GLN C 382 -8.43 -45.28 5.33
CA GLN C 382 -8.68 -43.88 5.00
C GLN C 382 -7.38 -43.14 4.69
N LEU C 383 -6.34 -43.43 5.47
CA LEU C 383 -5.05 -42.82 5.25
C LEU C 383 -4.48 -43.27 3.90
N PHE C 384 -4.65 -44.57 3.62
CA PHE C 384 -4.26 -45.17 2.35
C PHE C 384 -4.87 -44.35 1.22
N LEU C 385 -6.20 -44.17 1.27
CA LEU C 385 -6.88 -43.46 0.19
C LEU C 385 -6.43 -42.01 0.05
N GLU C 386 -6.19 -41.32 1.17
CA GLU C 386 -5.75 -39.92 1.08
C GLU C 386 -4.32 -39.82 0.53
N GLN C 387 -3.46 -40.75 0.92
CA GLN C 387 -2.07 -40.73 0.46
C GLN C 387 -1.97 -40.98 -1.04
N ILE C 388 -2.69 -42.00 -1.52
CA ILE C 388 -2.54 -42.35 -2.92
C ILE C 388 -3.29 -41.30 -3.74
N ASP C 389 -4.36 -40.72 -3.17
CA ASP C 389 -5.07 -39.63 -3.85
C ASP C 389 -4.13 -38.45 -4.12
N LEU C 390 -3.25 -38.17 -3.15
CA LEU C 390 -2.29 -37.09 -3.29
C LEU C 390 -1.27 -37.44 -4.38
N ASP C 391 -0.79 -38.69 -4.43
CA ASP C 391 0.14 -39.12 -5.48
C ASP C 391 -0.47 -38.91 -6.87
N VAL C 392 -1.75 -39.26 -7.02
CA VAL C 392 -2.41 -39.14 -8.33
C VAL C 392 -2.60 -37.67 -8.69
N LYS C 393 -3.00 -36.88 -7.70
CA LYS C 393 -3.24 -35.45 -7.92
C LYS C 393 -1.95 -34.75 -8.31
N ALA C 394 -0.84 -35.15 -7.72
CA ALA C 394 0.44 -34.51 -8.02
C ALA C 394 0.83 -34.79 -9.47
N THR C 395 0.61 -36.02 -9.91
CA THR C 395 0.89 -36.40 -11.29
C THR C 395 0.01 -35.66 -12.29
N ASN C 396 -1.28 -35.57 -11.97
CA ASN C 396 -2.23 -34.86 -12.83
C ASN C 396 -1.93 -33.37 -12.95
N PHE C 397 -1.48 -32.79 -11.84
CA PHE C 397 -1.09 -31.38 -11.84
C PHE C 397 0.19 -31.18 -12.67
N TYR C 398 1.18 -32.01 -12.42
CA TYR C 398 2.45 -31.97 -13.14
C TYR C 398 2.29 -32.03 -14.65
N SER C 399 1.38 -32.90 -15.12
CA SER C 399 1.26 -33.16 -16.55
C SER C 399 0.72 -31.96 -17.32
N MET C 400 0.00 -31.07 -16.65
CA MET C 400 -0.45 -29.84 -17.32
C MET C 400 0.74 -28.97 -17.76
N PHE C 401 1.90 -29.21 -17.18
CA PHE C 401 3.09 -28.41 -17.52
C PHE C 401 4.02 -29.07 -18.53
N PHE C 402 3.63 -30.23 -19.05
CA PHE C 402 4.29 -30.78 -20.23
C PHE C 402 4.27 -29.71 -21.34
N PRO C 403 5.42 -29.44 -21.99
CA PRO C 403 5.40 -28.37 -22.99
C PRO C 403 4.47 -28.62 -24.16
N SER C 404 4.28 -29.87 -24.57
CA SER C 404 3.36 -30.17 -25.65
C SER C 404 1.94 -30.35 -25.12
N VAL C 405 1.01 -29.55 -25.64
CA VAL C 405 -0.40 -29.58 -25.20
C VAL C 405 -1.04 -30.94 -25.44
N GLU C 406 -0.56 -31.67 -26.44
CA GLU C 406 -1.11 -33.00 -26.75
C GLU C 406 -0.67 -34.07 -25.74
N GLN C 407 0.27 -33.74 -24.86
CA GLN C 407 0.68 -34.69 -23.83
C GLN C 407 -0.04 -34.50 -22.50
N ARG C 408 -0.96 -33.53 -22.43
CA ARG C 408 -1.52 -33.10 -21.13
C ARG C 408 -2.84 -33.78 -20.74
N CME C 409 -3.37 -34.65 -21.58
CA CME C 409 -4.63 -35.32 -21.32
CB CME C 409 -5.36 -35.83 -22.56
SG CME C 409 -5.95 -34.52 -23.57
SD CME C 409 -4.36 -33.82 -24.77
CE CME C 409 -4.54 -34.62 -26.33
CZ CME C 409 -5.54 -33.94 -27.26
OH CME C 409 -4.87 -32.84 -27.86
C CME C 409 -4.47 -36.57 -20.48
O CME C 409 -3.46 -37.26 -20.49
N GLY C 410 -5.52 -36.88 -19.73
CA GLY C 410 -5.65 -38.15 -19.03
C GLY C 410 -4.94 -38.14 -17.68
N GLU C 411 -5.13 -39.21 -16.91
CA GLU C 411 -4.41 -39.39 -15.66
C GLU C 411 -3.35 -40.45 -15.85
N ARG C 412 -2.09 -40.05 -15.77
CA ARG C 412 -1.05 -40.91 -16.25
C ARG C 412 -0.77 -42.08 -15.30
N ASP C 413 -1.15 -41.94 -14.02
CA ASP C 413 -1.01 -43.05 -13.10
C ASP C 413 -1.91 -44.19 -13.52
N PHE C 414 -3.03 -43.86 -14.18
CA PHE C 414 -3.90 -44.89 -14.72
C PHE C 414 -3.65 -45.24 -16.19
N SER C 415 -3.02 -44.35 -16.94
CA SER C 415 -2.83 -44.66 -18.36
C SER C 415 -1.44 -45.20 -18.69
N ILE C 416 -0.50 -45.07 -17.76
CA ILE C 416 0.85 -45.59 -17.98
C ILE C 416 1.10 -46.74 -17.01
N HIS C 417 1.28 -47.93 -17.55
CA HIS C 417 1.59 -49.08 -16.73
C HIS C 417 3.01 -49.00 -16.20
N PRO C 418 3.27 -49.65 -15.05
CA PRO C 418 4.65 -49.75 -14.53
C PRO C 418 5.61 -50.22 -15.63
N ILE C 419 6.78 -49.59 -15.70
CA ILE C 419 7.75 -49.96 -16.72
C ILE C 419 8.21 -51.39 -16.52
N PHE C 420 8.22 -52.17 -17.59
CA PHE C 420 8.78 -53.51 -17.53
C PHE C 420 9.89 -53.63 -18.56
N LEU C 421 11.07 -53.98 -18.09
CA LEU C 421 12.23 -54.09 -18.96
C LEU C 421 12.66 -55.53 -19.09
N ARG C 422 12.44 -56.10 -20.26
CA ARG C 422 12.80 -57.50 -20.50
C ARG C 422 14.32 -57.69 -20.48
N THR C 423 14.76 -58.92 -20.24
CA THR C 423 16.18 -59.25 -20.29
C THR C 423 16.60 -59.57 -21.72
N MET D 1 -35.01 17.00 -10.65
CA MET D 1 -33.99 16.73 -11.65
C MET D 1 -34.01 15.28 -12.10
N LYS D 2 -33.53 15.03 -13.31
CA LYS D 2 -33.45 13.67 -13.85
C LYS D 2 -32.02 13.17 -13.90
N VAL D 3 -31.81 11.95 -13.43
CA VAL D 3 -30.52 11.29 -13.49
C VAL D 3 -30.65 9.98 -14.24
N LEU D 4 -29.92 9.86 -15.34
CA LEU D 4 -29.93 8.65 -16.15
C LEU D 4 -29.01 7.60 -15.57
N GLY D 5 -29.54 6.41 -15.29
CA GLY D 5 -28.67 5.28 -15.00
C GLY D 5 -28.51 4.40 -16.23
N VAL D 6 -27.36 3.74 -16.35
CA VAL D 6 -27.17 2.73 -17.40
C VAL D 6 -26.44 1.52 -16.84
N VAL D 7 -26.83 0.33 -17.29
CA VAL D 7 -26.18 -0.91 -16.88
C VAL D 7 -25.27 -1.37 -18.01
N VAL D 8 -23.97 -1.44 -17.75
CA VAL D 8 -23.01 -1.62 -18.82
C VAL D 8 -21.88 -2.58 -18.48
N GLU D 9 -21.24 -3.09 -19.52
CA GLU D 9 -20.04 -3.92 -19.38
C GLU D 9 -18.89 -3.26 -20.12
N TYR D 10 -19.18 -2.81 -21.35
CA TYR D 10 -18.20 -2.03 -22.10
C TYR D 10 -16.92 -2.82 -22.35
N ASN D 11 -17.07 -3.98 -22.99
CA ASN D 11 -15.97 -4.90 -23.17
C ASN D 11 -15.65 -5.21 -24.63
N PRO D 12 -15.08 -4.23 -25.37
CA PRO D 12 -14.77 -2.85 -24.99
C PRO D 12 -15.92 -1.90 -25.32
N PHE D 13 -15.76 -0.62 -24.94
CA PHE D 13 -16.74 0.39 -25.29
C PHE D 13 -16.63 0.58 -26.79
N HIS D 14 -17.72 0.35 -27.50
CA HIS D 14 -17.68 0.44 -28.95
C HIS D 14 -18.74 1.39 -29.50
N ASN D 15 -18.88 1.39 -30.82
CA ASN D 15 -19.79 2.34 -31.47
C ASN D 15 -21.26 2.10 -31.15
N GLY D 16 -21.62 0.85 -30.90
CA GLY D 16 -22.97 0.54 -30.47
C GLY D 16 -23.21 1.13 -29.08
N HIS D 17 -22.20 1.08 -28.22
CA HIS D 17 -22.30 1.67 -26.90
C HIS D 17 -22.44 3.19 -26.96
N LEU D 18 -21.75 3.81 -27.92
CA LEU D 18 -21.86 5.26 -28.07
C LEU D 18 -23.25 5.62 -28.56
N TYR D 19 -23.78 4.80 -29.46
CA TYR D 19 -25.12 5.03 -29.97
C TYR D 19 -26.13 4.94 -28.83
N HIS D 20 -26.00 3.90 -28.01
CA HIS D 20 -26.87 3.73 -26.85
C HIS D 20 -26.82 4.93 -25.89
N LEU D 21 -25.61 5.34 -25.54
CA LEU D 21 -25.44 6.44 -24.58
C LEU D 21 -26.04 7.73 -25.15
N THR D 22 -25.72 7.99 -26.42
CA THR D 22 -26.23 9.18 -27.11
C THR D 22 -27.75 9.17 -27.17
N SER D 23 -28.33 8.04 -27.59
CA SER D 23 -29.77 7.91 -27.68
C SER D 23 -30.41 8.05 -26.30
N ALA D 24 -29.76 7.47 -25.30
CA ALA D 24 -30.33 7.46 -23.96
C ALA D 24 -30.38 8.87 -23.39
N ARG D 25 -29.33 9.66 -23.65
CA ARG D 25 -29.27 11.03 -23.14
C ARG D 25 -30.24 11.95 -23.89
N GLU D 26 -30.39 11.75 -25.19
CA GLU D 26 -31.33 12.54 -25.97
C GLU D 26 -32.78 12.22 -25.60
N LEU D 27 -33.04 10.98 -25.21
CA LEU D 27 -34.37 10.59 -24.77
C LEU D 27 -34.72 11.17 -23.40
N VAL D 28 -33.86 10.91 -22.42
CA VAL D 28 -34.12 11.30 -21.04
C VAL D 28 -33.77 12.77 -20.77
N LYS D 29 -32.80 13.29 -21.52
CA LYS D 29 -32.25 14.63 -21.26
C LYS D 29 -31.86 14.85 -19.80
N PRO D 30 -31.01 13.97 -19.26
CA PRO D 30 -30.71 13.96 -17.83
C PRO D 30 -29.79 15.11 -17.41
N ASP D 31 -29.80 15.43 -16.13
CA ASP D 31 -28.84 16.37 -15.57
C ASP D 31 -27.50 15.69 -15.34
N TYR D 32 -27.56 14.41 -14.96
CA TYR D 32 -26.38 13.60 -14.73
C TYR D 32 -26.59 12.19 -15.24
N THR D 33 -25.49 11.52 -15.56
CA THR D 33 -25.53 10.16 -16.05
C THR D 33 -24.62 9.28 -15.21
N ILE D 34 -25.17 8.20 -14.69
CA ILE D 34 -24.43 7.29 -13.83
C ILE D 34 -24.47 5.90 -14.41
N ALA D 35 -23.30 5.25 -14.48
CA ALA D 35 -23.21 3.90 -15.00
C ALA D 35 -22.85 2.91 -13.91
N VAL D 36 -23.52 1.76 -13.93
CA VAL D 36 -23.08 0.64 -13.11
C VAL D 36 -22.48 -0.39 -14.06
N MET D 37 -21.21 -0.72 -13.83
CA MET D 37 -20.39 -1.44 -14.79
C MET D 37 -19.77 -2.69 -14.20
N SER D 38 -19.84 -3.79 -14.94
CA SER D 38 -19.07 -4.97 -14.59
C SER D 38 -17.60 -4.60 -14.48
N GLY D 39 -16.92 -5.28 -13.58
CA GLY D 39 -15.54 -5.07 -13.20
C GLY D 39 -14.61 -5.72 -14.21
N ASN D 40 -13.67 -6.51 -13.70
CA ASN D 40 -12.73 -7.22 -14.56
C ASN D 40 -13.27 -8.52 -15.17
N PHE D 41 -14.47 -8.93 -14.78
CA PHE D 41 -15.11 -10.10 -15.38
C PHE D 41 -16.55 -9.82 -15.78
N CSD D 42 -16.95 -10.32 -16.94
CA CSD D 42 -18.28 -10.04 -17.44
CB CSD D 42 -18.32 -9.53 -18.89
SG CSD D 42 -17.54 -10.57 -20.08
C CSD D 42 -19.27 -11.19 -17.27
O CSD D 42 -18.97 -12.32 -16.85
OD1 CSD D 42 -18.01 -10.04 -21.36
OD2 CSD D 42 -18.49 -11.95 -20.07
N GLN D 43 -20.51 -10.88 -17.64
CA GLN D 43 -21.65 -11.77 -17.42
C GLN D 43 -21.57 -13.10 -18.17
N ARG D 44 -20.73 -13.18 -19.20
CA ARG D 44 -20.61 -14.40 -20.00
C ARG D 44 -19.51 -15.32 -19.51
N GLY D 45 -18.86 -14.98 -18.41
CA GLY D 45 -17.82 -15.83 -17.86
C GLY D 45 -16.46 -15.60 -18.51
N GLU D 46 -16.25 -14.40 -19.02
CA GLU D 46 -14.95 -14.02 -19.60
C GLU D 46 -14.30 -12.87 -18.83
N PRO D 47 -12.97 -12.76 -18.92
CA PRO D 47 -12.36 -11.54 -18.40
C PRO D 47 -12.69 -10.37 -19.32
N ALA D 48 -12.76 -9.17 -18.75
CA ALA D 48 -12.81 -7.97 -19.56
C ALA D 48 -11.50 -7.86 -20.35
N VAL D 49 -11.56 -7.36 -21.57
CA VAL D 49 -10.34 -7.38 -22.41
C VAL D 49 -9.32 -6.35 -21.91
N ILE D 50 -9.78 -5.27 -21.28
CA ILE D 50 -8.91 -4.41 -20.47
C ILE D 50 -9.62 -4.14 -19.15
N ASP D 51 -8.90 -3.69 -18.12
CA ASP D 51 -9.47 -3.74 -16.78
C ASP D 51 -10.44 -2.62 -16.46
N LYS D 52 -11.04 -2.67 -15.26
CA LYS D 52 -12.19 -1.82 -14.96
C LYS D 52 -11.79 -0.38 -14.80
N PHE D 53 -10.52 -0.15 -14.45
CA PHE D 53 -10.03 1.21 -14.28
C PHE D 53 -9.91 1.88 -15.64
N ALA D 54 -9.43 1.15 -16.62
CA ALA D 54 -9.33 1.71 -17.96
C ALA D 54 -10.71 1.93 -18.56
N ARG D 55 -11.59 0.94 -18.42
CA ARG D 55 -12.93 1.04 -19.00
C ARG D 55 -13.78 2.08 -18.26
N ALA D 56 -13.58 2.23 -16.95
CA ALA D 56 -14.22 3.34 -16.24
C ALA D 56 -13.82 4.69 -16.84
N GLU D 57 -12.53 4.85 -17.15
CA GLU D 57 -12.06 6.12 -17.70
C GLU D 57 -12.65 6.35 -19.08
N ILE D 58 -12.75 5.30 -19.91
CA ILE D 58 -13.40 5.44 -21.20
C ILE D 58 -14.85 5.91 -21.05
N ALA D 59 -15.58 5.27 -20.14
CA ALA D 59 -16.97 5.66 -19.90
C ALA D 59 -17.09 7.14 -19.54
N LEU D 60 -16.21 7.63 -18.66
CA LEU D 60 -16.21 9.05 -18.33
C LEU D 60 -15.97 9.93 -19.55
N ARG D 61 -14.97 9.57 -20.35
CA ARG D 61 -14.66 10.33 -21.54
C ARG D 61 -15.80 10.32 -22.55
N MET D 62 -16.62 9.28 -22.54
CA MET D 62 -17.74 9.19 -23.48
C MET D 62 -19.00 9.89 -22.96
N GLY D 63 -18.90 10.54 -21.79
CA GLY D 63 -20.02 11.29 -21.25
C GLY D 63 -20.73 10.75 -20.02
N VAL D 64 -20.20 9.71 -19.39
CA VAL D 64 -20.72 9.27 -18.10
C VAL D 64 -20.13 10.16 -16.98
N ASP D 65 -20.96 10.59 -16.03
CA ASP D 65 -20.48 11.46 -14.95
C ASP D 65 -19.86 10.70 -13.77
N VAL D 66 -20.43 9.53 -13.45
CA VAL D 66 -19.96 8.71 -12.35
C VAL D 66 -20.02 7.23 -12.76
N VAL D 67 -18.97 6.47 -12.47
CA VAL D 67 -18.97 5.05 -12.80
C VAL D 67 -18.87 4.23 -11.51
N LEU D 68 -19.81 3.30 -11.37
CA LEU D 68 -19.91 2.45 -10.18
C LEU D 68 -19.53 1.03 -10.57
N GLU D 69 -18.93 0.26 -9.66
CA GLU D 69 -18.68 -1.14 -10.00
C GLU D 69 -19.91 -1.99 -9.63
N LEU D 70 -20.35 -2.82 -10.58
CA LEU D 70 -21.29 -3.90 -10.29
C LEU D 70 -20.50 -5.01 -9.62
N PRO D 71 -20.78 -5.28 -8.34
CA PRO D 71 -19.97 -6.27 -7.60
C PRO D 71 -19.92 -7.63 -8.30
N VAL D 72 -18.79 -8.28 -8.20
CA VAL D 72 -18.51 -9.53 -8.92
C VAL D 72 -19.59 -10.59 -8.72
N VAL D 73 -20.15 -10.68 -7.50
CA VAL D 73 -21.14 -11.72 -7.25
C VAL D 73 -22.37 -11.56 -8.16
N PHE D 74 -22.70 -10.33 -8.52
CA PHE D 74 -23.75 -10.08 -9.53
C PHE D 74 -23.26 -10.03 -10.98
N ALA D 75 -22.10 -9.43 -11.20
CA ALA D 75 -21.60 -9.19 -12.56
C ALA D 75 -21.39 -10.50 -13.32
N THR D 76 -21.03 -11.56 -12.61
CA THR D 76 -20.79 -12.87 -13.21
C THR D 76 -21.95 -13.87 -13.10
N GLN D 77 -23.11 -13.44 -12.62
CA GLN D 77 -24.27 -14.35 -12.60
C GLN D 77 -25.03 -14.37 -13.91
N ASP D 78 -26.05 -15.22 -13.98
CA ASP D 78 -26.94 -15.23 -15.14
C ASP D 78 -27.77 -13.96 -15.12
N ALA D 79 -28.61 -13.79 -16.14
CA ALA D 79 -29.31 -12.53 -16.36
C ALA D 79 -30.07 -12.04 -15.13
N GLY D 80 -30.78 -12.94 -14.47
CA GLY D 80 -31.57 -12.60 -13.30
C GLY D 80 -30.75 -12.00 -12.17
N GLY D 81 -29.60 -12.62 -11.88
CA GLY D 81 -28.73 -12.13 -10.83
C GLY D 81 -28.00 -10.86 -11.22
N PHE D 82 -27.55 -10.82 -12.47
CA PHE D 82 -26.88 -9.66 -13.02
C PHE D 82 -27.79 -8.43 -12.89
N ALA D 83 -29.00 -8.55 -13.43
CA ALA D 83 -29.99 -7.48 -13.39
C ALA D 83 -30.35 -7.04 -11.97
N PHE D 84 -30.52 -8.00 -11.07
CA PHE D 84 -30.89 -7.69 -9.69
C PHE D 84 -29.81 -6.82 -9.02
N GLY D 85 -28.57 -7.26 -9.08
CA GLY D 85 -27.46 -6.47 -8.56
C GLY D 85 -27.39 -5.08 -9.16
N ALA D 86 -27.51 -5.01 -10.48
CA ALA D 86 -27.37 -3.74 -11.19
C ALA D 86 -28.47 -2.74 -10.82
N VAL D 87 -29.71 -3.21 -10.75
CA VAL D 87 -30.82 -2.33 -10.43
C VAL D 87 -30.75 -1.94 -8.98
N CYS D 88 -30.31 -2.86 -8.13
CA CYS D 88 -30.11 -2.55 -6.71
C CYS D 88 -29.08 -1.42 -6.50
N VAL D 89 -27.97 -1.51 -7.21
CA VAL D 89 -26.94 -0.48 -7.07
C VAL D 89 -27.51 0.87 -7.49
N LEU D 90 -28.12 0.93 -8.67
CA LEU D 90 -28.65 2.20 -9.17
C LEU D 90 -29.75 2.76 -8.28
N ASP D 91 -30.62 1.90 -7.78
CA ASP D 91 -31.66 2.34 -6.86
C ASP D 91 -31.04 2.85 -5.57
N ALA D 92 -29.98 2.18 -5.11
CA ALA D 92 -29.34 2.55 -3.86
C ALA D 92 -28.67 3.93 -3.90
N THR D 93 -28.33 4.41 -5.10
CA THR D 93 -27.69 5.73 -5.19
C THR D 93 -28.59 6.80 -4.63
N GLY D 94 -29.90 6.56 -4.74
CA GLY D 94 -30.92 7.47 -4.26
C GLY D 94 -31.20 8.62 -5.20
N VAL D 95 -30.42 8.75 -6.27
CA VAL D 95 -30.67 9.81 -7.23
C VAL D 95 -31.13 9.40 -8.64
N VAL D 96 -31.05 8.12 -8.99
CA VAL D 96 -31.31 7.73 -10.38
C VAL D 96 -32.81 7.71 -10.61
N THR D 97 -33.29 8.47 -11.59
CA THR D 97 -34.72 8.47 -11.92
C THR D 97 -35.15 7.70 -13.17
N ASP D 98 -34.20 7.43 -14.06
CA ASP D 98 -34.50 6.85 -15.37
C ASP D 98 -33.39 5.93 -15.81
N VAL D 99 -33.76 4.74 -16.28
CA VAL D 99 -32.78 3.82 -16.83
C VAL D 99 -33.16 3.45 -18.25
N VAL D 100 -32.17 3.45 -19.14
CA VAL D 100 -32.39 3.15 -20.55
C VAL D 100 -31.49 2.01 -21.00
N PHE D 101 -32.08 0.97 -21.58
CA PHE D 101 -31.29 -0.17 -22.05
C PHE D 101 -31.59 -0.48 -23.51
N GLY D 102 -30.60 -1.04 -24.21
CA GLY D 102 -30.78 -1.41 -25.60
C GLY D 102 -31.76 -2.56 -25.75
N SER D 103 -32.54 -2.52 -26.83
CA SER D 103 -33.66 -3.44 -26.97
C SER D 103 -33.88 -3.87 -28.41
N GLU D 104 -34.17 -5.14 -28.63
CA GLU D 104 -34.48 -5.63 -29.97
C GLU D 104 -35.88 -5.22 -30.39
N SER D 105 -36.84 -5.37 -29.49
CA SER D 105 -38.22 -4.99 -29.77
C SER D 105 -38.41 -3.48 -29.69
N ASN D 106 -37.63 -2.84 -28.83
CA ASN D 106 -37.82 -1.44 -28.50
C ASN D 106 -39.24 -1.20 -28.03
N ASP D 107 -39.84 -2.23 -27.43
CA ASP D 107 -41.23 -2.15 -26.98
C ASP D 107 -41.30 -2.23 -25.45
N ILE D 108 -41.48 -1.09 -24.80
CA ILE D 108 -41.28 -1.01 -23.36
C ILE D 108 -42.50 -1.55 -22.58
N GLU D 109 -43.70 -1.28 -23.06
CA GLU D 109 -44.89 -1.77 -22.38
C GLU D 109 -44.95 -3.29 -22.39
N PHE D 110 -44.55 -3.89 -23.52
CA PHE D 110 -44.45 -5.35 -23.62
C PHE D 110 -43.50 -5.91 -22.56
N LEU D 111 -42.31 -5.31 -22.45
CA LEU D 111 -41.33 -5.74 -21.47
C LEU D 111 -41.89 -5.61 -20.05
N GLN D 112 -42.63 -4.54 -19.81
CA GLN D 112 -43.20 -4.29 -18.48
C GLN D 112 -44.34 -5.26 -18.17
N ARG D 113 -45.15 -5.59 -19.16
CA ARG D 113 -46.22 -6.55 -18.96
C ARG D 113 -45.65 -7.90 -18.56
N VAL D 114 -44.59 -8.32 -19.24
CA VAL D 114 -43.96 -9.59 -18.96
C VAL D 114 -43.36 -9.60 -17.56
N ALA D 115 -42.65 -8.51 -17.23
CA ALA D 115 -42.05 -8.36 -15.91
C ALA D 115 -43.10 -8.39 -14.81
N ARG D 116 -44.25 -7.76 -15.06
CA ARG D 116 -45.33 -7.73 -14.08
C ARG D 116 -45.90 -9.12 -13.83
N ILE D 117 -45.96 -9.95 -14.88
CA ILE D 117 -46.44 -11.32 -14.73
C ILE D 117 -45.46 -12.13 -13.89
N LEU D 118 -44.17 -12.00 -14.20
CA LEU D 118 -43.13 -12.71 -13.44
C LEU D 118 -43.13 -12.31 -11.97
N TYR D 119 -43.35 -11.02 -11.72
CA TYR D 119 -43.31 -10.49 -10.37
C TYR D 119 -44.49 -10.98 -9.54
N GLU D 120 -45.70 -10.81 -10.06
CA GLU D 120 -46.91 -11.07 -9.28
C GLU D 120 -47.22 -12.56 -9.16
N GLN D 121 -46.52 -13.38 -9.94
CA GLN D 121 -46.55 -14.83 -9.81
C GLN D 121 -47.96 -15.43 -9.82
N PRO D 122 -48.62 -15.45 -10.99
CA PRO D 122 -49.96 -16.04 -11.08
C PRO D 122 -49.91 -17.55 -10.89
N ASP D 123 -50.93 -18.11 -10.23
CA ASP D 123 -50.98 -19.54 -9.93
C ASP D 123 -50.79 -20.38 -11.20
N GLU D 124 -51.40 -19.94 -12.29
CA GLU D 124 -51.33 -20.66 -13.56
C GLU D 124 -49.90 -20.81 -14.06
N TYR D 125 -49.13 -19.71 -13.99
CA TYR D 125 -47.74 -19.69 -14.46
C TYR D 125 -46.84 -20.65 -13.67
N GLN D 126 -46.98 -20.64 -12.35
CA GLN D 126 -46.15 -21.46 -11.48
C GLN D 126 -46.37 -22.96 -11.73
N LYS D 127 -47.61 -23.35 -11.98
CA LYS D 127 -47.92 -24.73 -12.36
C LYS D 127 -47.21 -25.09 -13.66
N PHE D 128 -47.07 -24.10 -14.53
CA PHE D 128 -46.47 -24.32 -15.85
C PHE D 128 -44.94 -24.35 -15.78
N LEU D 129 -44.36 -23.52 -14.92
CA LEU D 129 -42.90 -23.52 -14.71
C LEU D 129 -42.48 -24.78 -13.95
N HIS D 130 -43.38 -25.27 -13.10
CA HIS D 130 -43.18 -26.49 -12.33
C HIS D 130 -42.92 -27.68 -13.26
N GLU D 131 -43.80 -27.86 -14.23
CA GLU D 131 -43.73 -28.98 -15.16
C GLU D 131 -42.54 -28.85 -16.11
N GLU D 132 -42.16 -27.63 -16.43
CA GLU D 132 -41.08 -27.38 -17.39
C GLU D 132 -39.71 -27.58 -16.75
N LEU D 133 -39.62 -27.38 -15.45
CA LEU D 133 -38.39 -27.65 -14.71
C LEU D 133 -38.28 -29.14 -14.38
N LYS D 134 -39.42 -29.83 -14.31
CA LYS D 134 -39.43 -31.25 -13.94
C LYS D 134 -39.21 -32.15 -15.15
N LYS D 135 -39.26 -31.58 -16.34
CA LYS D 135 -39.01 -32.33 -17.57
C LYS D 135 -37.54 -32.28 -18.01
N GLY D 136 -36.74 -31.46 -17.33
CA GLY D 136 -35.31 -31.45 -17.54
C GLY D 136 -34.70 -30.29 -18.32
N TYR D 137 -35.51 -29.32 -18.72
CA TYR D 137 -35.01 -28.13 -19.40
C TYR D 137 -34.20 -27.27 -18.43
N SER D 138 -33.37 -26.38 -18.98
CA SER D 138 -32.67 -25.41 -18.14
C SER D 138 -33.71 -24.36 -17.68
N PHE D 139 -33.30 -23.42 -16.85
CA PHE D 139 -34.26 -22.46 -16.30
C PHE D 139 -34.86 -21.48 -17.33
N PRO D 140 -34.03 -20.91 -18.24
CA PRO D 140 -34.65 -20.00 -19.20
C PRO D 140 -35.72 -20.65 -20.07
N ASN D 141 -35.42 -21.84 -20.61
CA ASN D 141 -36.37 -22.55 -21.45
C ASN D 141 -37.59 -23.03 -20.67
N ALA D 142 -37.38 -23.33 -19.39
CA ALA D 142 -38.47 -23.72 -18.52
C ALA D 142 -39.43 -22.56 -18.31
N ARG D 143 -38.87 -21.35 -18.23
CA ARG D 143 -39.68 -20.14 -18.09
C ARG D 143 -40.35 -19.79 -19.41
N LYS D 144 -39.59 -19.80 -20.50
CA LYS D 144 -40.09 -19.46 -21.82
C LYS D 144 -41.30 -20.32 -22.19
N TYR D 145 -41.21 -21.62 -21.92
CA TYR D 145 -42.30 -22.54 -22.16
C TYR D 145 -43.47 -22.27 -21.20
N ALA D 146 -43.14 -21.79 -20.01
CA ALA D 146 -44.16 -21.48 -19.02
C ALA D 146 -44.85 -20.16 -19.36
N LEU D 147 -44.14 -19.28 -20.06
CA LEU D 147 -44.70 -18.00 -20.45
C LEU D 147 -45.67 -18.13 -21.63
N MET D 148 -45.25 -18.88 -22.64
CA MET D 148 -46.07 -19.09 -23.83
C MET D 148 -47.41 -19.73 -23.47
N ARG D 149 -47.37 -20.67 -22.53
CA ARG D 149 -48.59 -21.33 -22.07
C ARG D 149 -49.48 -20.36 -21.31
N TYR D 150 -48.89 -19.29 -20.76
CA TYR D 150 -49.66 -18.30 -20.01
C TYR D 150 -50.39 -17.30 -20.91
N PHE D 151 -49.82 -17.02 -22.07
CA PHE D 151 -50.46 -16.08 -23.00
C PHE D 151 -51.68 -16.72 -23.68
N SER D 152 -51.79 -18.04 -23.55
CA SER D 152 -52.95 -18.78 -24.04
C SER D 152 -54.13 -18.62 -23.09
N MET D 153 -53.83 -18.39 -21.81
CA MET D 153 -54.85 -18.24 -20.78
C MET D 153 -55.58 -16.91 -20.89
N LYS D 154 -54.81 -15.84 -21.04
CA LYS D 154 -55.35 -14.47 -21.01
C LYS D 154 -56.18 -14.10 -22.23
N GLY D 155 -56.19 -14.98 -23.23
CA GLY D 155 -56.77 -14.63 -24.51
C GLY D 155 -55.83 -13.66 -25.20
N TRP D 156 -54.55 -14.03 -25.24
CA TRP D 156 -53.51 -13.18 -25.77
C TRP D 156 -52.67 -13.91 -26.83
N ASN D 157 -51.89 -13.15 -27.58
CA ASN D 157 -50.98 -13.71 -28.57
C ASN D 157 -49.76 -14.32 -27.89
N GLU D 158 -49.53 -15.62 -28.13
CA GLU D 158 -48.43 -16.33 -27.48
C GLU D 158 -47.12 -16.21 -28.24
N GLU D 159 -47.15 -15.48 -29.36
CA GLU D 159 -45.99 -15.33 -30.22
C GLU D 159 -45.06 -14.22 -29.71
N GLU D 160 -45.56 -13.40 -28.80
CA GLU D 160 -44.77 -12.30 -28.27
C GLU D 160 -43.65 -12.79 -27.33
N VAL D 161 -43.75 -14.04 -26.88
CA VAL D 161 -42.71 -14.61 -26.05
C VAL D 161 -41.46 -14.90 -26.89
N LEU D 162 -41.64 -14.89 -28.21
CA LEU D 162 -40.52 -15.08 -29.13
C LEU D 162 -39.64 -13.84 -29.18
N LYS D 163 -40.14 -12.74 -28.62
CA LYS D 163 -39.35 -11.53 -28.43
C LYS D 163 -38.54 -11.67 -27.15
N LEU D 164 -38.91 -12.65 -26.34
CA LEU D 164 -38.19 -12.99 -25.12
C LEU D 164 -37.15 -14.06 -25.38
N GLU D 165 -36.96 -14.39 -26.65
CA GLU D 165 -35.82 -15.21 -27.06
C GLU D 165 -34.62 -14.31 -27.36
N LYS D 166 -34.86 -13.02 -27.47
CA LYS D 166 -33.81 -12.06 -27.82
C LYS D 166 -33.12 -11.53 -26.56
N SER D 167 -31.81 -11.69 -26.50
CA SER D 167 -31.00 -11.49 -25.30
C SER D 167 -31.22 -10.17 -24.56
N ASN D 168 -31.19 -9.07 -25.29
CA ASN D 168 -31.25 -7.75 -24.65
C ASN D 168 -32.60 -7.49 -23.98
N ASP D 169 -33.65 -8.04 -24.59
CA ASP D 169 -35.00 -7.87 -24.04
C ASP D 169 -35.24 -8.78 -22.85
N ILE D 170 -34.58 -9.95 -22.83
CA ILE D 170 -34.57 -10.78 -21.64
C ILE D 170 -33.97 -10.02 -20.45
N LEU D 171 -32.78 -9.43 -20.67
CA LEU D 171 -32.16 -8.58 -19.66
C LEU D 171 -33.09 -7.46 -19.25
N GLY D 172 -33.69 -6.80 -20.23
CA GLY D 172 -34.61 -5.71 -19.97
C GLY D 172 -35.75 -6.10 -19.04
N VAL D 173 -36.33 -7.28 -19.30
CA VAL D 173 -37.39 -7.80 -18.45
C VAL D 173 -36.88 -7.99 -17.01
N GLU D 174 -35.67 -8.51 -16.89
CA GLU D 174 -35.10 -8.77 -15.57
C GLU D 174 -34.80 -7.46 -14.83
N TYR D 175 -34.36 -6.42 -15.54
CA TYR D 175 -34.17 -5.11 -14.91
C TYR D 175 -35.49 -4.62 -14.31
N ILE D 176 -36.54 -4.67 -15.12
CA ILE D 176 -37.85 -4.20 -14.69
C ILE D 176 -38.40 -5.08 -13.57
N HIS D 177 -38.29 -6.40 -13.71
CA HIS D 177 -38.66 -7.34 -12.65
C HIS D 177 -37.91 -7.06 -11.34
N SER D 178 -36.62 -6.78 -11.44
CA SER D 178 -35.81 -6.47 -10.27
C SER D 178 -36.27 -5.18 -9.58
N ALA D 179 -36.62 -4.18 -10.37
CA ALA D 179 -37.10 -2.92 -9.82
C ALA D 179 -38.42 -3.09 -9.07
N LEU D 180 -39.28 -3.97 -9.59
CA LEU D 180 -40.54 -4.27 -8.92
C LEU D 180 -40.29 -5.00 -7.60
N LYS D 181 -39.39 -5.97 -7.62
CA LYS D 181 -39.04 -6.74 -6.43
C LYS D 181 -38.57 -5.84 -5.28
N ILE D 182 -37.74 -4.85 -5.59
CA ILE D 182 -37.20 -3.97 -4.55
C ILE D 182 -38.02 -2.70 -4.35
N GLY D 183 -39.11 -2.56 -5.10
CA GLY D 183 -40.00 -1.43 -4.96
C GLY D 183 -39.40 -0.11 -5.44
N SER D 184 -38.57 -0.20 -6.47
CA SER D 184 -37.92 0.98 -7.03
C SER D 184 -38.88 1.83 -7.86
N ASN D 185 -38.74 3.15 -7.77
CA ASN D 185 -39.54 4.07 -8.55
C ASN D 185 -38.89 4.45 -9.88
N ILE D 186 -37.76 3.82 -10.20
CA ILE D 186 -37.04 4.12 -11.43
C ILE D 186 -37.93 3.89 -12.65
N ARG D 187 -37.91 4.83 -13.59
CA ARG D 187 -38.61 4.69 -14.85
C ARG D 187 -37.71 4.02 -15.89
N PHE D 188 -38.20 3.00 -16.57
CA PHE D 188 -37.39 2.29 -17.55
C PHE D 188 -37.76 2.65 -18.98
N HIS D 189 -36.77 2.66 -19.87
CA HIS D 189 -37.00 3.00 -21.26
C HIS D 189 -36.17 2.12 -22.18
N THR D 190 -36.63 1.95 -23.41
CA THR D 190 -35.89 1.22 -24.42
C THR D 190 -35.40 2.17 -25.50
N ILE D 191 -34.26 1.82 -26.09
CA ILE D 191 -33.88 2.37 -27.38
C ILE D 191 -33.55 1.16 -28.25
N LYS D 192 -33.71 1.33 -29.56
CA LYS D 192 -33.63 0.20 -30.48
C LYS D 192 -32.19 -0.19 -30.83
N ARG D 193 -31.89 -1.48 -30.76
CA ARG D 193 -30.60 -2.01 -31.19
C ARG D 193 -30.34 -1.73 -32.67
N VAL D 194 -29.08 -1.46 -33.01
CA VAL D 194 -28.70 -1.22 -34.40
C VAL D 194 -27.58 -2.16 -34.83
N GLY D 195 -27.66 -2.66 -36.07
CA GLY D 195 -26.65 -3.55 -36.61
C GLY D 195 -25.96 -2.99 -37.83
N GLY D 205 -17.51 -1.84 -41.40
CA GLY D 205 -17.89 -2.52 -40.17
C GLY D 205 -17.84 -1.64 -38.94
N ARG D 206 -18.62 -0.56 -38.96
CA ARG D 206 -18.63 0.40 -37.85
C ARG D 206 -19.49 -0.05 -36.67
N PHE D 207 -20.52 -0.86 -36.91
CA PHE D 207 -21.23 -1.48 -35.79
C PHE D 207 -20.95 -2.97 -35.69
N SER D 208 -20.18 -3.36 -34.70
CA SER D 208 -19.85 -4.75 -34.48
C SER D 208 -20.11 -5.11 -33.03
N SER D 209 -20.41 -6.37 -32.76
CA SER D 209 -20.61 -6.79 -31.39
C SER D 209 -19.28 -6.74 -30.64
N ALA D 210 -19.36 -6.65 -29.32
CA ALA D 210 -18.17 -6.66 -28.48
C ALA D 210 -17.36 -7.93 -28.69
N THR D 211 -18.05 -9.06 -28.86
CA THR D 211 -17.36 -10.34 -29.06
C THR D 211 -16.61 -10.37 -30.39
N ALA D 212 -17.23 -9.82 -31.43
CA ALA D 212 -16.57 -9.71 -32.73
C ALA D 212 -15.34 -8.81 -32.64
N ILE D 213 -15.44 -7.72 -31.90
CA ILE D 213 -14.31 -6.82 -31.76
C ILE D 213 -13.16 -7.50 -31.01
N ARG D 214 -13.48 -8.22 -29.93
CA ARG D 214 -12.44 -8.95 -29.21
C ARG D 214 -11.74 -9.98 -30.13
N ASN D 215 -12.49 -10.58 -31.04
CA ASN D 215 -11.89 -11.49 -32.00
C ASN D 215 -11.01 -10.76 -33.01
N LEU D 216 -11.44 -9.58 -33.44
CA LEU D 216 -10.58 -8.75 -34.28
C LEU D 216 -9.26 -8.45 -33.56
N MET D 217 -9.34 -8.16 -32.27
CA MET D 217 -8.14 -7.95 -31.46
C MET D 217 -7.25 -9.19 -31.45
N ARG D 218 -7.85 -10.36 -31.28
CA ARG D 218 -7.11 -11.63 -31.30
C ARG D 218 -6.35 -11.77 -32.61
N GLU D 219 -6.97 -11.34 -33.70
CA GLU D 219 -6.37 -11.51 -35.03
C GLU D 219 -5.47 -10.33 -35.37
N LYS D 220 -5.32 -9.44 -34.40
CA LYS D 220 -4.49 -8.24 -34.54
C LYS D 220 -4.93 -7.41 -35.73
N ARG D 221 -6.23 -7.28 -35.93
CA ARG D 221 -6.68 -6.39 -36.99
C ARG D 221 -7.03 -5.08 -36.31
N TRP D 222 -6.02 -4.22 -36.15
CA TRP D 222 -6.18 -3.08 -35.27
C TRP D 222 -6.92 -1.98 -35.97
N GLU D 223 -6.78 -1.91 -37.30
CA GLU D 223 -7.47 -0.88 -38.05
C GLU D 223 -8.97 -1.19 -38.11
N GLU D 224 -9.31 -2.46 -38.16
CA GLU D 224 -10.72 -2.86 -38.07
C GLU D 224 -11.28 -2.56 -36.67
N VAL D 225 -10.47 -2.81 -35.64
CA VAL D 225 -10.87 -2.43 -34.30
C VAL D 225 -11.09 -0.91 -34.23
N ARG D 226 -10.16 -0.14 -34.78
CA ARG D 226 -10.27 1.31 -34.76
C ARG D 226 -11.55 1.78 -35.44
N ASP D 227 -11.91 1.10 -36.52
CA ASP D 227 -13.12 1.46 -37.22
C ASP D 227 -14.37 1.11 -36.38
N SER D 228 -14.19 0.28 -35.36
CA SER D 228 -15.32 -0.20 -34.55
C SER D 228 -15.54 0.53 -33.21
N LEU D 229 -14.65 1.47 -32.90
CA LEU D 229 -14.60 2.09 -31.59
C LEU D 229 -14.60 3.60 -31.70
N PRO D 230 -15.13 4.29 -30.68
CA PRO D 230 -14.85 5.73 -30.61
C PRO D 230 -13.36 5.96 -30.36
N GLU D 231 -12.85 7.09 -30.84
CA GLU D 231 -11.43 7.42 -30.73
C GLU D 231 -10.87 7.30 -29.30
N ASP D 232 -11.61 7.82 -28.33
CA ASP D 232 -11.16 7.75 -26.94
C ASP D 232 -11.10 6.32 -26.42
N SER D 233 -12.02 5.48 -26.86
CA SER D 233 -12.01 4.10 -26.42
C SER D 233 -10.80 3.42 -27.02
N PHE D 234 -10.52 3.69 -28.30
CA PHE D 234 -9.43 3.04 -29.00
C PHE D 234 -8.10 3.52 -28.42
N GLU D 235 -8.01 4.82 -28.15
CA GLU D 235 -6.78 5.37 -27.58
C GLU D 235 -6.47 4.73 -26.21
N ILE D 236 -7.48 4.53 -25.36
CA ILE D 236 -7.19 3.92 -24.06
C ILE D 236 -6.90 2.42 -24.20
N LEU D 237 -7.56 1.78 -25.16
CA LEU D 237 -7.24 0.39 -25.46
C LEU D 237 -5.76 0.25 -25.82
N MET D 238 -5.29 1.11 -26.71
CA MET D 238 -3.90 1.07 -27.14
C MET D 238 -2.94 1.37 -25.98
N ARG D 239 -3.34 2.30 -25.11
CA ARG D 239 -2.55 2.64 -23.94
C ARG D 239 -2.32 1.37 -23.11
N GLU D 240 -3.39 0.65 -22.82
CA GLU D 240 -3.28 -0.54 -21.96
C GLU D 240 -2.38 -1.58 -22.61
N ILE D 241 -2.56 -1.75 -23.91
CA ILE D 241 -1.76 -2.74 -24.63
C ILE D 241 -0.30 -2.34 -24.65
N ASN D 242 -0.03 -1.07 -24.90
CA ASN D 242 1.36 -0.58 -24.95
C ASN D 242 2.09 -0.72 -23.61
N GLU D 243 1.34 -0.68 -22.52
CA GLU D 243 1.94 -0.85 -21.20
C GLU D 243 1.88 -2.32 -20.74
N GLY D 244 1.30 -3.18 -21.56
CA GLY D 244 1.28 -4.60 -21.24
C GLY D 244 0.20 -4.97 -20.24
N ARG D 245 -0.82 -4.11 -20.14
CA ARG D 245 -2.00 -4.41 -19.34
C ARG D 245 -3.19 -4.91 -20.18
N GLY D 246 -2.95 -5.16 -21.45
CA GLY D 246 -3.96 -5.77 -22.29
C GLY D 246 -3.32 -6.27 -23.56
N PRO D 247 -4.08 -7.00 -24.38
CA PRO D 247 -5.44 -7.46 -24.11
C PRO D 247 -5.42 -8.64 -23.16
N VAL D 248 -6.53 -8.87 -22.46
CA VAL D 248 -6.65 -10.05 -21.62
C VAL D 248 -7.77 -10.93 -22.19
N PHE D 249 -7.45 -12.17 -22.51
CA PHE D 249 -8.44 -13.07 -23.11
C PHE D 249 -8.65 -14.28 -22.25
N LEU D 250 -9.85 -14.86 -22.35
CA LEU D 250 -10.19 -16.05 -21.57
C LEU D 250 -9.20 -17.19 -21.76
N GLU D 251 -8.71 -17.39 -22.99
CA GLU D 251 -7.75 -18.47 -23.20
C GLU D 251 -6.45 -18.25 -22.41
N ASN D 252 -6.12 -16.99 -22.07
CA ASN D 252 -4.92 -16.72 -21.28
C ASN D 252 -5.02 -17.33 -19.88
N MET D 253 -6.25 -17.47 -19.41
CA MET D 253 -6.54 -18.03 -18.09
C MET D 253 -6.85 -19.51 -18.14
N GLY D 254 -6.86 -20.07 -19.35
CA GLY D 254 -7.40 -21.41 -19.54
C GLY D 254 -6.62 -22.49 -18.81
N ASP D 255 -5.29 -22.47 -18.93
CA ASP D 255 -4.47 -23.49 -18.28
C ASP D 255 -4.58 -23.38 -16.77
N PHE D 256 -4.68 -22.15 -16.24
CA PHE D 256 -4.91 -22.02 -14.80
C PHE D 256 -6.21 -22.68 -14.40
N LEU D 257 -7.28 -22.35 -15.10
CA LEU D 257 -8.59 -22.89 -14.70
C LEU D 257 -8.62 -24.42 -14.78
N LEU D 258 -8.08 -24.96 -15.87
CA LEU D 258 -8.06 -26.42 -16.04
C LEU D 258 -7.17 -27.08 -14.98
N SER D 259 -5.98 -26.52 -14.74
CA SER D 259 -5.09 -27.05 -13.70
C SER D 259 -5.74 -26.95 -12.33
N PHE D 260 -6.40 -25.84 -12.06
CA PHE D 260 -7.09 -25.64 -10.79
C PHE D 260 -8.18 -26.71 -10.61
N PHE D 261 -8.96 -26.99 -11.64
CA PHE D 261 -10.00 -28.03 -11.50
C PHE D 261 -9.42 -29.42 -11.24
N ARG D 262 -8.28 -29.74 -11.83
CA ARG D 262 -7.62 -31.05 -11.58
C ARG D 262 -7.24 -31.27 -10.14
N LEU D 263 -7.09 -30.17 -9.41
CA LEU D 263 -6.70 -30.23 -8.01
C LEU D 263 -7.88 -30.55 -7.11
N LYS D 264 -9.09 -30.42 -7.65
CA LYS D 264 -10.29 -30.45 -6.80
C LYS D 264 -11.00 -31.80 -6.82
N ASN D 265 -11.63 -32.17 -5.70
CA ASN D 265 -12.53 -33.32 -5.70
C ASN D 265 -13.97 -32.89 -6.01
N MET D 266 -14.86 -33.86 -6.15
CA MET D 266 -16.25 -33.57 -6.47
C MET D 266 -16.92 -32.81 -5.34
N ASP D 267 -16.52 -33.13 -4.11
CA ASP D 267 -17.07 -32.45 -2.94
C ASP D 267 -16.90 -30.94 -3.04
N PHE D 268 -15.77 -30.51 -3.61
CA PHE D 268 -15.49 -29.09 -3.71
C PHE D 268 -16.56 -28.37 -4.54
N PHE D 269 -16.89 -28.93 -5.70
CA PHE D 269 -17.80 -28.25 -6.62
C PHE D 269 -19.25 -28.22 -6.10
N GLU D 270 -19.61 -29.19 -5.25
CA GLU D 270 -20.97 -29.24 -4.71
C GLU D 270 -21.32 -28.02 -3.86
N LYS D 271 -20.29 -27.38 -3.31
CA LYS D 271 -20.47 -26.18 -2.49
C LYS D 271 -20.57 -24.91 -3.33
N ILE D 272 -20.17 -25.00 -4.59
CA ILE D 272 -20.08 -23.84 -5.45
C ILE D 272 -21.43 -23.51 -6.07
N HIS D 273 -21.78 -22.23 -6.08
CA HIS D 273 -23.07 -21.80 -6.62
C HIS D 273 -23.22 -22.18 -8.09
N GLY D 274 -24.42 -22.64 -8.46
CA GLY D 274 -24.71 -22.99 -9.84
C GLY D 274 -24.52 -24.46 -10.19
N PHE D 275 -23.93 -25.23 -9.28
CA PHE D 275 -23.72 -26.64 -9.56
C PHE D 275 -24.94 -27.49 -9.18
N SER D 276 -25.48 -28.16 -10.19
CA SER D 276 -26.53 -29.17 -10.03
C SER D 276 -26.52 -30.00 -11.30
N GLU D 277 -27.49 -30.89 -11.43
CA GLU D 277 -27.67 -31.65 -12.66
C GLU D 277 -26.41 -32.42 -13.06
N GLY D 278 -25.64 -32.88 -12.06
CA GLY D 278 -24.46 -33.69 -12.30
C GLY D 278 -23.27 -32.92 -12.86
N LEU D 279 -23.32 -31.60 -12.78
CA LEU D 279 -22.23 -30.80 -13.32
C LEU D 279 -20.94 -30.98 -12.53
N GLU D 280 -21.04 -31.37 -11.25
CA GLU D 280 -19.83 -31.65 -10.46
C GLU D 280 -19.05 -32.80 -11.08
N LYS D 281 -19.77 -33.87 -11.38
CA LYS D 281 -19.16 -35.03 -12.01
C LYS D 281 -18.55 -34.67 -13.36
N ARG D 282 -19.26 -33.87 -14.15
CA ARG D 282 -18.74 -33.47 -15.46
C ARG D 282 -17.47 -32.63 -15.34
N PHE D 283 -17.47 -31.64 -14.44
CA PHE D 283 -16.25 -30.85 -14.21
C PHE D 283 -15.10 -31.76 -13.82
N HIS D 284 -15.39 -32.69 -12.92
CA HIS D 284 -14.37 -33.60 -12.40
C HIS D 284 -13.74 -34.48 -13.49
N VAL D 285 -14.58 -35.18 -14.24
CA VAL D 285 -14.07 -36.09 -15.26
C VAL D 285 -13.42 -35.31 -16.40
N CYS D 286 -14.08 -34.25 -16.85
CA CYS D 286 -13.57 -33.47 -17.97
C CYS D 286 -12.24 -32.77 -17.66
N ALA D 287 -12.03 -32.38 -16.40
CA ALA D 287 -10.78 -31.73 -16.03
C ALA D 287 -9.59 -32.67 -16.19
N ARG D 288 -9.82 -33.95 -15.92
CA ARG D 288 -8.78 -34.96 -16.02
C ARG D 288 -8.61 -35.52 -17.43
N GLN D 289 -9.70 -35.51 -18.19
CA GLN D 289 -9.74 -36.10 -19.52
C GLN D 289 -9.17 -35.18 -20.61
N THR D 290 -9.34 -33.87 -20.45
CA THR D 290 -8.90 -32.95 -21.49
C THR D 290 -7.59 -32.24 -21.13
N GLY D 291 -6.98 -31.60 -22.12
CA GLY D 291 -5.67 -30.98 -21.98
C GLY D 291 -5.64 -29.47 -22.13
N SER D 292 -6.78 -28.88 -22.43
CA SER D 292 -6.87 -27.43 -22.59
C SER D 292 -8.27 -27.00 -22.20
N TYR D 293 -8.39 -25.75 -21.81
CA TYR D 293 -9.64 -25.21 -21.32
C TYR D 293 -10.68 -25.20 -22.44
N ARG D 294 -10.22 -24.92 -23.66
CA ARG D 294 -11.10 -25.05 -24.82
C ARG D 294 -11.71 -26.46 -24.89
N ASP D 295 -10.86 -27.49 -24.81
CA ASP D 295 -11.38 -28.85 -24.89
C ASP D 295 -12.22 -29.18 -23.65
N PHE D 296 -11.80 -28.68 -22.48
CA PHE D 296 -12.60 -28.85 -21.25
C PHE D 296 -14.05 -28.37 -21.41
N LEU D 297 -14.22 -27.15 -21.93
CA LEU D 297 -15.55 -26.58 -22.09
C LEU D 297 -16.39 -27.43 -23.03
N GLU D 298 -15.76 -27.89 -24.12
CA GLU D 298 -16.44 -28.73 -25.09
C GLU D 298 -16.89 -30.04 -24.46
N CYS D 299 -16.04 -30.58 -23.58
CA CYS D 299 -16.32 -31.82 -22.88
C CYS D 299 -17.50 -31.67 -21.91
N VAL D 300 -17.51 -30.58 -21.15
CA VAL D 300 -18.57 -30.34 -20.17
C VAL D 300 -19.88 -30.00 -20.89
N LYS D 301 -19.74 -29.30 -22.01
CA LYS D 301 -20.86 -28.84 -22.83
C LYS D 301 -21.83 -29.96 -23.23
N ALA D 302 -23.12 -29.67 -23.12
CA ALA D 302 -24.13 -30.53 -23.72
C ALA D 302 -25.35 -29.70 -24.08
N LYS D 303 -26.33 -30.33 -24.69
CA LYS D 303 -27.56 -29.66 -25.10
C LYS D 303 -28.16 -28.86 -23.94
N ARG D 304 -28.08 -29.44 -22.76
CA ARG D 304 -28.66 -28.87 -21.55
C ARG D 304 -27.86 -27.69 -21.00
N PHE D 305 -26.59 -27.57 -21.40
CA PHE D 305 -25.72 -26.51 -20.87
C PHE D 305 -25.21 -25.58 -21.95
N THR D 306 -25.36 -24.27 -21.71
CA THR D 306 -24.74 -23.26 -22.55
C THR D 306 -23.28 -23.04 -22.17
N PHE D 307 -22.49 -22.56 -23.10
CA PHE D 307 -21.09 -22.27 -22.82
C PHE D 307 -20.97 -21.20 -21.75
N SER D 308 -21.86 -20.21 -21.79
CA SER D 308 -21.77 -19.13 -20.80
C SER D 308 -22.04 -19.66 -19.42
N ARG D 309 -22.97 -20.60 -19.32
CA ARG D 309 -23.27 -21.19 -18.02
C ARG D 309 -22.05 -21.90 -17.48
N ILE D 310 -21.36 -22.65 -18.33
CA ILE D 310 -20.17 -23.40 -17.91
C ILE D 310 -18.98 -22.48 -17.59
N ARG D 311 -18.81 -21.41 -18.37
CA ARG D 311 -17.75 -20.45 -18.08
C ARG D 311 -17.99 -19.76 -16.75
N ARG D 312 -19.24 -19.40 -16.49
CA ARG D 312 -19.60 -18.77 -15.22
C ARG D 312 -19.31 -19.70 -14.05
N LEU D 313 -19.66 -20.98 -14.19
CA LEU D 313 -19.34 -21.98 -13.17
C LEU D 313 -17.84 -22.07 -12.92
N ALA D 314 -17.04 -21.95 -13.99
CA ALA D 314 -15.60 -21.98 -13.85
C ALA D 314 -15.10 -20.79 -12.99
N LEU D 315 -15.68 -19.60 -13.19
CA LEU D 315 -15.29 -18.44 -12.38
C LEU D 315 -15.73 -18.61 -10.92
N PHE D 316 -16.96 -19.05 -10.71
CA PHE D 316 -17.44 -19.28 -9.35
C PHE D 316 -16.57 -20.31 -8.62
N SER D 317 -16.05 -21.28 -9.37
CA SER D 317 -15.21 -22.32 -8.79
C SER D 317 -13.86 -21.76 -8.36
N VAL D 318 -13.20 -21.04 -9.26
CA VAL D 318 -11.87 -20.57 -8.95
C VAL D 318 -11.91 -19.48 -7.85
N PHE D 319 -13.03 -18.76 -7.76
CA PHE D 319 -13.20 -17.72 -6.73
C PHE D 319 -13.89 -18.26 -5.46
N GLU D 320 -14.18 -19.55 -5.47
CA GLU D 320 -14.87 -20.23 -4.36
C GLU D 320 -16.14 -19.50 -3.95
N VAL D 321 -17.01 -19.25 -4.93
CA VAL D 321 -18.22 -18.53 -4.64
C VAL D 321 -19.28 -19.57 -4.30
N ASN D 322 -19.57 -19.71 -3.02
CA ASN D 322 -20.46 -20.77 -2.56
C ASN D 322 -21.94 -20.42 -2.61
N LYS D 323 -22.78 -21.44 -2.64
CA LYS D 323 -24.24 -21.27 -2.76
C LYS D 323 -24.85 -20.33 -1.70
N GLU D 324 -24.44 -20.46 -0.45
CA GLU D 324 -25.03 -19.65 0.62
C GLU D 324 -24.75 -18.16 0.42
N PHE D 325 -23.52 -17.85 0.02
CA PHE D 325 -23.12 -16.47 -0.22
C PHE D 325 -23.92 -15.85 -1.38
N VAL D 326 -24.11 -16.59 -2.46
CA VAL D 326 -24.87 -16.06 -3.58
C VAL D 326 -26.35 -15.92 -3.19
N GLU D 327 -26.82 -16.88 -2.40
CA GLU D 327 -28.18 -16.87 -1.89
C GLU D 327 -28.43 -15.60 -1.07
N LYS D 328 -27.52 -15.30 -0.15
CA LYS D 328 -27.67 -14.07 0.64
C LYS D 328 -27.55 -12.83 -0.23
N SER D 329 -26.62 -12.86 -1.18
CA SER D 329 -26.44 -11.71 -2.08
C SER D 329 -27.68 -11.45 -2.95
N ASN D 330 -28.31 -12.52 -3.44
CA ASN D 330 -29.50 -12.37 -4.27
C ASN D 330 -30.75 -12.04 -3.46
N THR D 331 -30.63 -12.11 -2.14
CA THR D 331 -31.71 -11.72 -1.25
C THR D 331 -31.51 -10.30 -0.74
N LYS D 332 -30.40 -10.05 -0.05
CA LYS D 332 -30.11 -8.72 0.52
C LYS D 332 -29.49 -7.71 -0.44
N GLY D 333 -28.96 -8.18 -1.56
CA GLY D 333 -28.43 -7.30 -2.59
C GLY D 333 -27.01 -6.86 -2.27
N PRO D 334 -26.46 -5.94 -3.08
CA PRO D 334 -25.14 -5.35 -2.82
C PRO D 334 -25.17 -4.56 -1.52
N GLN D 335 -24.10 -4.62 -0.72
CA GLN D 335 -24.08 -3.90 0.55
C GLN D 335 -23.32 -2.58 0.48
N TYR D 336 -22.88 -2.18 -0.71
CA TYR D 336 -22.11 -0.96 -0.87
C TYR D 336 -22.19 -0.44 -2.29
N ILE D 337 -21.89 0.84 -2.45
CA ILE D 337 -21.74 1.46 -3.76
C ILE D 337 -20.26 1.77 -3.97
N ARG D 338 -19.61 1.04 -4.87
CA ARG D 338 -18.19 1.24 -5.15
C ARG D 338 -17.98 2.27 -6.26
N ILE D 339 -17.26 3.36 -5.99
CA ILE D 339 -17.01 4.38 -7.00
C ILE D 339 -15.73 4.06 -7.77
N LEU D 340 -15.85 3.73 -9.07
CA LEU D 340 -14.67 3.54 -9.92
C LEU D 340 -14.13 4.84 -10.51
N GLY D 341 -14.99 5.81 -10.72
CA GLY D 341 -14.52 7.08 -11.25
C GLY D 341 -15.62 8.11 -11.39
N PHE D 342 -15.21 9.37 -11.49
CA PHE D 342 -16.16 10.44 -11.77
C PHE D 342 -15.46 11.68 -12.32
N THR D 343 -16.23 12.51 -13.01
CA THR D 343 -15.68 13.76 -13.53
C THR D 343 -15.89 14.90 -12.55
N GLU D 344 -15.33 16.05 -12.87
CA GLU D 344 -15.56 17.25 -12.08
C GLU D 344 -17.05 17.58 -12.00
N LYS D 345 -17.77 17.38 -13.10
CA LYS D 345 -19.21 17.56 -13.08
C LYS D 345 -19.83 16.49 -12.18
N GLY D 346 -19.34 15.26 -12.33
CA GLY D 346 -19.79 14.14 -11.52
C GLY D 346 -19.73 14.36 -10.02
N ARG D 347 -18.78 15.19 -9.56
CA ARG D 347 -18.69 15.55 -8.13
C ARG D 347 -20.02 16.03 -7.60
N GLU D 348 -20.75 16.77 -8.43
CA GLU D 348 -22.01 17.38 -8.01
C GLU D 348 -23.04 16.32 -7.63
N ILE D 349 -23.20 15.31 -8.47
CA ILE D 349 -24.22 14.30 -8.22
C ILE D 349 -23.72 13.31 -7.14
N LEU D 350 -22.41 13.07 -7.10
CA LEU D 350 -21.82 12.23 -6.06
C LEU D 350 -22.03 12.84 -4.68
N SER D 351 -21.92 14.16 -4.62
CA SER D 351 -22.15 14.85 -3.36
C SER D 351 -23.59 14.63 -2.90
N LEU D 352 -24.52 14.68 -3.85
CA LEU D 352 -25.93 14.44 -3.54
C LEU D 352 -26.17 12.98 -3.13
N MET D 353 -25.42 12.07 -3.74
CA MET D 353 -25.52 10.66 -3.38
C MET D 353 -25.11 10.43 -1.93
N ARG D 354 -24.11 11.16 -1.46
CA ARG D 354 -23.68 11.00 -0.07
C ARG D 354 -24.82 11.35 0.89
N LYS D 355 -25.68 12.25 0.46
CA LYS D 355 -26.85 12.62 1.24
C LYS D 355 -27.97 11.60 1.11
N LYS D 356 -28.24 11.18 -0.12
CA LYS D 356 -29.43 10.37 -0.42
C LYS D 356 -29.23 8.85 -0.53
N ALA D 357 -28.00 8.35 -0.57
CA ALA D 357 -27.76 6.94 -0.87
C ALA D 357 -28.28 6.02 0.23
N LYS D 358 -28.75 4.84 -0.15
CA LYS D 358 -29.24 3.83 0.79
C LYS D 358 -28.21 2.75 1.10
N LEU D 359 -27.03 2.85 0.48
CA LEU D 359 -25.90 2.00 0.81
C LEU D 359 -24.66 2.87 1.07
N PRO D 360 -23.69 2.36 1.85
CA PRO D 360 -22.45 3.10 2.08
C PRO D 360 -21.69 3.29 0.79
N ILE D 361 -21.12 4.48 0.60
CA ILE D 361 -20.34 4.76 -0.59
C ILE D 361 -18.87 4.56 -0.30
N VAL D 362 -18.19 3.84 -1.19
CA VAL D 362 -16.77 3.56 -1.06
C VAL D 362 -16.01 4.24 -2.20
N THR D 363 -15.22 5.24 -1.87
CA THR D 363 -14.32 5.88 -2.82
C THR D 363 -12.90 5.37 -2.53
N ASN D 364 -12.46 5.61 -1.31
CA ASN D 364 -11.11 5.24 -0.89
C ASN D 364 -11.13 3.83 -0.32
N MET D 365 -10.56 2.88 -1.06
CA MET D 365 -10.68 1.47 -0.67
C MET D 365 -9.88 1.18 0.57
N SER D 366 -8.80 1.92 0.78
CA SER D 366 -7.97 1.72 1.96
C SER D 366 -8.76 2.01 3.22
N LEU D 367 -9.84 2.78 3.08
CA LEU D 367 -10.69 3.07 4.22
C LEU D 367 -12.00 2.26 4.32
N TYR D 368 -12.24 1.29 3.45
CA TYR D 368 -13.58 0.71 3.39
C TYR D 368 -14.02 0.07 4.72
N ARG D 369 -13.09 -0.46 5.49
CA ARG D 369 -13.47 -1.03 6.80
C ARG D 369 -13.96 0.06 7.74
N LYS D 370 -13.32 1.23 7.67
CA LYS D 370 -13.77 2.36 8.47
C LYS D 370 -15.14 2.84 8.00
N VAL D 371 -15.35 2.83 6.68
CA VAL D 371 -16.66 3.19 6.14
C VAL D 371 -17.73 2.28 6.75
N LEU D 372 -17.46 0.98 6.72
CA LEU D 372 -18.40 0.00 7.25
C LEU D 372 -18.66 0.19 8.74
N GLU D 373 -17.58 0.38 9.49
CA GLU D 373 -17.70 0.58 10.94
C GLU D 373 -18.48 1.85 11.27
N LYS D 374 -18.31 2.89 10.48
CA LYS D 374 -18.94 4.18 10.84
C LYS D 374 -20.32 4.42 10.23
N THR D 375 -20.73 3.60 9.26
CA THR D 375 -22.00 3.89 8.57
C THR D 375 -23.21 3.73 9.49
N ASP D 376 -24.16 4.65 9.38
CA ASP D 376 -25.40 4.53 10.13
C ASP D 376 -26.45 3.76 9.34
N LEU D 377 -26.06 3.24 8.18
CA LEU D 377 -26.98 2.43 7.37
C LEU D 377 -26.99 0.97 7.84
N PRO D 378 -28.18 0.34 7.84
CA PRO D 378 -28.36 -1.01 8.41
C PRO D 378 -27.95 -2.14 7.46
N VAL D 379 -26.74 -2.06 6.94
CA VAL D 379 -26.23 -3.10 6.05
C VAL D 379 -25.84 -4.35 6.82
N ASP D 380 -25.67 -5.43 6.08
CA ASP D 380 -25.20 -6.69 6.66
C ASP D 380 -23.68 -6.66 6.60
N LYS D 381 -23.04 -6.62 7.77
CA LYS D 381 -21.60 -6.41 7.85
C LYS D 381 -20.80 -7.59 7.31
N GLN D 382 -21.16 -8.80 7.72
CA GLN D 382 -20.52 -9.99 7.17
C GLN D 382 -20.62 -10.08 5.65
N LEU D 383 -21.82 -9.83 5.12
CA LEU D 383 -22.06 -9.91 3.68
C LEU D 383 -21.27 -8.83 2.92
N PHE D 384 -21.24 -7.63 3.47
CA PHE D 384 -20.41 -6.52 2.95
C PHE D 384 -18.97 -6.97 2.74
N LEU D 385 -18.38 -7.50 3.80
CA LEU D 385 -16.98 -7.88 3.74
C LEU D 385 -16.74 -9.02 2.75
N GLU D 386 -17.66 -9.98 2.68
CA GLU D 386 -17.50 -11.09 1.73
C GLU D 386 -17.65 -10.61 0.29
N GLN D 387 -18.59 -9.69 0.05
CA GLN D 387 -18.79 -9.17 -1.31
C GLN D 387 -17.54 -8.40 -1.78
N ILE D 388 -17.06 -7.49 -0.94
CA ILE D 388 -15.98 -6.61 -1.37
C ILE D 388 -14.67 -7.41 -1.41
N ASP D 389 -14.53 -8.41 -0.53
CA ASP D 389 -13.36 -9.31 -0.61
C ASP D 389 -13.34 -10.02 -1.97
N LEU D 390 -14.51 -10.42 -2.47
CA LEU D 390 -14.58 -11.08 -3.77
C LEU D 390 -14.19 -10.10 -4.88
N ASP D 391 -14.69 -8.87 -4.79
CA ASP D 391 -14.31 -7.83 -5.76
C ASP D 391 -12.80 -7.66 -5.84
N VAL D 392 -12.15 -7.60 -4.68
CA VAL D 392 -10.70 -7.43 -4.60
C VAL D 392 -9.95 -8.68 -5.10
N LYS D 393 -10.40 -9.85 -4.67
CA LYS D 393 -9.82 -11.11 -5.15
C LYS D 393 -9.86 -11.20 -6.66
N ALA D 394 -10.96 -10.78 -7.25
CA ALA D 394 -11.10 -10.88 -8.70
C ALA D 394 -10.09 -9.98 -9.41
N THR D 395 -9.92 -8.76 -8.91
CA THR D 395 -8.95 -7.83 -9.46
C THR D 395 -7.54 -8.41 -9.35
N ASN D 396 -7.21 -8.96 -8.19
CA ASN D 396 -5.88 -9.51 -7.96
C ASN D 396 -5.59 -10.71 -8.86
N PHE D 397 -6.62 -11.55 -9.07
CA PHE D 397 -6.48 -12.72 -9.92
C PHE D 397 -6.31 -12.28 -11.37
N TYR D 398 -7.20 -11.37 -11.81
CA TYR D 398 -7.15 -10.83 -13.17
C TYR D 398 -5.77 -10.27 -13.51
N SER D 399 -5.18 -9.52 -12.59
CA SER D 399 -3.94 -8.79 -12.89
C SER D 399 -2.73 -9.70 -13.17
N MET D 400 -2.77 -10.93 -12.65
CA MET D 400 -1.71 -11.89 -12.96
C MET D 400 -1.68 -12.26 -14.45
N PHE D 401 -2.77 -11.97 -15.16
CA PHE D 401 -2.84 -12.28 -16.59
C PHE D 401 -2.59 -11.08 -17.50
N PHE D 402 -2.26 -9.92 -16.93
CA PHE D 402 -1.64 -8.84 -17.72
C PHE D 402 -0.47 -9.42 -18.51
N PRO D 403 -0.39 -9.14 -19.83
CA PRO D 403 0.70 -9.74 -20.61
C PRO D 403 2.09 -9.45 -20.05
N SER D 404 2.32 -8.27 -19.48
CA SER D 404 3.65 -7.93 -18.99
C SER D 404 3.75 -8.16 -17.49
N VAL D 405 4.77 -8.93 -17.11
CA VAL D 405 5.00 -9.26 -15.69
C VAL D 405 5.21 -8.02 -14.83
N GLU D 406 5.69 -6.92 -15.44
CA GLU D 406 5.96 -5.67 -14.70
C GLU D 406 4.68 -5.02 -14.19
N GLN D 407 3.53 -5.43 -14.72
CA GLN D 407 2.22 -4.89 -14.37
C GLN D 407 1.45 -5.73 -13.34
N ARG D 408 2.04 -6.81 -12.86
CA ARG D 408 1.30 -7.81 -12.09
C ARG D 408 1.33 -7.66 -10.55
N CME D 409 2.06 -6.68 -10.04
CA CME D 409 2.21 -6.52 -8.59
CB CME D 409 3.53 -5.85 -8.16
SG CME D 409 4.95 -6.77 -8.58
SD CME D 409 5.40 -6.27 -10.55
CE CME D 409 6.28 -4.73 -10.35
CZ CME D 409 7.62 -4.96 -9.68
OH CME D 409 8.19 -3.70 -9.43
C CME D 409 1.17 -5.63 -7.96
O CME D 409 0.57 -4.73 -8.55
N GLY D 410 0.98 -5.86 -6.65
CA GLY D 410 0.15 -4.99 -5.81
C GLY D 410 -1.33 -5.30 -5.94
N GLU D 411 -2.14 -4.66 -5.09
CA GLU D 411 -3.58 -4.84 -5.18
C GLU D 411 -4.15 -3.57 -5.79
N ARG D 412 -4.56 -3.67 -7.05
CA ARG D 412 -4.95 -2.46 -7.78
C ARG D 412 -6.18 -1.76 -7.21
N ASP D 413 -7.06 -2.48 -6.52
CA ASP D 413 -8.17 -1.80 -5.87
C ASP D 413 -7.71 -0.82 -4.81
N PHE D 414 -6.59 -1.12 -4.15
CA PHE D 414 -6.02 -0.18 -3.19
C PHE D 414 -5.04 0.83 -3.78
N SER D 415 -4.34 0.43 -4.83
CA SER D 415 -3.32 1.31 -5.40
C SER D 415 -3.91 2.36 -6.36
N ILE D 416 -5.03 2.02 -7.01
CA ILE D 416 -5.63 2.92 -8.00
C ILE D 416 -6.88 3.58 -7.44
N HIS D 417 -6.82 4.89 -7.21
CA HIS D 417 -7.97 5.61 -6.71
C HIS D 417 -8.98 5.84 -7.83
N PRO D 418 -10.23 6.23 -7.48
CA PRO D 418 -11.20 6.51 -8.54
C PRO D 418 -10.64 7.42 -9.61
N ILE D 419 -10.86 7.03 -10.87
CA ILE D 419 -10.43 7.85 -11.99
C ILE D 419 -11.07 9.22 -11.87
N PHE D 420 -10.30 10.28 -12.02
CA PHE D 420 -10.89 11.61 -12.01
C PHE D 420 -10.50 12.43 -13.25
N LEU D 421 -11.49 12.99 -13.93
CA LEU D 421 -11.22 13.88 -15.06
C LEU D 421 -11.84 15.23 -14.80
N ARG D 422 -11.03 16.27 -14.98
CA ARG D 422 -11.47 17.65 -14.85
C ARG D 422 -12.31 18.04 -16.05
N THR D 423 -13.16 19.04 -15.86
CA THR D 423 -13.92 19.62 -16.96
C THR D 423 -13.01 20.32 -17.97
N1 TAT E . 20.42 21.86 -26.81
C2 TAT E . 21.22 20.81 -26.51
N3 TAT E . 21.15 20.15 -25.35
C4 TAT E . 20.26 20.51 -24.39
C5 TAT E . 19.34 21.62 -24.65
C6 TAT E . 19.47 22.30 -25.96
N6 TAT E . 18.67 23.35 -26.29
N7 TAT E . 18.57 21.75 -23.57
C8 TAT E . 18.93 20.79 -22.67
N9 TAT E . 19.95 20.06 -23.17
PA TAT E . 18.05 18.97 -18.17
PB TAT E . 18.48 21.85 -18.55
PG TAT E . 17.01 24.13 -19.54
C1' TAT E . 20.64 18.93 -22.49
O1A TAT E . 16.06 24.20 -20.73
O1B TAT E . 18.60 22.59 -17.25
S1G TAT E . 19.44 18.71 -16.83
C2' TAT E . 21.24 19.42 -21.17
O2' TAT E . 22.46 20.13 -21.37
O2A TAT E . 16.75 18.18 -18.01
O2B TAT E . 19.71 21.62 -19.38
O2G TAT E . 16.35 24.49 -18.24
C3' TAT E . 21.39 18.11 -20.41
O3' TAT E . 22.62 17.46 -20.77
O3A TAT E . 17.60 20.51 -18.30
O3B TAT E . 17.34 22.56 -19.46
O3G TAT E . 18.36 24.79 -19.74
C4' TAT E . 20.21 17.29 -20.91
O4' TAT E . 19.73 17.91 -22.12
C5' TAT E . 19.07 17.24 -19.89
O5' TAT E . 18.68 18.59 -19.59
C1 EDO F . 30.98 16.82 -3.38
O1 EDO F . 30.75 15.57 -2.74
C2 EDO F . 29.82 17.77 -3.08
O2 EDO F . 30.15 19.06 -3.60
C1 EDO G . 27.55 2.27 -0.68
O1 EDO G . 28.14 1.01 -0.32
C2 EDO G . 28.63 3.35 -0.74
O2 EDO G . 28.77 3.97 0.56
C1 EDO H . -1.34 25.09 2.36
O1 EDO H . -0.50 24.72 1.27
C2 EDO H . -0.78 26.35 3.01
O2 EDO H . -1.73 26.88 3.95
N1 TAT I . -25.69 30.69 29.33
C2 TAT I . -24.95 30.91 30.44
N3 TAT I . -23.61 31.05 30.41
C4 TAT I . -22.94 30.95 29.23
C5 TAT I . -23.67 30.71 27.98
C6 TAT I . -25.15 30.57 28.10
N6 TAT I . -25.91 30.34 26.99
N7 TAT I . -22.77 30.67 26.98
C8 TAT I . -21.55 30.87 27.54
N9 TAT I . -21.67 31.05 28.87
PA TAT I . -16.69 30.66 26.66
PB TAT I . -18.47 28.48 25.82
PG TAT I . -20.37 27.83 23.76
C1' TAT I . -20.60 31.27 29.83
O1A TAT I . -20.97 26.82 24.71
O1B TAT I . -19.17 28.37 27.14
S1G TAT I . -15.51 29.56 27.69
C2' TAT I . -19.71 30.05 29.89
O2' TAT I . -20.25 29.04 30.75
O2A TAT I . -16.11 31.84 25.91
O2B TAT I . -17.68 27.28 25.33
O2G TAT I . -21.38 28.71 23.05
C3' TAT I . -18.40 30.65 30.37
O3' TAT I . -18.33 30.63 31.81
O3A TAT I . -17.61 29.83 25.62
O3B TAT I . -19.58 28.87 24.71
O3G TAT I . -19.32 27.26 22.83
C4' TAT I . -18.43 32.07 29.85
O4' TAT I . -19.78 32.35 29.43
C5' TAT I . -17.53 32.24 28.63
O5' TAT I . -17.84 31.20 27.68
C1 EDO J . 6.47 24.95 21.68
O1 EDO J . 6.74 26.19 21.02
C2 EDO J . 7.77 24.37 22.18
O2 EDO J . 7.45 23.25 23.03
C1 EDO K . 7.05 30.11 39.11
O1 EDO K . 6.06 29.10 38.87
C2 EDO K . 6.34 31.44 39.36
O2 EDO K . 5.22 31.21 40.22
C1 EDO L . 1.69 26.41 41.18
O1 EDO L . 2.86 26.15 40.40
C2 EDO L . 1.11 27.74 40.72
O2 EDO L . 2.00 28.81 41.04
N1 TAT M . 28.98 -39.22 -5.55
C2 TAT M . 28.54 -40.25 -4.79
N3 TAT M . 27.24 -40.48 -4.55
C4 TAT M . 26.28 -39.66 -5.09
C5 TAT M . 26.69 -38.54 -5.94
C6 TAT M . 28.14 -38.34 -6.15
N6 TAT M . 28.61 -37.32 -6.92
N7 TAT M . 25.56 -37.92 -6.33
C8 TAT M . 24.51 -38.58 -5.78
N9 TAT M . 24.97 -39.63 -5.06
PA TAT M . 19.68 -38.40 -5.13
PB TAT M . 21.36 -36.00 -4.66
PG TAT M . 22.62 -33.92 -6.23
C1' TAT M . 24.13 -40.57 -4.29
O1A TAT M . 23.37 -34.06 -7.52
O1B TAT M . 20.53 -35.02 -3.92
S1G TAT M . 18.75 -38.43 -3.44
C2' TAT M . 23.42 -39.79 -3.20
O2' TAT M . 24.26 -39.56 -2.06
O2A TAT M . 18.82 -38.78 -6.31
O2B TAT M . 22.42 -36.79 -3.93
O2G TAT M . 21.47 -32.95 -6.27
C3' TAT M . 22.24 -40.70 -2.90
O3' TAT M . 22.65 -41.69 -1.95
O3A TAT M . 20.34 -36.96 -5.47
O3B TAT M . 21.95 -35.37 -6.05
O3G TAT M . 23.55 -33.76 -5.05
C4' TAT M . 21.96 -41.38 -4.25
O4' TAT M . 23.11 -41.16 -5.08
C5' TAT M . 20.75 -40.79 -4.94
O5' TAT M . 20.97 -39.38 -5.07
C1 EDO N . -4.13 -34.16 1.67
O1 EDO N . -4.53 -33.41 2.82
C2 EDO N . -4.68 -33.51 0.40
O2 EDO N . -4.30 -34.29 -0.74
C1 EDO O . 8.67 -38.43 12.13
O1 EDO O . 8.14 -39.69 11.73
C2 EDO O . 9.29 -37.77 10.91
O2 EDO O . 10.09 -36.68 11.38
N1 TAT P . -27.35 -0.52 -30.56
C2 TAT P . -28.06 -0.08 -29.51
N3 TAT P . -27.71 -0.31 -28.23
C4 TAT P . -26.60 -1.01 -27.93
C5 TAT P . -25.78 -1.53 -29.03
C6 TAT P . -26.22 -1.25 -30.41
N6 TAT P . -25.53 -1.70 -31.48
N7 TAT P . -24.74 -2.20 -28.46
C8 TAT P . -24.90 -2.10 -27.12
N9 TAT P . -26.00 -1.40 -26.81
PA TAT P . -23.26 -3.68 -22.71
PB TAT P . -23.78 -5.52 -24.95
PG TAT P . -22.70 -6.53 -27.36
C1' TAT P . -26.52 -1.08 -25.45
O1A TAT P . -21.98 -7.65 -26.62
O1B TAT P . -25.13 -4.90 -25.19
S1G TAT P . -24.33 -4.55 -21.35
C2' TAT P . -26.88 -2.31 -24.67
O2' TAT P . -28.18 -2.83 -25.01
O2A TAT P . -21.94 -3.05 -22.30
O2B TAT P . -23.65 -6.93 -24.47
O2G TAT P . -24.11 -6.85 -27.77
C3' TAT P . -26.81 -1.81 -23.24
O3' TAT P . -28.08 -1.20 -22.89
O3A TAT P . -22.87 -4.63 -23.96
O3B TAT P . -22.88 -5.34 -26.27
O3G TAT P . -21.90 -5.85 -28.43
C4' TAT P . -25.72 -0.74 -23.29
O4' TAT P . -25.53 -0.40 -24.66
C5' TAT P . -24.38 -1.27 -22.75
O5' TAT P . -24.12 -2.51 -23.41
C1 EDO Q . -16.17 -15.56 -2.37
O1 EDO Q . -14.84 -15.10 -2.16
C2 EDO Q . -16.60 -16.39 -1.17
O2 EDO Q . -17.96 -16.82 -1.35
OH2 1PE R . -25.28 -9.26 -18.99
C12 1PE R . -24.77 -8.46 -20.01
C22 1PE R . -24.45 -9.34 -21.21
OH3 1PE R . -24.50 -8.53 -22.38
C13 1PE R . -26.36 -9.65 -23.49
C23 1PE R . -25.82 -8.33 -22.90
OH4 1PE R . -26.94 -9.35 -24.78
C14 1PE R . -26.67 -8.69 -27.10
C24 1PE R . -25.97 -8.89 -25.77
OH5 1PE R . -26.22 -9.66 -28.05
C15 1PE R . -27.16 -8.73 -30.06
C25 1PE R . -27.16 -9.89 -29.13
OH6 1PE R . -28.42 -8.68 -30.80
C16 1PE R . -27.71 -6.80 -32.14
C26 1PE R . -28.80 -7.39 -31.21
OH7 1PE R . -27.86 -5.38 -32.22
#